data_5BWH
#
_entry.id   5BWH
#
_cell.length_a   110.414
_cell.length_b   151.027
_cell.length_c   96.468
_cell.angle_alpha   90.000
_cell.angle_beta   90.000
_cell.angle_gamma   90.000
#
_symmetry.space_group_name_H-M   'P 21 21 2'
#
loop_
_entity.id
_entity.type
_entity.pdbx_description
1 polymer 'Homoprotocatechuate 2,3-dioxygenase'
2 non-polymer 'FE (II) ION'
3 non-polymer 'HEXAETHYLENE GLYCOL'
4 non-polymer 'CHLORIDE ION'
5 non-polymer 'CALCIUM ION'
6 non-polymer '2-(3,4-DIHYDROXYPHENYL)ACETIC ACID'
7 water water
#
_entity_poly.entity_id   1
_entity_poly.type   'polypeptide(L)'
_entity_poly.pdbx_seq_one_letter_code
;MSNEIPKPVAPAPDILRCAYAELVVTDLAKSRNFYVDVLGLHVSYEDENQIYLRSFEEFIHHNLVLTKGPVAALKAMAFR
VRTPEDVDKAEAYYQELGCRTERRKDGFVKGIGDALRVEDPLGFPYEFFFETTHVERLHMRYDLYSAGELVRLDHFNQVT
PDVPRGRKYLEDLGFRVTEDIQDDEGTTYAAWMHRKGTVCDTALTGGNGPRLHHVAFSTHEKHNIIQICDKMGALRISDR
IERGPGRHGVSNAFYLYILDPDNHRIEIYTQDYYTGDPDNPTITWNVHDNQRRDWWGNPVVPSWYTEASKVLDLDGNVQE
IIERTDDSELEVTIGADGFSFTRAGDEDGSYHGQASKGFKLGNQL
;
_entity_poly.pdbx_strand_id   A,B,C,D
#
loop_
_chem_comp.id
_chem_comp.type
_chem_comp.name
_chem_comp.formula
CA non-polymer 'CALCIUM ION' 'Ca 2'
CL non-polymer 'CHLORIDE ION' 'Cl -1'
DHY non-polymer '2-(3,4-DIHYDROXYPHENYL)ACETIC ACID' 'C8 H8 O4'
FE2 non-polymer 'FE (II) ION' 'Fe 2'
P6G non-polymer 'HEXAETHYLENE GLYCOL' 'C12 H26 O7'
#
# COMPACT_ATOMS: atom_id res chain seq x y z
N GLU A 4 -16.60 12.75 -43.10
CA GLU A 4 -15.78 13.63 -42.21
C GLU A 4 -16.65 14.70 -41.56
N ILE A 5 -16.43 14.96 -40.27
CA ILE A 5 -17.21 15.95 -39.53
C ILE A 5 -16.49 17.30 -39.64
N PRO A 6 -17.17 18.33 -40.18
CA PRO A 6 -16.44 19.58 -40.43
C PRO A 6 -16.08 20.33 -39.14
N LYS A 7 -15.04 21.14 -39.20
CA LYS A 7 -14.70 22.06 -38.12
C LYS A 7 -15.51 23.35 -38.20
N PRO A 8 -16.34 23.62 -37.18
CA PRO A 8 -17.10 24.87 -37.15
C PRO A 8 -16.24 26.13 -37.24
N VAL A 9 -16.79 27.19 -37.84
CA VAL A 9 -16.23 28.53 -37.69
C VAL A 9 -16.35 28.98 -36.22
N ALA A 10 -17.46 28.63 -35.60
CA ALA A 10 -17.76 28.99 -34.23
C ALA A 10 -16.73 28.41 -33.25
N PRO A 11 -16.31 29.20 -32.26
CA PRO A 11 -15.30 28.69 -31.33
C PRO A 11 -15.81 27.53 -30.47
N ALA A 12 -14.96 26.54 -30.23
CA ALA A 12 -15.33 25.46 -29.32
C ALA A 12 -15.49 26.00 -27.89
N PRO A 13 -16.43 25.44 -27.14
CA PRO A 13 -16.48 25.67 -25.68
C PRO A 13 -15.22 25.20 -25.00
N ASP A 14 -14.81 25.92 -23.96
CA ASP A 14 -13.69 25.50 -23.09
C ASP A 14 -14.18 24.46 -22.09
N ILE A 15 -13.88 23.18 -22.39
CA ILE A 15 -14.33 22.06 -21.56
C ILE A 15 -13.27 21.78 -20.47
N LEU A 16 -13.70 21.71 -19.20
CA LEU A 16 -12.79 21.45 -18.08
C LEU A 16 -12.45 19.97 -17.92
N ARG A 17 -13.50 19.14 -17.96
CA ARG A 17 -13.39 17.75 -17.50
C ARG A 17 -14.70 17.04 -17.70
N CYS A 18 -14.64 15.71 -17.74
CA CYS A 18 -15.84 14.92 -17.49
C CYS A 18 -16.34 15.21 -16.07
N ALA A 19 -17.65 15.30 -15.90
CA ALA A 19 -18.22 15.73 -14.61
C ALA A 19 -19.22 14.74 -13.99
N TYR A 20 -20.15 14.23 -14.81
CA TYR A 20 -21.09 13.21 -14.36
C TYR A 20 -21.72 12.49 -15.51
N ALA A 21 -22.27 11.31 -15.21
CA ALA A 21 -23.13 10.59 -16.12
C ALA A 21 -24.51 10.39 -15.52
N GLU A 22 -25.52 10.45 -16.37
CA GLU A 22 -26.85 10.02 -15.99
C GLU A 22 -27.12 8.67 -16.62
N LEU A 23 -27.30 7.65 -15.80
CA LEU A 23 -27.64 6.31 -16.23
C LEU A 23 -29.08 5.98 -15.91
N VAL A 24 -29.79 5.47 -16.89
CA VAL A 24 -31.11 4.89 -16.65
C VAL A 24 -30.95 3.47 -16.17
N VAL A 25 -31.63 3.16 -15.06
CA VAL A 25 -31.58 1.86 -14.43
C VAL A 25 -33.02 1.36 -14.27
N THR A 26 -33.21 0.04 -14.23
CA THR A 26 -34.54 -0.53 -14.18
C THR A 26 -35.09 -0.77 -12.77
N ASP A 27 -34.22 -1.08 -11.82
CA ASP A 27 -34.64 -1.34 -10.42
C ASP A 27 -33.79 -0.45 -9.51
N LEU A 28 -34.39 0.62 -9.01
CA LEU A 28 -33.62 1.69 -8.39
C LEU A 28 -32.99 1.14 -7.11
N ALA A 29 -33.72 0.26 -6.41
CA ALA A 29 -33.22 -0.31 -5.16
C ALA A 29 -32.01 -1.23 -5.34
N LYS A 30 -32.04 -2.07 -6.37
CA LYS A 30 -30.94 -2.98 -6.64
C LYS A 30 -29.73 -2.19 -7.09
N SER A 31 -29.96 -1.13 -7.85
CA SER A 31 -28.85 -0.29 -8.29
C SER A 31 -28.26 0.48 -7.11
N ARG A 32 -29.11 0.97 -6.22
CA ARG A 32 -28.63 1.62 -4.99
C ARG A 32 -27.73 0.69 -4.19
N ASN A 33 -28.17 -0.56 -4.04
CA ASN A 33 -27.39 -1.55 -3.31
C ASN A 33 -25.99 -1.69 -3.90
N PHE A 34 -25.91 -1.71 -5.23
CA PHE A 34 -24.60 -1.84 -5.91
C PHE A 34 -23.73 -0.61 -5.68
N TYR A 35 -24.23 0.55 -6.06
CA TYR A 35 -23.43 1.77 -6.05
C TYR A 35 -23.16 2.31 -4.64
N VAL A 36 -24.12 2.15 -3.72
CA VAL A 36 -23.97 2.67 -2.36
C VAL A 36 -23.43 1.58 -1.42
N ASP A 37 -24.12 0.44 -1.31
CA ASP A 37 -23.72 -0.57 -0.30
C ASP A 37 -22.48 -1.33 -0.72
N VAL A 38 -22.37 -1.71 -2.00
CA VAL A 38 -21.17 -2.42 -2.46
C VAL A 38 -20.04 -1.44 -2.69
N LEU A 39 -20.26 -0.44 -3.52
CA LEU A 39 -19.16 0.44 -3.95
C LEU A 39 -18.91 1.66 -3.08
N GLY A 40 -19.86 2.01 -2.20
CA GLY A 40 -19.62 3.07 -1.24
C GLY A 40 -19.73 4.50 -1.74
N LEU A 41 -20.36 4.74 -2.89
CA LEU A 41 -20.52 6.13 -3.36
C LEU A 41 -21.45 6.90 -2.39
N HIS A 42 -21.35 8.23 -2.37
CA HIS A 42 -22.01 9.07 -1.35
C HIS A 42 -23.26 9.71 -1.94
N VAL A 43 -24.36 9.62 -1.20
CA VAL A 43 -25.65 10.11 -1.67
C VAL A 43 -25.76 11.62 -1.46
N SER A 44 -25.89 12.37 -2.56
CA SER A 44 -26.13 13.83 -2.50
C SER A 44 -27.59 14.17 -2.35
N TYR A 45 -28.44 13.29 -2.90
CA TYR A 45 -29.88 13.51 -2.95
C TYR A 45 -30.49 12.20 -3.40
N GLU A 46 -31.61 11.81 -2.84
CA GLU A 46 -32.39 10.73 -3.43
C GLU A 46 -33.89 10.90 -3.22
N ASP A 47 -34.66 10.33 -4.14
CA ASP A 47 -36.10 10.19 -3.96
C ASP A 47 -36.49 8.85 -4.57
N GLU A 48 -37.76 8.69 -4.95
CA GLU A 48 -38.27 7.39 -5.41
C GLU A 48 -37.92 7.17 -6.90
N ASN A 49 -37.45 8.23 -7.58
CA ASN A 49 -37.17 8.16 -9.02
C ASN A 49 -35.67 8.19 -9.37
N GLN A 50 -34.89 8.85 -8.52
CA GLN A 50 -33.48 9.12 -8.81
C GLN A 50 -32.61 9.03 -7.58
N ILE A 51 -31.36 8.64 -7.80
CA ILE A 51 -30.31 8.71 -6.78
C ILE A 51 -29.15 9.50 -7.35
N TYR A 52 -28.71 10.53 -6.64
CA TYR A 52 -27.62 11.38 -7.02
C TYR A 52 -26.42 11.02 -6.16
N LEU A 53 -25.32 10.62 -6.79
CA LEU A 53 -24.16 10.05 -6.09
C LEU A 53 -22.92 10.85 -6.43
N ARG A 54 -22.00 10.94 -5.47
CA ARG A 54 -20.71 11.55 -5.71
C ARG A 54 -19.59 10.77 -5.08
N SER A 55 -18.42 11.01 -5.63
CA SER A 55 -17.20 10.42 -5.17
C SER A 55 -16.66 11.18 -3.91
N PHE A 56 -15.67 10.59 -3.25
CA PHE A 56 -15.18 11.08 -1.95
C PHE A 56 -14.62 12.50 -2.03
N GLU A 57 -14.03 12.88 -3.16
CA GLU A 57 -13.32 14.17 -3.24
C GLU A 57 -14.08 15.23 -4.04
N GLU A 58 -15.29 14.91 -4.47
CA GLU A 58 -16.06 15.83 -5.30
C GLU A 58 -16.72 16.94 -4.49
N PHE A 59 -16.77 18.14 -5.07
CA PHE A 59 -17.50 19.28 -4.47
C PHE A 59 -18.71 19.68 -5.32
N ILE A 60 -18.76 19.33 -6.61
CA ILE A 60 -19.97 19.58 -7.40
C ILE A 60 -21.04 18.58 -6.97
N HIS A 61 -22.27 18.82 -7.40
CA HIS A 61 -23.38 18.14 -6.76
C HIS A 61 -23.30 16.64 -6.85
N HIS A 62 -22.87 16.13 -8.00
CA HIS A 62 -22.85 14.69 -8.20
C HIS A 62 -21.91 14.33 -9.33
N ASN A 63 -21.51 13.06 -9.34
CA ASN A 63 -20.80 12.44 -10.45
C ASN A 63 -21.59 11.37 -11.16
N LEU A 64 -22.70 10.94 -10.57
CA LEU A 64 -23.53 9.88 -11.12
C LEU A 64 -24.99 10.10 -10.71
N VAL A 65 -25.88 10.09 -11.70
CA VAL A 65 -27.31 10.14 -11.47
C VAL A 65 -27.91 8.85 -11.99
N LEU A 66 -28.53 8.12 -11.08
CA LEU A 66 -29.28 6.93 -11.43
C LEU A 66 -30.75 7.34 -11.58
N THR A 67 -31.30 7.14 -12.78
CA THR A 67 -32.67 7.51 -13.07
C THR A 67 -33.46 6.26 -13.40
N LYS A 68 -34.52 6.00 -12.64
CA LYS A 68 -35.36 4.83 -12.90
C LYS A 68 -36.06 5.03 -14.25
N GLY A 69 -36.10 3.97 -15.05
CA GLY A 69 -36.76 4.04 -16.34
C GLY A 69 -36.91 2.65 -16.89
N PRO A 70 -37.58 2.53 -18.04
CA PRO A 70 -37.97 1.20 -18.56
C PRO A 70 -36.83 0.47 -19.29
N VAL A 71 -35.88 1.22 -19.84
CA VAL A 71 -34.80 0.64 -20.63
C VAL A 71 -33.46 1.17 -20.13
N ALA A 72 -32.64 0.30 -19.58
CA ALA A 72 -31.33 0.71 -19.06
C ALA A 72 -30.45 1.21 -20.19
N ALA A 73 -29.80 2.35 -19.97
CA ALA A 73 -29.09 3.07 -21.02
C ALA A 73 -28.38 4.28 -20.43
N LEU A 74 -27.40 4.79 -21.14
CA LEU A 74 -26.86 6.13 -20.89
C LEU A 74 -27.83 7.19 -21.36
N LYS A 75 -28.23 8.11 -20.47
CA LYS A 75 -29.04 9.25 -20.87
C LYS A 75 -28.25 10.52 -21.17
N ALA A 76 -27.15 10.75 -20.44
CA ALA A 76 -26.29 11.88 -20.72
C ALA A 76 -24.93 11.64 -20.13
N MET A 77 -23.91 12.02 -20.88
CA MET A 77 -22.56 12.14 -20.39
C MET A 77 -22.21 13.62 -20.39
N ALA A 78 -21.93 14.14 -19.19
CA ALA A 78 -21.82 15.56 -18.96
C ALA A 78 -20.40 16.00 -18.70
N PHE A 79 -20.03 17.09 -19.35
CA PHE A 79 -18.75 17.76 -19.20
C PHE A 79 -19.03 19.14 -18.66
N ARG A 80 -18.24 19.55 -17.68
CA ARG A 80 -18.27 20.91 -17.17
C ARG A 80 -17.40 21.83 -18.03
N VAL A 81 -17.93 23.02 -18.33
CA VAL A 81 -17.19 24.04 -19.07
C VAL A 81 -16.74 25.18 -18.12
N ARG A 82 -15.82 26.01 -18.60
CA ARG A 82 -15.07 26.91 -17.74
C ARG A 82 -15.93 28.07 -17.24
N THR A 83 -16.84 28.58 -18.09
CA THR A 83 -17.63 29.77 -17.78
C THR A 83 -19.08 29.57 -18.23
N PRO A 84 -20.03 30.34 -17.65
CA PRO A 84 -21.38 30.33 -18.19
C PRO A 84 -21.45 30.58 -19.70
N GLU A 85 -20.59 31.46 -20.19
CA GLU A 85 -20.59 31.86 -21.62
C GLU A 85 -20.16 30.68 -22.53
N ASP A 86 -19.42 29.72 -21.97
CA ASP A 86 -19.06 28.52 -22.69
C ASP A 86 -20.24 27.61 -23.00
N VAL A 87 -21.32 27.71 -22.24
CA VAL A 87 -22.54 26.97 -22.59
C VAL A 87 -23.16 27.59 -23.84
N ASP A 88 -23.11 28.93 -23.95
CA ASP A 88 -23.50 29.64 -25.22
C ASP A 88 -22.62 29.19 -26.38
N LYS A 89 -21.33 29.09 -26.12
CA LYS A 89 -20.41 28.66 -27.16
C LYS A 89 -20.74 27.25 -27.59
N ALA A 90 -21.01 26.36 -26.63
CA ALA A 90 -21.37 24.98 -26.96
C ALA A 90 -22.62 24.90 -27.84
N GLU A 91 -23.63 25.69 -27.51
CA GLU A 91 -24.87 25.69 -28.27
C GLU A 91 -24.65 26.12 -29.73
N ALA A 92 -23.88 27.20 -29.93
CA ALA A 92 -23.57 27.71 -31.26
C ALA A 92 -22.74 26.69 -32.05
N TYR A 93 -21.79 26.04 -31.36
CA TYR A 93 -20.90 25.07 -32.01
C TYR A 93 -21.68 23.89 -32.58
N TYR A 94 -22.54 23.31 -31.76
CA TYR A 94 -23.32 22.15 -32.15
C TYR A 94 -24.44 22.50 -33.11
N GLN A 95 -25.00 23.70 -33.00
CA GLN A 95 -25.94 24.17 -34.01
C GLN A 95 -25.26 24.28 -35.37
N GLU A 96 -24.03 24.79 -35.41
CA GLU A 96 -23.28 24.86 -36.67
C GLU A 96 -23.01 23.48 -37.23
N LEU A 97 -22.75 22.51 -36.36
CA LEU A 97 -22.57 21.10 -36.78
C LEU A 97 -23.85 20.43 -37.27
N GLY A 98 -24.99 21.10 -37.12
CA GLY A 98 -26.27 20.57 -37.58
C GLY A 98 -26.84 19.55 -36.63
N CYS A 99 -26.40 19.59 -35.36
CA CYS A 99 -26.82 18.65 -34.35
C CYS A 99 -28.04 19.16 -33.62
N ARG A 100 -28.90 18.24 -33.23
CA ARG A 100 -29.99 18.55 -32.34
C ARG A 100 -29.51 18.95 -30.94
N THR A 101 -30.07 20.05 -30.42
CA THR A 101 -29.69 20.61 -29.14
C THR A 101 -30.93 20.95 -28.33
N GLU A 102 -30.76 20.99 -27.01
CA GLU A 102 -31.81 21.43 -26.10
C GLU A 102 -31.17 22.12 -24.91
N ARG A 103 -31.58 23.37 -24.69
CA ARG A 103 -31.04 24.17 -23.58
C ARG A 103 -32.08 24.38 -22.48
N ARG A 104 -31.71 24.09 -21.23
CA ARG A 104 -32.56 24.43 -20.08
C ARG A 104 -31.86 25.26 -19.04
N LYS A 105 -32.39 26.45 -18.78
CA LYS A 105 -31.72 27.42 -17.92
C LYS A 105 -31.62 26.94 -16.47
N ASP A 106 -32.49 26.01 -16.08
CA ASP A 106 -32.48 25.50 -14.72
C ASP A 106 -32.15 24.00 -14.65
N GLY A 107 -31.56 23.46 -15.71
CA GLY A 107 -30.96 22.15 -15.65
C GLY A 107 -31.93 21.04 -16.04
N PHE A 108 -31.36 19.88 -16.36
CA PHE A 108 -32.09 18.64 -16.61
C PHE A 108 -32.21 17.74 -15.39
N VAL A 109 -31.22 17.84 -14.50
CA VAL A 109 -31.17 17.04 -13.26
C VAL A 109 -30.88 17.99 -12.10
N LYS A 110 -31.23 17.56 -10.89
CA LYS A 110 -31.02 18.38 -9.69
C LYS A 110 -29.54 18.69 -9.49
N GLY A 111 -29.24 19.91 -9.06
CA GLY A 111 -27.88 20.32 -8.74
C GLY A 111 -27.07 20.80 -9.92
N ILE A 112 -27.69 20.87 -11.10
CA ILE A 112 -27.08 21.48 -12.27
C ILE A 112 -28.01 22.58 -12.75
N GLY A 113 -27.44 23.76 -13.04
CA GLY A 113 -28.17 24.88 -13.58
C GLY A 113 -28.17 24.88 -15.09
N ASP A 114 -27.94 26.03 -15.69
CA ASP A 114 -28.10 26.22 -17.13
C ASP A 114 -27.28 25.16 -17.84
N ALA A 115 -27.94 24.32 -18.67
CA ALA A 115 -27.31 23.15 -19.26
C ALA A 115 -27.77 22.94 -20.70
N LEU A 116 -26.83 22.53 -21.57
CA LEU A 116 -27.11 22.23 -22.96
C LEU A 116 -26.94 20.73 -23.16
N ARG A 117 -27.98 20.03 -23.61
CA ARG A 117 -27.82 18.64 -24.08
C ARG A 117 -27.89 18.56 -25.60
N VAL A 118 -27.08 17.69 -26.18
CA VAL A 118 -26.96 17.57 -27.63
C VAL A 118 -26.95 16.09 -28.00
N GLU A 119 -27.52 15.77 -29.17
CA GLU A 119 -27.21 14.52 -29.87
C GLU A 119 -26.00 14.79 -30.75
N ASP A 120 -24.84 14.29 -30.35
CA ASP A 120 -23.62 14.70 -31.06
C ASP A 120 -23.47 13.93 -32.38
N PRO A 121 -22.45 14.30 -33.17
CA PRO A 121 -22.32 13.70 -34.51
C PRO A 121 -22.13 12.18 -34.52
N LEU A 122 -21.75 11.61 -33.39
CA LEU A 122 -21.59 10.16 -33.23
C LEU A 122 -22.79 9.50 -32.58
N GLY A 123 -23.84 10.29 -32.35
CA GLY A 123 -25.08 9.77 -31.76
C GLY A 123 -25.10 9.72 -30.24
N PHE A 124 -24.15 10.38 -29.58
CA PHE A 124 -24.09 10.35 -28.11
C PHE A 124 -24.76 11.55 -27.48
N PRO A 125 -25.45 11.33 -26.34
CA PRO A 125 -26.03 12.45 -25.60
C PRO A 125 -24.98 13.12 -24.70
N TYR A 126 -24.41 14.22 -25.17
CA TYR A 126 -23.51 15.06 -24.40
C TYR A 126 -24.28 16.17 -23.67
N GLU A 127 -23.89 16.46 -22.41
CA GLU A 127 -24.33 17.69 -21.72
C GLU A 127 -23.13 18.59 -21.46
N PHE A 128 -23.36 19.88 -21.61
CA PHE A 128 -22.41 20.92 -21.22
C PHE A 128 -23.08 21.85 -20.23
N PHE A 129 -22.40 22.10 -19.14
CA PHE A 129 -22.90 23.00 -18.09
C PHE A 129 -21.73 23.67 -17.38
N PHE A 130 -22.02 24.82 -16.75
CA PHE A 130 -21.13 25.44 -15.78
C PHE A 130 -21.73 25.41 -14.37
N GLU A 131 -22.95 25.93 -14.24
CA GLU A 131 -23.59 26.13 -12.94
C GLU A 131 -23.91 24.80 -12.28
N THR A 132 -23.48 24.64 -11.03
CA THR A 132 -23.77 23.45 -10.27
C THR A 132 -23.76 23.82 -8.80
N THR A 133 -24.62 23.15 -8.06
CA THR A 133 -24.73 23.32 -6.61
C THR A 133 -23.56 22.66 -5.88
N HIS A 134 -22.79 23.43 -5.13
CA HIS A 134 -21.68 22.90 -4.39
C HIS A 134 -22.22 22.16 -3.17
N VAL A 135 -21.54 21.08 -2.81
CA VAL A 135 -21.87 20.27 -1.64
C VAL A 135 -20.63 20.10 -0.76
N GLU A 136 -20.81 19.44 0.39
CA GLU A 136 -19.69 19.21 1.29
C GLU A 136 -18.65 18.31 0.60
N ARG A 137 -17.46 18.85 0.37
N ARG A 137 -17.45 18.84 0.36
CA ARG A 137 -16.36 18.06 -0.15
CA ARG A 137 -16.37 18.04 -0.20
C ARG A 137 -15.91 17.07 0.92
C ARG A 137 -15.86 17.07 0.88
N LEU A 138 -16.03 15.77 0.64
CA LEU A 138 -15.76 14.75 1.68
C LEU A 138 -14.32 14.23 1.73
N HIS A 139 -13.39 14.96 1.13
CA HIS A 139 -12.04 14.46 0.90
C HIS A 139 -11.25 14.17 2.17
N MET A 140 -11.60 14.77 3.30
CA MET A 140 -10.96 14.45 4.58
C MET A 140 -11.89 13.76 5.58
N ARG A 141 -13.01 13.24 5.09
CA ARG A 141 -13.97 12.51 5.93
C ARG A 141 -13.57 11.05 6.10
N TYR A 142 -12.44 10.86 6.77
CA TYR A 142 -11.87 9.53 6.92
C TYR A 142 -12.68 8.66 7.87
N ASP A 143 -13.61 9.29 8.61
CA ASP A 143 -14.63 8.57 9.35
C ASP A 143 -15.65 7.85 8.46
N LEU A 144 -15.73 8.27 7.19
CA LEU A 144 -16.56 7.63 6.18
C LEU A 144 -15.79 6.74 5.21
N TYR A 145 -14.47 6.89 5.15
CA TYR A 145 -13.64 6.28 4.11
C TYR A 145 -13.73 4.75 4.15
N SER A 146 -14.09 4.16 3.00
N SER A 146 -14.12 4.13 3.05
CA SER A 146 -14.16 2.72 2.77
CA SER A 146 -14.17 2.67 2.97
C SER A 146 -12.79 2.17 2.37
C SER A 146 -12.86 2.15 2.37
N ALA A 147 -12.55 0.92 2.70
CA ALA A 147 -11.38 0.23 2.18
C ALA A 147 -11.34 0.15 0.64
N GLY A 148 -12.48 0.34 -0.03
CA GLY A 148 -12.55 0.42 -1.50
C GLY A 148 -12.90 1.79 -2.06
N GLU A 149 -12.64 2.85 -1.30
CA GLU A 149 -13.22 4.17 -1.60
C GLU A 149 -12.97 4.67 -3.03
N LEU A 150 -14.05 5.08 -3.70
CA LEU A 150 -13.98 5.76 -4.98
C LEU A 150 -13.86 7.25 -4.80
N VAL A 151 -12.76 7.81 -5.27
CA VAL A 151 -12.34 9.17 -4.89
C VAL A 151 -12.68 10.29 -5.93
N ARG A 152 -12.71 9.91 -7.20
N ARG A 152 -12.63 9.94 -7.22
CA ARG A 152 -13.04 10.83 -8.28
CA ARG A 152 -12.97 10.88 -8.30
C ARG A 152 -13.78 10.09 -9.39
C ARG A 152 -13.73 10.12 -9.40
N LEU A 153 -14.55 10.83 -10.16
CA LEU A 153 -14.87 10.45 -11.53
C LEU A 153 -13.68 10.71 -12.43
N ASP A 154 -13.26 9.70 -13.20
CA ASP A 154 -12.12 9.91 -14.09
C ASP A 154 -12.44 10.06 -15.58
N HIS A 155 -13.28 9.17 -16.13
CA HIS A 155 -13.54 9.25 -17.57
C HIS A 155 -14.72 8.44 -18.02
N PHE A 156 -15.08 8.65 -19.29
CA PHE A 156 -16.02 7.83 -20.01
C PHE A 156 -15.31 7.11 -21.14
N ASN A 157 -15.90 6.03 -21.61
CA ASN A 157 -15.41 5.33 -22.82
C ASN A 157 -16.59 4.95 -23.70
N GLN A 158 -16.52 5.38 -24.96
CA GLN A 158 -17.63 5.28 -25.93
C GLN A 158 -17.32 4.26 -27.01
N VAL A 159 -18.29 3.41 -27.37
CA VAL A 159 -18.14 2.54 -28.52
C VAL A 159 -18.70 3.22 -29.77
N THR A 160 -17.87 3.30 -30.82
CA THR A 160 -18.25 3.99 -32.04
C THR A 160 -17.61 3.24 -33.21
N PRO A 161 -18.28 3.16 -34.37
CA PRO A 161 -17.78 2.25 -35.42
C PRO A 161 -16.54 2.75 -36.18
N ASP A 162 -16.38 4.07 -36.29
CA ASP A 162 -15.31 4.72 -37.08
C ASP A 162 -14.48 5.59 -36.13
N VAL A 163 -13.34 5.09 -35.69
CA VAL A 163 -12.61 5.80 -34.68
C VAL A 163 -11.96 7.07 -35.22
N PRO A 164 -11.34 7.02 -36.41
CA PRO A 164 -10.75 8.26 -36.92
C PRO A 164 -11.75 9.43 -37.08
N ARG A 165 -12.96 9.11 -37.52
CA ARG A 165 -13.99 10.11 -37.74
C ARG A 165 -14.35 10.79 -36.43
N GLY A 166 -14.50 9.98 -35.38
CA GLY A 166 -14.75 10.49 -34.03
C GLY A 166 -13.58 11.26 -33.43
N ARG A 167 -12.37 10.76 -33.65
CA ARG A 167 -11.17 11.43 -33.16
C ARG A 167 -11.04 12.87 -33.67
N LYS A 168 -11.22 13.06 -34.96
CA LYS A 168 -11.08 14.39 -35.57
C LYS A 168 -12.08 15.37 -34.94
N TYR A 169 -13.31 14.89 -34.79
CA TYR A 169 -14.38 15.69 -34.16
C TYR A 169 -14.00 16.10 -32.72
N LEU A 170 -13.49 15.15 -31.94
CA LEU A 170 -13.14 15.45 -30.55
C LEU A 170 -11.92 16.38 -30.45
N GLU A 171 -10.99 16.22 -31.39
CA GLU A 171 -9.86 17.14 -31.49
C GLU A 171 -10.29 18.59 -31.78
N ASP A 172 -11.22 18.77 -32.71
CA ASP A 172 -11.75 20.12 -33.00
C ASP A 172 -12.41 20.73 -31.76
N LEU A 173 -13.00 19.86 -30.96
CA LEU A 173 -13.63 20.24 -29.70
C LEU A 173 -12.63 20.50 -28.56
N GLY A 174 -11.35 20.24 -28.80
CA GLY A 174 -10.28 20.63 -27.90
C GLY A 174 -9.67 19.46 -27.14
N PHE A 175 -10.20 18.25 -27.33
CA PHE A 175 -9.60 17.07 -26.72
C PHE A 175 -8.30 16.73 -27.45
N ARG A 176 -7.29 16.28 -26.69
CA ARG A 176 -5.99 15.91 -27.23
C ARG A 176 -5.79 14.41 -27.04
N VAL A 177 -5.44 13.71 -28.12
CA VAL A 177 -5.19 12.27 -28.07
C VAL A 177 -3.89 12.00 -27.33
N THR A 178 -3.95 11.06 -26.40
CA THR A 178 -2.83 10.70 -25.55
C THR A 178 -2.24 9.34 -25.98
N GLU A 179 -3.11 8.38 -26.21
CA GLU A 179 -2.73 7.04 -26.61
C GLU A 179 -3.75 6.50 -27.59
N ASP A 180 -3.32 5.56 -28.43
CA ASP A 180 -4.21 4.91 -29.36
C ASP A 180 -3.68 3.52 -29.72
N ILE A 181 -4.55 2.74 -30.37
CA ILE A 181 -4.23 1.40 -30.81
C ILE A 181 -4.51 1.33 -32.30
N GLN A 182 -3.48 0.92 -33.07
CA GLN A 182 -3.61 0.79 -34.54
C GLN A 182 -2.96 -0.50 -34.98
N ASP A 183 -3.10 -0.83 -36.25
CA ASP A 183 -2.30 -1.91 -36.81
C ASP A 183 -1.49 -1.42 -38.00
N ASP A 184 -0.86 -2.38 -38.68
CA ASP A 184 0.05 -2.01 -39.77
C ASP A 184 -0.63 -1.83 -41.13
N GLU A 185 -1.96 -1.88 -41.13
CA GLU A 185 -2.77 -1.86 -42.34
C GLU A 185 -3.72 -0.67 -42.37
N GLY A 186 -3.47 0.32 -41.50
CA GLY A 186 -4.22 1.57 -41.57
C GLY A 186 -5.45 1.61 -40.68
N THR A 187 -5.69 0.59 -39.88
CA THR A 187 -6.89 0.56 -39.03
C THR A 187 -6.59 1.11 -37.65
N THR A 188 -7.50 1.95 -37.14
CA THR A 188 -7.47 2.38 -35.75
C THR A 188 -8.56 1.65 -34.96
N TYR A 189 -8.18 1.11 -33.80
CA TYR A 189 -9.08 0.29 -32.99
C TYR A 189 -9.60 1.02 -31.75
N ALA A 190 -8.85 2.02 -31.28
CA ALA A 190 -9.18 2.75 -30.07
C ALA A 190 -8.34 3.99 -29.95
N ALA A 191 -8.85 5.02 -29.24
CA ALA A 191 -8.09 6.24 -28.94
C ALA A 191 -8.59 6.80 -27.65
N TRP A 192 -7.68 7.43 -26.92
CA TRP A 192 -7.97 8.08 -25.65
C TRP A 192 -7.64 9.53 -25.77
N MET A 193 -8.48 10.40 -25.21
CA MET A 193 -8.24 11.83 -25.34
C MET A 193 -8.75 12.61 -24.14
N HIS A 194 -8.14 13.76 -23.88
CA HIS A 194 -8.29 14.45 -22.60
C HIS A 194 -8.47 15.97 -22.72
N ARG A 195 -9.10 16.53 -21.68
CA ARG A 195 -9.02 17.96 -21.37
C ARG A 195 -8.29 18.26 -20.07
N LYS A 196 -8.52 17.46 -19.02
CA LYS A 196 -8.05 17.84 -17.67
C LYS A 196 -6.61 17.47 -17.32
N GLY A 197 -5.91 16.81 -18.22
CA GLY A 197 -4.46 16.55 -17.98
C GLY A 197 -4.20 15.18 -17.34
N THR A 198 -5.17 14.29 -17.49
CA THR A 198 -4.98 12.87 -17.28
C THR A 198 -5.06 12.16 -18.63
N VAL A 199 -4.93 10.84 -18.64
CA VAL A 199 -4.87 10.12 -19.91
C VAL A 199 -6.16 10.28 -20.71
N CYS A 200 -7.32 10.32 -20.03
CA CYS A 200 -8.51 10.69 -20.74
C CYS A 200 -9.61 11.32 -19.93
N ASP A 201 -10.45 12.04 -20.65
CA ASP A 201 -11.80 12.40 -20.20
C ASP A 201 -12.87 11.60 -20.93
N THR A 202 -12.65 11.38 -22.22
CA THR A 202 -13.41 10.37 -22.94
C THR A 202 -12.48 9.59 -23.89
N ALA A 203 -12.97 8.47 -24.33
CA ALA A 203 -12.19 7.55 -25.14
C ALA A 203 -13.13 6.93 -26.14
N LEU A 204 -12.55 6.53 -27.27
CA LEU A 204 -13.30 5.84 -28.30
C LEU A 204 -12.79 4.41 -28.44
N THR A 205 -13.72 3.47 -28.39
CA THR A 205 -13.47 2.05 -28.66
C THR A 205 -14.19 1.68 -29.94
N GLY A 206 -13.45 1.11 -30.90
CA GLY A 206 -14.04 0.68 -32.17
C GLY A 206 -15.02 -0.45 -31.96
N GLY A 207 -16.26 -0.24 -32.41
CA GLY A 207 -17.26 -1.28 -32.37
C GLY A 207 -18.59 -0.73 -32.85
N ASN A 208 -19.61 -1.58 -32.82
CA ASN A 208 -20.95 -1.12 -33.17
C ASN A 208 -21.44 -0.08 -32.17
N GLY A 209 -21.99 1.02 -32.66
CA GLY A 209 -22.41 2.09 -31.75
C GLY A 209 -23.38 3.06 -32.39
N PRO A 210 -23.79 4.10 -31.65
CA PRO A 210 -23.28 4.51 -30.33
C PRO A 210 -23.68 3.57 -29.19
N ARG A 211 -22.69 3.15 -28.39
CA ARG A 211 -22.95 2.53 -27.10
C ARG A 211 -21.92 3.04 -26.10
N LEU A 212 -22.28 3.01 -24.82
CA LEU A 212 -21.38 3.41 -23.76
C LEU A 212 -20.61 2.19 -23.28
N HIS A 213 -19.29 2.23 -23.42
CA HIS A 213 -18.50 1.13 -22.94
C HIS A 213 -18.41 1.07 -21.40
N HIS A 214 -17.98 2.17 -20.79
CA HIS A 214 -17.92 2.26 -19.35
C HIS A 214 -17.79 3.70 -18.83
N VAL A 215 -18.04 3.83 -17.52
CA VAL A 215 -17.70 4.99 -16.75
C VAL A 215 -16.63 4.56 -15.76
N ALA A 216 -15.60 5.39 -15.59
CA ALA A 216 -14.48 5.03 -14.72
C ALA A 216 -14.40 5.95 -13.52
N PHE A 217 -14.19 5.33 -12.34
CA PHE A 217 -13.90 6.07 -11.12
C PHE A 217 -12.51 5.70 -10.62
N SER A 218 -11.86 6.67 -9.97
N SER A 218 -11.84 6.65 -9.97
CA SER A 218 -10.52 6.52 -9.40
CA SER A 218 -10.50 6.39 -9.47
C SER A 218 -10.58 6.04 -7.95
C SER A 218 -10.50 6.14 -7.97
N THR A 219 -9.50 5.37 -7.54
CA THR A 219 -9.18 5.20 -6.12
C THR A 219 -7.84 5.87 -5.83
N HIS A 220 -7.48 5.99 -4.55
CA HIS A 220 -6.15 6.51 -4.22
C HIS A 220 -5.05 5.51 -4.59
N GLU A 221 -5.24 4.26 -4.21
CA GLU A 221 -4.17 3.27 -4.26
C GLU A 221 -4.64 1.95 -4.84
N LYS A 222 -3.67 1.11 -5.19
CA LYS A 222 -3.98 -0.16 -5.83
C LYS A 222 -4.72 -1.11 -4.87
N HIS A 223 -4.37 -1.07 -3.57
CA HIS A 223 -5.02 -1.94 -2.63
C HIS A 223 -6.51 -1.65 -2.50
N ASN A 224 -6.94 -0.42 -2.82
CA ASN A 224 -8.36 -0.10 -2.78
C ASN A 224 -9.15 -0.88 -3.86
N ILE A 225 -8.51 -1.05 -5.01
CA ILE A 225 -9.09 -1.86 -6.09
C ILE A 225 -9.11 -3.36 -5.74
N ILE A 226 -8.04 -3.86 -5.16
N ILE A 226 -8.03 -3.85 -5.17
CA ILE A 226 -8.02 -5.22 -4.64
CA ILE A 226 -7.99 -5.20 -4.64
C ILE A 226 -9.15 -5.46 -3.62
C ILE A 226 -9.14 -5.45 -3.63
N GLN A 227 -9.39 -4.49 -2.74
CA GLN A 227 -10.46 -4.62 -1.76
C GLN A 227 -11.85 -4.76 -2.42
N ILE A 228 -12.11 -4.06 -3.53
CA ILE A 228 -13.40 -4.18 -4.21
C ILE A 228 -13.59 -5.62 -4.67
N CYS A 229 -12.53 -6.20 -5.23
CA CYS A 229 -12.58 -7.60 -5.61
C CYS A 229 -12.81 -8.53 -4.43
N ASP A 230 -12.09 -8.29 -3.34
CA ASP A 230 -12.20 -9.11 -2.14
C ASP A 230 -13.62 -9.03 -1.55
N LYS A 231 -14.18 -7.83 -1.53
CA LYS A 231 -15.56 -7.63 -1.05
C LYS A 231 -16.58 -8.35 -1.92
N MET A 232 -16.38 -8.28 -3.23
CA MET A 232 -17.30 -8.95 -4.15
C MET A 232 -17.22 -10.47 -3.97
N GLY A 233 -16.04 -11.01 -3.69
CA GLY A 233 -15.94 -12.40 -3.29
C GLY A 233 -16.70 -12.75 -2.02
N ALA A 234 -16.57 -11.90 -1.00
CA ALA A 234 -17.23 -12.15 0.26
C ALA A 234 -18.75 -12.06 0.12
N LEU A 235 -19.22 -11.15 -0.73
CA LEU A 235 -20.64 -11.06 -1.04
C LEU A 235 -21.12 -12.11 -2.02
N ARG A 236 -20.21 -12.97 -2.48
CA ARG A 236 -20.51 -14.06 -3.40
C ARG A 236 -21.13 -13.53 -4.67
N ILE A 237 -20.59 -12.40 -5.14
CA ILE A 237 -20.97 -11.81 -6.43
C ILE A 237 -19.75 -11.63 -7.34
N SER A 238 -18.79 -12.55 -7.22
CA SER A 238 -17.57 -12.50 -8.03
C SER A 238 -17.85 -12.67 -9.52
N ASP A 239 -19.01 -13.24 -9.85
CA ASP A 239 -19.46 -13.31 -11.25
C ASP A 239 -19.75 -11.94 -11.89
N ARG A 240 -19.82 -10.88 -11.09
CA ARG A 240 -19.97 -9.53 -11.61
C ARG A 240 -18.63 -8.81 -11.78
N ILE A 241 -17.52 -9.49 -11.45
CA ILE A 241 -16.20 -9.04 -11.86
C ILE A 241 -15.98 -9.54 -13.28
N GLU A 242 -15.91 -8.63 -14.23
CA GLU A 242 -15.78 -8.98 -15.63
C GLU A 242 -14.33 -9.26 -16.01
N ARG A 243 -13.44 -8.35 -15.63
CA ARG A 243 -12.06 -8.36 -16.12
C ARG A 243 -11.16 -7.64 -15.13
N GLY A 244 -9.98 -8.20 -14.91
CA GLY A 244 -9.04 -7.62 -13.98
C GLY A 244 -9.07 -8.34 -12.64
N PRO A 245 -8.42 -7.73 -11.65
CA PRO A 245 -7.65 -6.52 -11.76
C PRO A 245 -6.36 -6.70 -12.56
N GLY A 246 -5.86 -5.59 -13.05
CA GLY A 246 -4.64 -5.60 -13.85
C GLY A 246 -3.93 -4.26 -13.88
N ARG A 247 -2.80 -4.26 -14.60
CA ARG A 247 -2.13 -3.06 -15.02
C ARG A 247 -2.45 -2.87 -16.49
N HIS A 248 -2.94 -1.69 -16.87
CA HIS A 248 -3.11 -1.35 -18.28
C HIS A 248 -1.76 -1.10 -18.93
N GLY A 249 -1.67 -1.44 -20.22
CA GLY A 249 -0.62 -0.91 -21.07
C GLY A 249 -0.94 0.54 -21.40
N VAL A 250 -1.92 0.73 -22.26
CA VAL A 250 -2.49 2.05 -22.50
C VAL A 250 -2.91 2.66 -21.17
N SER A 251 -2.36 3.83 -20.86
CA SER A 251 -2.65 4.62 -19.63
C SER A 251 -1.76 4.31 -18.46
N ASN A 252 -1.21 3.10 -18.42
CA ASN A 252 -0.36 2.64 -17.31
C ASN A 252 -1.11 2.58 -15.96
N ALA A 253 -2.44 2.65 -15.99
CA ALA A 253 -3.22 2.64 -14.73
C ALA A 253 -3.50 1.22 -14.26
N PHE A 254 -3.62 1.07 -12.94
CA PHE A 254 -4.11 -0.16 -12.35
C PHE A 254 -5.66 -0.11 -12.45
N TYR A 255 -6.28 -1.23 -12.75
CA TYR A 255 -7.69 -1.23 -13.20
C TYR A 255 -8.48 -2.47 -12.80
N LEU A 256 -9.80 -2.30 -12.90
CA LEU A 256 -10.75 -3.37 -12.69
C LEU A 256 -12.04 -3.02 -13.43
N TYR A 257 -12.71 -4.01 -14.03
CA TYR A 257 -14.02 -3.80 -14.66
C TYR A 257 -15.06 -4.70 -14.00
N ILE A 258 -16.16 -4.06 -13.56
CA ILE A 258 -17.25 -4.75 -12.92
C ILE A 258 -18.56 -4.36 -13.61
N LEU A 259 -19.61 -5.13 -13.33
CA LEU A 259 -20.88 -4.93 -13.99
C LEU A 259 -21.97 -4.63 -12.99
N ASP A 260 -22.71 -3.54 -13.20
CA ASP A 260 -23.84 -3.20 -12.32
C ASP A 260 -25.06 -4.08 -12.63
N PRO A 261 -26.17 -3.89 -11.89
CA PRO A 261 -27.29 -4.80 -12.05
C PRO A 261 -27.94 -4.77 -13.44
N ASP A 262 -27.81 -3.67 -14.17
CA ASP A 262 -28.26 -3.59 -15.55
C ASP A 262 -27.14 -3.85 -16.58
N ASN A 263 -26.02 -4.40 -16.13
N ASN A 263 -26.01 -4.39 -16.12
CA ASN A 263 -24.82 -4.65 -16.96
CA ASN A 263 -24.81 -4.63 -16.94
C ASN A 263 -24.09 -3.40 -17.44
C ASN A 263 -24.16 -3.38 -17.51
N HIS A 264 -24.41 -2.24 -16.89
CA HIS A 264 -23.56 -1.06 -17.09
C HIS A 264 -22.18 -1.39 -16.51
N ARG A 265 -21.16 -1.14 -17.30
CA ARG A 265 -19.76 -1.48 -16.93
C ARG A 265 -19.14 -0.30 -16.26
N ILE A 266 -18.55 -0.57 -15.10
CA ILE A 266 -17.83 0.42 -14.31
C ILE A 266 -16.37 -0.02 -14.26
N GLU A 267 -15.48 0.91 -14.59
CA GLU A 267 -14.04 0.72 -14.39
C GLU A 267 -13.64 1.41 -13.09
N ILE A 268 -12.79 0.73 -12.34
CA ILE A 268 -12.10 1.33 -11.22
C ILE A 268 -10.63 1.44 -11.64
N TYR A 269 -9.99 2.57 -11.33
CA TYR A 269 -8.82 3.05 -12.05
C TYR A 269 -7.91 3.81 -11.08
N THR A 270 -6.59 3.67 -11.18
CA THR A 270 -5.71 4.54 -10.41
C THR A 270 -4.35 4.65 -11.09
N GLN A 271 -3.75 5.82 -10.94
CA GLN A 271 -2.31 6.07 -11.15
C GLN A 271 -1.89 6.05 -12.60
N ASP A 272 -2.68 6.72 -13.44
CA ASP A 272 -2.16 7.17 -14.73
C ASP A 272 -1.25 8.41 -14.57
N TYR A 273 -0.85 9.04 -15.67
CA TYR A 273 0.21 10.03 -15.66
C TYR A 273 -0.31 11.38 -16.19
N TYR A 274 0.53 12.40 -16.05
CA TYR A 274 0.20 13.78 -16.43
C TYR A 274 0.32 14.00 -17.94
N THR A 275 -0.73 14.58 -18.52
CA THR A 275 -0.79 14.77 -19.98
C THR A 275 -1.00 16.24 -20.36
N GLY A 276 -0.95 17.16 -19.39
CA GLY A 276 -1.43 18.51 -19.63
C GLY A 276 -0.55 19.40 -20.50
N ASP A 277 0.66 18.96 -20.80
CA ASP A 277 1.51 19.76 -21.70
C ASP A 277 1.00 19.57 -23.13
N PRO A 278 0.97 20.65 -23.92
CA PRO A 278 0.36 20.53 -25.25
C PRO A 278 1.11 19.66 -26.25
N ASP A 279 2.40 19.42 -26.00
CA ASP A 279 3.21 18.50 -26.81
C ASP A 279 3.43 17.16 -26.09
N ASN A 280 2.53 16.83 -25.19
CA ASN A 280 2.55 15.54 -24.52
C ASN A 280 2.77 14.44 -25.56
N PRO A 281 3.77 13.58 -25.34
CA PRO A 281 4.05 12.56 -26.35
C PRO A 281 2.91 11.55 -26.48
N THR A 282 2.45 11.35 -27.70
CA THR A 282 1.41 10.39 -27.98
C THR A 282 2.04 9.02 -28.04
N ILE A 283 1.31 8.01 -27.60
CA ILE A 283 1.78 6.64 -27.60
C ILE A 283 0.82 5.81 -28.45
N THR A 284 1.36 5.14 -29.48
CA THR A 284 0.58 4.27 -30.32
C THR A 284 1.02 2.82 -30.15
N TRP A 285 0.09 1.96 -29.77
CA TRP A 285 0.33 0.53 -29.63
C TRP A 285 -0.16 -0.21 -30.83
N ASN A 286 0.50 -1.34 -31.12
CA ASN A 286 0.00 -2.22 -32.14
C ASN A 286 -1.09 -3.11 -31.55
N VAL A 287 -2.17 -3.33 -32.30
CA VAL A 287 -3.31 -4.11 -31.83
C VAL A 287 -2.95 -5.55 -31.46
N HIS A 288 -1.87 -6.09 -32.04
CA HIS A 288 -1.45 -7.47 -31.71
C HIS A 288 -0.49 -7.58 -30.53
N ASP A 289 -0.14 -6.45 -29.91
CA ASP A 289 0.76 -6.45 -28.77
C ASP A 289 -0.03 -6.89 -27.54
N ASN A 290 0.26 -8.08 -27.04
CA ASN A 290 -0.47 -8.67 -25.91
C ASN A 290 -0.26 -7.98 -24.57
N GLN A 291 0.61 -6.96 -24.52
CA GLN A 291 0.73 -6.11 -23.34
C GLN A 291 0.01 -4.77 -23.44
N ARG A 292 -0.75 -4.52 -24.52
CA ARG A 292 -1.29 -3.19 -24.75
C ARG A 292 -2.50 -2.87 -23.85
N ARG A 293 -3.30 -3.89 -23.53
CA ARG A 293 -4.52 -3.70 -22.73
C ARG A 293 -4.28 -4.10 -21.29
N ASP A 294 -3.83 -5.33 -21.11
CA ASP A 294 -3.26 -5.81 -19.85
C ASP A 294 -1.77 -5.99 -20.02
N TRP A 295 -1.02 -5.19 -19.29
CA TRP A 295 0.43 -5.14 -19.35
C TRP A 295 1.06 -6.49 -18.98
N TRP A 296 0.35 -7.26 -18.15
CA TRP A 296 0.85 -8.54 -17.68
C TRP A 296 0.48 -9.69 -18.65
N GLY A 297 -0.17 -9.33 -19.74
CA GLY A 297 -0.53 -10.27 -20.78
C GLY A 297 -1.76 -11.11 -20.50
N ASN A 298 -2.50 -10.77 -19.45
CA ASN A 298 -3.70 -11.52 -19.17
C ASN A 298 -4.73 -11.33 -20.29
N PRO A 299 -5.48 -12.38 -20.61
CA PRO A 299 -6.35 -12.29 -21.78
C PRO A 299 -7.54 -11.39 -21.52
N VAL A 300 -7.96 -10.70 -22.57
CA VAL A 300 -9.16 -9.86 -22.53
C VAL A 300 -10.38 -10.73 -22.85
N VAL A 301 -11.29 -10.86 -21.89
CA VAL A 301 -12.52 -11.67 -22.12
C VAL A 301 -13.38 -11.10 -23.27
N PRO A 302 -13.95 -12.00 -24.09
CA PRO A 302 -14.69 -11.52 -25.25
C PRO A 302 -15.81 -10.55 -24.92
N SER A 303 -16.46 -10.68 -23.76
CA SER A 303 -17.53 -9.76 -23.39
C SER A 303 -17.09 -8.33 -23.31
N TRP A 304 -15.81 -8.10 -23.00
CA TRP A 304 -15.28 -6.75 -22.90
C TRP A 304 -15.35 -6.07 -24.28
N TYR A 305 -15.18 -6.89 -25.32
CA TYR A 305 -15.25 -6.39 -26.68
C TYR A 305 -16.66 -6.26 -27.23
N THR A 306 -17.55 -7.14 -26.82
CA THR A 306 -18.87 -7.26 -27.46
C THR A 306 -20.00 -6.52 -26.74
N GLU A 307 -19.90 -6.39 -25.42
CA GLU A 307 -21.02 -5.88 -24.61
C GLU A 307 -20.78 -4.43 -24.23
N ALA A 308 -21.84 -3.63 -24.34
CA ALA A 308 -21.78 -2.22 -23.95
C ALA A 308 -23.22 -1.69 -23.83
N SER A 309 -23.40 -0.55 -23.20
CA SER A 309 -24.74 -0.05 -22.88
C SER A 309 -25.34 0.73 -24.03
N LYS A 310 -26.66 0.62 -24.17
CA LYS A 310 -27.46 1.49 -25.03
C LYS A 310 -27.27 2.94 -24.64
N VAL A 311 -27.44 3.86 -25.59
CA VAL A 311 -27.52 5.28 -25.30
C VAL A 311 -28.84 5.85 -25.82
N LEU A 312 -29.34 6.90 -25.17
CA LEU A 312 -30.59 7.52 -25.57
C LEU A 312 -30.37 8.79 -26.36
N ASP A 313 -31.36 9.11 -27.20
CA ASP A 313 -31.47 10.44 -27.78
C ASP A 313 -32.19 11.43 -26.83
N LEU A 314 -32.40 12.67 -27.27
CA LEU A 314 -32.96 13.68 -26.38
C LEU A 314 -34.43 13.48 -26.03
N ASP A 315 -35.11 12.61 -26.77
CA ASP A 315 -36.47 12.22 -26.44
C ASP A 315 -36.51 11.03 -25.49
N GLY A 316 -35.34 10.48 -25.16
CA GLY A 316 -35.27 9.32 -24.29
C GLY A 316 -35.44 7.99 -24.97
N ASN A 317 -35.33 7.98 -26.31
CA ASN A 317 -35.41 6.72 -27.07
C ASN A 317 -34.03 6.19 -27.39
N VAL A 318 -33.94 4.86 -27.49
CA VAL A 318 -32.63 4.21 -27.74
C VAL A 318 -32.14 4.59 -29.13
N GLN A 319 -30.86 4.94 -29.21
CA GLN A 319 -30.21 5.23 -30.48
C GLN A 319 -29.99 3.95 -31.25
N GLU A 320 -30.32 3.98 -32.53
CA GLU A 320 -30.04 2.88 -33.44
C GLU A 320 -28.52 2.60 -33.53
N ILE A 321 -28.17 1.32 -33.57
CA ILE A 321 -26.78 0.90 -33.57
C ILE A 321 -26.32 0.71 -35.01
N ILE A 322 -25.18 1.31 -35.35
CA ILE A 322 -24.58 1.19 -36.66
C ILE A 322 -23.39 0.25 -36.56
N GLU A 323 -23.33 -0.70 -37.50
CA GLU A 323 -22.31 -1.75 -37.50
C GLU A 323 -20.94 -1.23 -37.92
N ARG A 324 -19.91 -1.62 -37.17
CA ARG A 324 -18.53 -1.38 -37.55
C ARG A 324 -18.19 -2.26 -38.74
N THR A 325 -17.60 -1.68 -39.76
CA THR A 325 -17.07 -2.46 -40.88
C THR A 325 -15.57 -2.62 -40.88
N ASP A 326 -14.85 -1.71 -40.23
CA ASP A 326 -13.40 -1.92 -39.94
C ASP A 326 -13.16 -3.23 -39.17
N ASP A 327 -11.93 -3.73 -39.21
CA ASP A 327 -11.56 -4.96 -38.52
C ASP A 327 -11.91 -4.86 -37.02
N SER A 328 -12.28 -6.01 -36.46
CA SER A 328 -12.62 -6.15 -35.04
C SER A 328 -11.40 -6.51 -34.22
N GLU A 329 -11.15 -5.74 -33.16
CA GLU A 329 -10.06 -6.04 -32.23
C GLU A 329 -10.16 -7.46 -31.67
N LEU A 330 -11.38 -7.89 -31.29
CA LEU A 330 -11.57 -9.25 -30.84
C LEU A 330 -11.09 -10.24 -31.89
N GLU A 331 -11.59 -10.08 -33.11
CA GLU A 331 -11.30 -11.07 -34.12
C GLU A 331 -9.81 -11.12 -34.44
N VAL A 332 -9.13 -9.98 -34.53
CA VAL A 332 -7.74 -10.00 -34.98
C VAL A 332 -6.75 -10.42 -33.88
N THR A 333 -7.20 -10.42 -32.61
CA THR A 333 -6.33 -10.78 -31.49
C THR A 333 -6.64 -12.14 -30.85
N ILE A 334 -7.92 -12.44 -30.63
CA ILE A 334 -8.30 -13.65 -29.90
C ILE A 334 -9.30 -14.56 -30.59
N GLY A 335 -9.80 -14.15 -31.76
CA GLY A 335 -10.66 -15.00 -32.56
C GLY A 335 -9.92 -16.13 -33.25
N ALA A 336 -10.64 -16.95 -34.01
CA ALA A 336 -10.07 -18.16 -34.55
C ALA A 336 -8.92 -17.89 -35.53
N ASP A 337 -8.91 -16.72 -36.17
CA ASP A 337 -7.80 -16.29 -37.04
C ASP A 337 -6.97 -15.14 -36.43
N GLY A 338 -7.06 -14.94 -35.11
CA GLY A 338 -6.35 -13.85 -34.45
C GLY A 338 -4.91 -14.20 -34.12
N PHE A 339 -4.20 -13.18 -33.66
CA PHE A 339 -2.79 -13.28 -33.32
C PHE A 339 -2.45 -12.22 -32.28
N SER A 340 -1.65 -12.59 -31.29
N SER A 340 -1.63 -12.61 -31.31
CA SER A 340 -0.93 -11.62 -30.51
CA SER A 340 -0.98 -11.67 -30.41
C SER A 340 0.45 -12.10 -30.14
C SER A 340 0.43 -12.11 -30.10
N PHE A 341 1.29 -11.13 -29.78
CA PHE A 341 2.68 -11.40 -29.43
C PHE A 341 3.02 -10.82 -28.06
N THR A 342 4.03 -11.39 -27.42
CA THR A 342 4.62 -10.81 -26.22
C THR A 342 5.78 -9.91 -26.57
N ARG A 343 6.68 -10.42 -27.43
CA ARG A 343 7.78 -9.66 -27.96
C ARG A 343 7.61 -9.61 -29.47
N ALA A 344 7.68 -8.41 -30.02
CA ALA A 344 7.50 -8.22 -31.46
C ALA A 344 8.56 -9.06 -32.19
N GLY A 345 8.11 -9.87 -33.16
CA GLY A 345 9.01 -10.69 -33.97
C GLY A 345 9.41 -12.02 -33.38
N ASP A 346 8.94 -12.31 -32.16
CA ASP A 346 9.31 -13.54 -31.45
C ASP A 346 8.12 -14.48 -31.47
N GLU A 347 8.32 -15.65 -32.06
CA GLU A 347 7.31 -16.69 -32.07
C GLU A 347 7.01 -17.20 -30.66
N ASP A 348 8.04 -17.27 -29.83
N ASP A 348 8.05 -17.31 -29.83
CA ASP A 348 7.89 -17.69 -28.47
CA ASP A 348 7.89 -17.70 -28.44
C ASP A 348 7.11 -16.64 -27.66
C ASP A 348 7.09 -16.65 -27.68
N GLY A 349 6.06 -17.08 -26.97
CA GLY A 349 5.14 -16.18 -26.30
C GLY A 349 4.14 -15.49 -27.21
N SER A 350 3.95 -16.04 -28.40
CA SER A 350 2.89 -15.56 -29.28
C SER A 350 1.74 -16.56 -29.26
N TYR A 351 0.58 -16.08 -29.69
CA TYR A 351 -0.66 -16.80 -29.61
C TYR A 351 -1.40 -16.74 -30.95
N HIS A 352 -1.80 -17.90 -31.45
CA HIS A 352 -2.41 -18.04 -32.75
C HIS A 352 -3.79 -18.63 -32.55
N GLY A 353 -4.83 -17.89 -32.95
CA GLY A 353 -6.19 -18.40 -32.91
C GLY A 353 -6.74 -18.63 -31.52
N GLN A 354 -6.19 -17.95 -30.53
CA GLN A 354 -6.63 -18.10 -29.17
C GLN A 354 -6.07 -17.00 -28.33
N ALA A 355 -6.59 -16.92 -27.12
CA ALA A 355 -6.14 -15.90 -26.17
C ALA A 355 -4.89 -16.37 -25.42
N SER A 356 -4.29 -15.44 -24.72
CA SER A 356 -3.08 -15.72 -23.95
C SER A 356 -3.39 -16.63 -22.77
N LYS A 357 -2.35 -17.23 -22.22
CA LYS A 357 -2.40 -17.94 -20.94
C LYS A 357 -3.44 -19.05 -20.96
N GLY A 358 -3.44 -19.83 -22.06
CA GLY A 358 -3.93 -21.20 -22.04
C GLY A 358 -5.38 -21.32 -22.45
N PHE A 359 -6.00 -20.20 -22.81
CA PHE A 359 -7.45 -20.10 -22.99
C PHE A 359 -7.84 -19.84 -24.43
N LYS A 360 -9.06 -20.27 -24.76
CA LYS A 360 -9.73 -20.08 -26.05
C LYS A 360 -11.10 -19.42 -25.83
N GLU B 4 0.84 47.65 -3.00
CA GLU B 4 0.26 46.57 -3.84
C GLU B 4 0.89 46.55 -5.23
N ILE B 5 0.91 45.36 -5.82
CA ILE B 5 1.52 45.16 -7.12
C ILE B 5 0.42 45.34 -8.16
N PRO B 6 0.60 46.31 -9.09
CA PRO B 6 -0.47 46.58 -10.07
C PRO B 6 -0.69 45.42 -11.02
N LYS B 7 -1.92 45.27 -11.48
CA LYS B 7 -2.22 44.37 -12.61
C LYS B 7 -1.81 45.04 -13.92
N PRO B 8 -0.85 44.44 -14.66
CA PRO B 8 -0.46 45.00 -15.95
C PRO B 8 -1.64 45.03 -16.94
N VAL B 9 -1.58 45.98 -17.86
CA VAL B 9 -2.42 45.95 -19.04
C VAL B 9 -2.07 44.78 -19.96
N ALA B 10 -0.77 44.51 -20.07
CA ALA B 10 -0.27 43.41 -20.87
C ALA B 10 -0.81 42.06 -20.35
N PRO B 11 -1.21 41.16 -21.27
CA PRO B 11 -1.80 39.88 -20.86
C PRO B 11 -0.77 38.98 -20.19
N ALA B 12 -1.18 38.26 -19.16
CA ALA B 12 -0.30 37.31 -18.48
C ALA B 12 0.04 36.15 -19.43
N PRO B 13 1.26 35.62 -19.32
CA PRO B 13 1.58 34.38 -20.04
C PRO B 13 0.70 33.25 -19.54
N ASP B 14 0.41 32.27 -20.41
CA ASP B 14 -0.37 31.09 -20.05
C ASP B 14 0.59 30.04 -19.51
N ILE B 15 0.62 29.92 -18.19
CA ILE B 15 1.54 29.02 -17.50
C ILE B 15 0.87 27.63 -17.37
N LEU B 16 1.60 26.59 -17.74
CA LEU B 16 1.10 25.21 -17.63
C LEU B 16 1.26 24.64 -16.21
N ARG B 17 2.47 24.80 -15.68
CA ARG B 17 2.91 24.05 -14.51
C ARG B 17 4.29 24.49 -14.11
N CYS B 18 4.61 24.25 -12.84
CA CYS B 18 6.02 24.17 -12.44
C CYS B 18 6.71 23.06 -13.24
N ALA B 19 7.95 23.31 -13.64
CA ALA B 19 8.67 22.40 -14.53
C ALA B 19 10.06 21.95 -14.03
N TYR B 20 10.87 22.88 -13.52
CA TYR B 20 12.14 22.49 -12.91
C TYR B 20 12.65 23.58 -12.00
N ALA B 21 13.56 23.22 -11.11
CA ALA B 21 14.35 24.19 -10.37
C ALA B 21 15.81 24.01 -10.66
N GLU B 22 16.53 25.13 -10.68
CA GLU B 22 17.98 25.11 -10.70
C GLU B 22 18.47 25.48 -9.31
N LEU B 23 19.12 24.54 -8.63
CA LEU B 23 19.71 24.75 -7.32
C LEU B 23 21.22 24.80 -7.46
N VAL B 24 21.82 25.83 -6.86
CA VAL B 24 23.27 25.87 -6.68
C VAL B 24 23.64 25.06 -5.45
N VAL B 25 24.63 24.19 -5.64
CA VAL B 25 25.14 23.33 -4.61
C VAL B 25 26.65 23.49 -4.50
N THR B 26 27.19 23.20 -3.32
CA THR B 26 28.61 23.45 -3.05
C THR B 26 29.53 22.29 -3.42
N ASP B 27 29.04 21.07 -3.24
CA ASP B 27 29.82 19.86 -3.53
C ASP B 27 28.95 18.96 -4.42
N LEU B 28 29.27 18.95 -5.69
CA LEU B 28 28.42 18.34 -6.69
C LEU B 28 28.30 16.82 -6.47
N ALA B 29 29.41 16.18 -6.10
CA ALA B 29 29.40 14.73 -5.89
C ALA B 29 28.53 14.34 -4.68
N LYS B 30 28.61 15.11 -3.59
CA LYS B 30 27.76 14.88 -2.43
C LYS B 30 26.30 15.09 -2.78
N SER B 31 26.02 16.13 -3.57
CA SER B 31 24.65 16.37 -3.98
C SER B 31 24.14 15.24 -4.90
N ARG B 32 25.00 14.77 -5.81
CA ARG B 32 24.62 13.63 -6.65
C ARG B 32 24.28 12.40 -5.81
N ASN B 33 25.07 12.14 -4.76
CA ASN B 33 24.80 10.99 -3.90
C ASN B 33 23.39 11.06 -3.31
N PHE B 34 22.99 12.26 -2.86
CA PHE B 34 21.68 12.44 -2.27
C PHE B 34 20.58 12.26 -3.32
N TYR B 35 20.64 13.00 -4.43
CA TYR B 35 19.53 13.00 -5.36
C TYR B 35 19.42 11.76 -6.24
N VAL B 36 20.56 11.14 -6.53
CA VAL B 36 20.58 9.95 -7.36
C VAL B 36 20.67 8.69 -6.50
N ASP B 37 21.68 8.58 -5.64
CA ASP B 37 21.85 7.31 -4.91
C ASP B 37 20.80 7.10 -3.83
N VAL B 38 20.48 8.15 -3.07
CA VAL B 38 19.47 8.09 -2.05
C VAL B 38 18.08 8.17 -2.65
N LEU B 39 17.79 9.23 -3.41
CA LEU B 39 16.41 9.49 -3.85
C LEU B 39 16.01 8.84 -5.19
N GLY B 40 16.99 8.40 -5.97
CA GLY B 40 16.69 7.67 -7.19
C GLY B 40 16.27 8.47 -8.41
N LEU B 41 16.49 9.79 -8.42
CA LEU B 41 16.16 10.56 -9.63
C LEU B 41 17.05 10.11 -10.79
N HIS B 42 16.55 10.33 -11.99
CA HIS B 42 17.16 9.81 -13.21
C HIS B 42 18.00 10.87 -13.89
N VAL B 43 19.21 10.49 -14.26
CA VAL B 43 20.15 11.44 -14.85
C VAL B 43 19.89 11.62 -16.34
N SER B 44 19.58 12.85 -16.73
CA SER B 44 19.41 13.22 -18.16
C SER B 44 20.74 13.62 -18.79
N TYR B 45 21.60 14.25 -18.00
CA TYR B 45 22.94 14.70 -18.42
C TYR B 45 23.72 15.10 -17.18
N GLU B 46 25.03 14.90 -17.20
CA GLU B 46 25.89 15.46 -16.17
C GLU B 46 27.29 15.71 -16.70
N ASP B 47 27.94 16.67 -16.06
CA ASP B 47 29.35 16.92 -16.28
C ASP B 47 29.97 17.36 -14.95
N GLU B 48 31.16 17.94 -14.98
CA GLU B 48 31.87 18.28 -13.76
C GLU B 48 31.24 19.48 -13.02
N ASN B 49 30.33 20.18 -13.71
CA ASN B 49 29.73 21.42 -13.22
C ASN B 49 28.25 21.32 -12.86
N GLN B 50 27.53 20.41 -13.54
CA GLN B 50 26.08 20.30 -13.39
C GLN B 50 25.60 18.87 -13.49
N ILE B 51 24.49 18.62 -12.81
CA ILE B 51 23.73 17.39 -12.95
C ILE B 51 22.29 17.74 -13.30
N TYR B 52 21.76 17.12 -14.34
CA TYR B 52 20.38 17.32 -14.83
C TYR B 52 19.61 16.06 -14.49
N LEU B 53 18.53 16.22 -13.72
CA LEU B 53 17.76 15.07 -13.17
C LEU B 53 16.30 15.18 -13.52
N ARG B 54 15.65 14.04 -13.73
CA ARG B 54 14.22 14.00 -13.95
C ARG B 54 13.55 12.87 -13.16
N SER B 55 12.27 13.09 -12.95
CA SER B 55 11.42 12.10 -12.31
C SER B 55 10.95 10.99 -13.25
N PHE B 56 10.36 9.94 -12.66
CA PHE B 56 10.05 8.70 -13.40
C PHE B 56 9.10 8.92 -14.57
N GLU B 57 8.14 9.84 -14.42
CA GLU B 57 7.12 10.04 -15.44
C GLU B 57 7.37 11.24 -16.37
N GLU B 58 8.53 11.88 -16.25
CA GLU B 58 8.75 13.14 -16.98
C GLU B 58 9.21 12.85 -18.41
N PHE B 59 8.77 13.69 -19.36
CA PHE B 59 9.30 13.62 -20.72
C PHE B 59 10.08 14.87 -21.14
N ILE B 60 9.92 15.99 -20.45
CA ILE B 60 10.84 17.13 -20.70
C ILE B 60 12.22 16.78 -20.14
N HIS B 61 13.22 17.60 -20.48
CA HIS B 61 14.60 17.19 -20.29
C HIS B 61 14.96 16.95 -18.82
N HIS B 62 14.41 17.77 -17.91
CA HIS B 62 14.75 17.67 -16.50
C HIS B 62 13.73 18.38 -15.62
N ASN B 63 13.72 17.97 -14.35
CA ASN B 63 12.97 18.63 -13.29
C ASN B 63 13.85 19.30 -12.26
N LEU B 64 15.15 19.04 -12.29
CA LEU B 64 16.07 19.57 -11.30
C LEU B 64 17.43 19.69 -11.98
N VAL B 65 18.02 20.88 -11.88
CA VAL B 65 19.40 21.09 -12.28
C VAL B 65 20.19 21.44 -11.05
N LEU B 66 21.26 20.69 -10.78
CA LEU B 66 22.19 20.97 -9.72
C LEU B 66 23.39 21.61 -10.36
N THR B 67 23.69 22.83 -9.96
CA THR B 67 24.80 23.60 -10.53
C THR B 67 25.81 23.90 -9.44
N LYS B 68 27.06 23.50 -9.66
CA LYS B 68 28.11 23.78 -8.68
C LYS B 68 28.36 25.29 -8.60
N GLY B 69 28.47 25.81 -7.39
CA GLY B 69 28.86 27.19 -7.17
C GLY B 69 29.22 27.45 -5.72
N PRO B 70 29.67 28.69 -5.42
CA PRO B 70 30.30 28.98 -4.15
C PRO B 70 29.27 29.08 -2.99
N VAL B 71 28.04 29.45 -3.31
CA VAL B 71 27.01 29.73 -2.30
C VAL B 71 25.74 29.00 -2.67
N ALA B 72 25.33 28.04 -1.85
CA ALA B 72 24.14 27.28 -2.13
C ALA B 72 22.91 28.17 -2.07
N ALA B 73 22.04 28.02 -3.06
CA ALA B 73 20.91 28.93 -3.27
C ALA B 73 20.03 28.39 -4.39
N LEU B 74 18.79 28.87 -4.43
CA LEU B 74 17.95 28.75 -5.61
C LEU B 74 18.43 29.73 -6.67
N LYS B 75 18.71 29.24 -7.86
CA LYS B 75 19.10 30.12 -8.97
C LYS B 75 17.90 30.43 -9.88
N ALA B 76 17.01 29.46 -10.08
CA ALA B 76 15.77 29.68 -10.83
C ALA B 76 14.71 28.66 -10.50
N MET B 77 13.47 29.13 -10.43
N MET B 77 13.47 29.15 -10.36
CA MET B 77 12.31 28.24 -10.40
CA MET B 77 12.25 28.36 -10.38
C MET B 77 11.52 28.47 -11.67
C MET B 77 11.62 28.51 -11.75
N ALA B 78 11.47 27.42 -12.48
CA ALA B 78 11.03 27.49 -13.86
C ALA B 78 9.65 26.92 -14.05
N PHE B 79 8.85 27.68 -14.78
CA PHE B 79 7.50 27.32 -15.18
C PHE B 79 7.45 27.14 -16.69
N ARG B 80 6.82 26.08 -17.14
CA ARG B 80 6.59 25.91 -18.56
C ARG B 80 5.33 26.65 -18.98
N VAL B 81 5.42 27.33 -20.10
CA VAL B 81 4.25 28.04 -20.66
C VAL B 81 3.69 27.32 -21.87
N ARG B 82 2.48 27.69 -22.29
CA ARG B 82 1.74 26.85 -23.21
C ARG B 82 2.29 26.91 -24.65
N THR B 83 2.84 28.06 -25.06
CA THR B 83 3.31 28.28 -26.44
C THR B 83 4.57 29.11 -26.44
N PRO B 84 5.34 29.07 -27.54
CA PRO B 84 6.50 29.93 -27.65
C PRO B 84 6.15 31.43 -27.43
N GLU B 85 4.96 31.81 -27.87
CA GLU B 85 4.46 33.18 -27.80
C GLU B 85 4.25 33.65 -26.36
N ASP B 86 4.00 32.69 -25.47
CA ASP B 86 3.85 33.02 -24.06
C ASP B 86 5.16 33.48 -23.40
N VAL B 87 6.30 33.11 -23.97
CA VAL B 87 7.57 33.62 -23.47
C VAL B 87 7.64 35.15 -23.75
N ASP B 88 7.26 35.56 -24.97
CA ASP B 88 7.12 36.98 -25.29
C ASP B 88 6.13 37.68 -24.35
N LYS B 89 5.00 37.05 -24.08
CA LYS B 89 4.02 37.63 -23.17
C LYS B 89 4.61 37.81 -21.76
N ALA B 90 5.32 36.80 -21.27
CA ALA B 90 5.95 36.89 -19.96
C ALA B 90 6.92 38.08 -19.92
N GLU B 91 7.68 38.26 -20.99
CA GLU B 91 8.69 39.32 -21.00
C GLU B 91 8.00 40.70 -20.90
N ALA B 92 6.96 40.88 -21.70
CA ALA B 92 6.19 42.15 -21.72
C ALA B 92 5.55 42.39 -20.37
N TYR B 93 5.05 41.31 -19.76
CA TYR B 93 4.31 41.41 -18.50
C TYR B 93 5.21 41.90 -17.36
N TYR B 94 6.35 41.23 -17.20
CA TYR B 94 7.31 41.60 -16.19
C TYR B 94 8.01 42.95 -16.45
N GLN B 95 8.21 43.30 -17.70
CA GLN B 95 8.69 44.65 -18.02
C GLN B 95 7.70 45.70 -17.56
N GLU B 96 6.42 45.45 -17.76
CA GLU B 96 5.41 46.39 -17.29
C GLU B 96 5.37 46.48 -15.75
N LEU B 97 5.63 45.37 -15.06
CA LEU B 97 5.78 45.39 -13.60
C LEU B 97 7.05 46.10 -13.11
N GLY B 98 7.94 46.46 -14.04
CA GLY B 98 9.19 47.15 -13.70
C GLY B 98 10.29 46.23 -13.22
N CYS B 99 10.19 44.94 -13.58
CA CYS B 99 11.17 43.95 -13.12
C CYS B 99 12.33 43.79 -14.10
N ARG B 100 13.50 43.44 -13.57
CA ARG B 100 14.64 43.08 -14.42
C ARG B 100 14.39 41.73 -15.08
N THR B 101 14.70 41.65 -16.37
CA THR B 101 14.45 40.46 -17.17
C THR B 101 15.70 40.16 -18.00
N GLU B 102 15.90 38.89 -18.31
CA GLU B 102 16.96 38.46 -19.20
C GLU B 102 16.43 37.34 -20.11
N ARG B 103 16.63 37.52 -21.41
CA ARG B 103 16.11 36.62 -22.42
C ARG B 103 17.28 35.93 -23.11
N ARG B 104 17.28 34.59 -23.13
CA ARG B 104 18.29 33.85 -23.87
C ARG B 104 17.63 32.89 -24.86
N LYS B 105 17.83 33.16 -26.15
CA LYS B 105 17.17 32.43 -27.23
C LYS B 105 17.49 30.93 -27.22
N ASP B 106 18.67 30.57 -26.71
CA ASP B 106 19.07 29.16 -26.65
C ASP B 106 19.20 28.65 -25.22
N GLY B 107 18.61 29.35 -24.27
CA GLY B 107 18.41 28.81 -22.93
C GLY B 107 19.50 29.19 -21.96
N PHE B 108 19.19 29.03 -20.67
CA PHE B 108 20.15 29.21 -19.61
C PHE B 108 20.84 27.90 -19.21
N VAL B 109 20.08 26.81 -19.34
CA VAL B 109 20.57 25.48 -18.97
C VAL B 109 20.33 24.55 -20.15
N LYS B 110 21.08 23.45 -20.18
CA LYS B 110 20.93 22.49 -21.25
C LYS B 110 19.53 21.91 -21.25
N GLY B 111 19.06 21.64 -22.45
CA GLY B 111 17.76 21.02 -22.69
C GLY B 111 16.58 21.95 -22.59
N ILE B 112 16.85 23.23 -22.39
CA ILE B 112 15.85 24.27 -22.49
C ILE B 112 16.29 25.21 -23.61
N GLY B 113 15.33 25.58 -24.46
CA GLY B 113 15.50 26.56 -25.54
C GLY B 113 15.17 27.96 -25.06
N ASP B 114 14.50 28.71 -25.91
CA ASP B 114 14.21 30.12 -25.66
C ASP B 114 13.59 30.29 -24.28
N ALA B 115 14.24 31.09 -23.44
CA ALA B 115 13.86 31.21 -22.04
C ALA B 115 14.03 32.62 -21.53
N LEU B 116 13.10 33.01 -20.66
CA LEU B 116 13.12 34.30 -19.99
C LEU B 116 13.30 34.07 -18.50
N ARG B 117 14.35 34.68 -17.91
CA ARG B 117 14.46 34.77 -16.46
C ARG B 117 14.18 36.20 -15.99
N VAL B 118 13.58 36.30 -14.82
CA VAL B 118 13.13 37.57 -14.25
C VAL B 118 13.39 37.59 -12.76
N GLU B 119 13.71 38.77 -12.24
CA GLU B 119 13.67 39.03 -10.80
C GLU B 119 12.26 39.53 -10.53
N ASP B 120 11.43 38.69 -9.92
CA ASP B 120 10.01 39.01 -9.85
C ASP B 120 9.78 40.04 -8.72
N PRO B 121 8.54 40.55 -8.58
CA PRO B 121 8.32 41.61 -7.58
C PRO B 121 8.55 41.19 -6.13
N LEU B 122 8.59 39.89 -5.87
CA LEU B 122 8.94 39.39 -4.55
C LEU B 122 10.41 39.02 -4.40
N GLY B 123 11.20 39.29 -5.44
CA GLY B 123 12.63 39.04 -5.41
C GLY B 123 13.02 37.62 -5.80
N PHE B 124 12.11 36.86 -6.39
CA PHE B 124 12.40 35.48 -6.76
C PHE B 124 12.82 35.37 -8.19
N PRO B 125 13.81 34.49 -8.47
CA PRO B 125 14.19 34.26 -9.84
C PRO B 125 13.27 33.22 -10.49
N TYR B 126 12.38 33.70 -11.34
CA TYR B 126 11.47 32.88 -12.14
C TYR B 126 12.04 32.73 -13.55
N GLU B 127 11.87 31.52 -14.11
CA GLU B 127 12.07 31.28 -15.54
C GLU B 127 10.76 30.88 -16.18
N PHE B 128 10.56 31.38 -17.39
CA PHE B 128 9.49 30.96 -18.27
C PHE B 128 10.08 30.44 -19.58
N PHE B 129 9.63 29.28 -20.01
CA PHE B 129 10.09 28.68 -21.25
C PHE B 129 9.00 27.81 -21.84
N PHE B 130 9.07 27.61 -23.14
CA PHE B 130 8.28 26.57 -23.81
C PHE B 130 9.18 25.44 -24.32
N GLU B 131 10.21 25.81 -25.09
CA GLU B 131 11.03 24.84 -25.80
C GLU B 131 11.87 24.02 -24.81
N THR B 132 11.83 22.70 -24.98
CA THR B 132 12.65 21.80 -24.19
C THR B 132 12.89 20.50 -24.97
N THR B 133 14.06 19.92 -24.77
CA THR B 133 14.42 18.65 -25.37
C THR B 133 13.66 17.52 -24.69
N HIS B 134 12.88 16.77 -25.47
CA HIS B 134 12.18 15.62 -24.97
C HIS B 134 13.16 14.47 -24.78
N VAL B 135 12.88 13.66 -23.75
CA VAL B 135 13.72 12.50 -23.43
C VAL B 135 12.82 11.28 -23.28
N GLU B 136 13.41 10.12 -23.05
CA GLU B 136 12.62 8.90 -22.88
C GLU B 136 11.74 9.04 -21.62
N ARG B 137 10.42 8.92 -21.80
N ARG B 137 10.43 8.91 -21.78
CA ARG B 137 9.48 8.92 -20.68
CA ARG B 137 9.54 9.00 -20.62
C ARG B 137 9.62 7.57 -20.00
C ARG B 137 9.51 7.62 -19.96
N LEU B 138 9.98 7.55 -18.71
CA LEU B 138 10.30 6.27 -18.05
C LEU B 138 9.12 5.68 -17.30
N HIS B 139 7.91 6.14 -17.59
CA HIS B 139 6.73 5.84 -16.74
C HIS B 139 6.32 4.37 -16.66
N MET B 140 6.73 3.55 -17.63
CA MET B 140 6.50 2.11 -17.57
C MET B 140 7.78 1.32 -17.45
N ARG B 141 8.87 1.98 -17.05
CA ARG B 141 10.15 1.29 -16.92
C ARG B 141 10.26 0.67 -15.53
N TYR B 142 9.40 -0.32 -15.30
CA TYR B 142 9.34 -0.95 -13.99
C TYR B 142 10.59 -1.76 -13.64
N ASP B 143 11.41 -2.03 -14.64
CA ASP B 143 12.76 -2.56 -14.41
C ASP B 143 13.70 -1.59 -13.69
N LEU B 144 13.36 -0.30 -13.75
CA LEU B 144 14.12 0.76 -13.05
C LEU B 144 13.45 1.23 -11.76
N TYR B 145 12.17 0.93 -11.59
CA TYR B 145 11.35 1.52 -10.55
C TYR B 145 11.89 1.18 -9.17
N SER B 146 12.08 2.22 -8.37
N SER B 146 12.17 2.19 -8.36
CA SER B 146 12.58 2.13 -7.01
CA SER B 146 12.65 1.95 -7.00
C SER B 146 11.41 1.96 -6.03
C SER B 146 11.48 1.99 -6.02
N ALA B 147 11.68 1.32 -4.90
CA ALA B 147 10.68 1.27 -3.82
C ALA B 147 10.28 2.66 -3.28
N GLY B 148 11.12 3.67 -3.49
CA GLY B 148 10.83 5.04 -3.13
C GLY B 148 10.65 5.99 -4.32
N GLU B 149 10.23 5.48 -5.47
CA GLU B 149 10.36 6.23 -6.73
C GLU B 149 9.63 7.59 -6.70
N LEU B 150 10.35 8.63 -7.09
CA LEU B 150 9.79 9.96 -7.30
C LEU B 150 9.25 10.05 -8.71
N VAL B 151 7.94 10.28 -8.85
CA VAL B 151 7.29 10.12 -10.14
C VAL B 151 7.06 11.43 -10.90
N ARG B 152 6.90 12.54 -10.18
N ARG B 152 6.82 12.53 -10.20
CA ARG B 152 6.65 13.85 -10.79
CA ARG B 152 6.62 13.85 -10.82
C ARG B 152 7.30 14.93 -9.94
C ARG B 152 7.25 14.93 -9.95
N LEU B 153 7.61 16.05 -10.57
CA LEU B 153 7.75 17.32 -9.85
C LEU B 153 6.37 17.87 -9.58
N ASP B 154 6.10 18.24 -8.35
CA ASP B 154 4.78 18.76 -7.99
C ASP B 154 4.68 20.25 -7.76
N HIS B 155 5.56 20.83 -6.97
CA HIS B 155 5.45 22.27 -6.64
C HIS B 155 6.66 22.88 -6.01
N PHE B 156 6.64 24.21 -5.90
CA PHE B 156 7.61 24.98 -5.17
C PHE B 156 6.88 25.62 -4.01
N ASN B 157 7.64 26.03 -3.00
CA ASN B 157 7.11 26.82 -1.89
C ASN B 157 8.13 27.88 -1.52
N GLN B 158 7.65 29.14 -1.50
CA GLN B 158 8.47 30.33 -1.37
C GLN B 158 8.19 31.01 -0.02
N VAL B 159 9.25 31.51 0.62
CA VAL B 159 9.10 32.29 1.85
C VAL B 159 9.15 33.78 1.50
N THR B 160 8.14 34.51 1.92
CA THR B 160 8.01 35.90 1.58
C THR B 160 7.35 36.62 2.76
N PRO B 161 7.74 37.88 3.01
CA PRO B 161 7.29 38.54 4.24
C PRO B 161 5.79 38.93 4.26
N ASP B 162 5.21 39.24 3.09
CA ASP B 162 3.86 39.81 3.00
C ASP B 162 3.06 38.91 2.06
N VAL B 163 2.29 37.99 2.65
CA VAL B 163 1.62 36.98 1.84
C VAL B 163 0.48 37.57 0.96
N PRO B 164 -0.35 38.46 1.51
CA PRO B 164 -1.36 39.05 0.65
C PRO B 164 -0.82 39.79 -0.59
N ARG B 165 0.30 40.49 -0.43
CA ARG B 165 0.92 41.20 -1.54
C ARG B 165 1.32 40.23 -2.66
N GLY B 166 1.96 39.15 -2.24
CA GLY B 166 2.37 38.11 -3.19
C GLY B 166 1.21 37.38 -3.81
N ARG B 167 0.18 37.13 -3.01
CA ARG B 167 -1.00 36.40 -3.47
C ARG B 167 -1.71 37.14 -4.60
N LYS B 168 -1.91 38.43 -4.43
CA LYS B 168 -2.58 39.22 -5.45
C LYS B 168 -1.82 39.19 -6.77
N TYR B 169 -0.50 39.34 -6.69
CA TYR B 169 0.37 39.30 -7.86
C TYR B 169 0.24 37.94 -8.55
N LEU B 170 0.28 36.83 -7.79
CA LEU B 170 0.16 35.53 -8.42
C LEU B 170 -1.22 35.25 -9.00
N GLU B 171 -2.26 35.77 -8.34
CA GLU B 171 -3.61 35.66 -8.88
C GLU B 171 -3.74 36.39 -10.23
N ASP B 172 -3.14 37.56 -10.34
CA ASP B 172 -3.13 38.30 -11.61
C ASP B 172 -2.39 37.52 -12.71
N LEU B 173 -1.36 36.77 -12.31
CA LEU B 173 -0.61 35.91 -13.21
C LEU B 173 -1.36 34.62 -13.56
N GLY B 174 -2.51 34.38 -12.93
CA GLY B 174 -3.41 33.29 -13.29
C GLY B 174 -3.42 32.12 -12.31
N PHE B 175 -2.64 32.19 -11.22
CA PHE B 175 -2.67 31.16 -10.18
C PHE B 175 -3.96 31.35 -9.38
N ARG B 176 -4.64 30.28 -9.03
CA ARG B 176 -5.78 30.39 -8.12
C ARG B 176 -5.41 29.80 -6.76
N VAL B 177 -5.78 30.49 -5.69
CA VAL B 177 -5.54 30.01 -4.33
C VAL B 177 -6.50 28.86 -4.03
N THR B 178 -5.95 27.74 -3.56
CA THR B 178 -6.70 26.55 -3.23
C THR B 178 -6.94 26.48 -1.73
N GLU B 179 -5.90 26.77 -0.96
CA GLU B 179 -5.98 26.76 0.50
C GLU B 179 -5.13 27.86 1.07
N ASP B 180 -5.48 28.28 2.30
CA ASP B 180 -4.65 29.24 3.02
C ASP B 180 -4.82 29.06 4.50
N ILE B 181 -3.94 29.73 5.24
CA ILE B 181 -3.97 29.74 6.69
C ILE B 181 -4.03 31.20 7.12
N GLN B 182 -5.04 31.53 7.90
CA GLN B 182 -5.25 32.91 8.38
C GLN B 182 -5.58 32.85 9.87
N ASP B 183 -5.59 33.99 10.54
CA ASP B 183 -6.21 34.05 11.84
C ASP B 183 -7.43 34.96 11.83
N ASP B 184 -7.99 35.18 13.01
CA ASP B 184 -9.19 36.02 13.13
C ASP B 184 -8.87 37.51 13.24
N GLU B 185 -7.61 37.88 13.06
CA GLU B 185 -7.18 39.27 13.19
C GLU B 185 -6.62 39.84 11.88
N GLY B 186 -6.91 39.18 10.77
CA GLY B 186 -6.56 39.74 9.48
C GLY B 186 -5.23 39.30 8.91
N THR B 187 -4.54 38.39 9.59
CA THR B 187 -3.18 38.00 9.16
C THR B 187 -3.27 36.74 8.31
N THR B 188 -2.56 36.74 7.19
CA THR B 188 -2.36 35.53 6.39
C THR B 188 -0.96 34.98 6.64
N TYR B 189 -0.89 33.70 6.99
CA TYR B 189 0.38 33.04 7.29
C TYR B 189 0.92 32.20 6.11
N ALA B 190 0.03 31.78 5.23
CA ALA B 190 0.43 30.93 4.11
C ALA B 190 -0.70 30.82 3.11
N ALA B 191 -0.33 30.63 1.85
CA ALA B 191 -1.27 30.38 0.79
C ALA B 191 -0.68 29.44 -0.26
N TRP B 192 -1.53 28.62 -0.83
CA TRP B 192 -1.19 27.65 -1.88
C TRP B 192 -1.96 27.97 -3.14
N MET B 193 -1.32 27.92 -4.30
CA MET B 193 -1.98 28.36 -5.53
C MET B 193 -1.49 27.58 -6.73
N HIS B 194 -2.38 27.39 -7.71
CA HIS B 194 -2.08 26.41 -8.77
C HIS B 194 -2.39 26.96 -10.15
N ARG B 195 -1.78 26.31 -11.15
CA ARG B 195 -2.20 26.31 -12.54
C ARG B 195 -2.65 24.94 -13.05
N LYS B 196 -1.95 23.87 -12.69
CA LYS B 196 -2.16 22.56 -13.33
C LYS B 196 -3.30 21.71 -12.77
N GLY B 197 -3.95 22.15 -11.73
CA GLY B 197 -5.15 21.46 -11.28
C GLY B 197 -4.85 20.48 -10.14
N THR B 198 -3.72 20.70 -9.47
CA THR B 198 -3.43 20.10 -8.17
C THR B 198 -3.48 21.20 -7.12
N VAL B 199 -3.22 20.86 -5.85
CA VAL B 199 -3.35 21.87 -4.81
C VAL B 199 -2.39 23.05 -5.05
N CYS B 200 -1.19 22.78 -5.53
CA CYS B 200 -0.33 23.89 -5.87
C CYS B 200 0.72 23.62 -6.95
N ASP B 201 1.13 24.72 -7.57
CA ASP B 201 2.36 24.81 -8.33
C ASP B 201 3.39 25.66 -7.64
N THR B 202 2.94 26.76 -7.01
CA THR B 202 3.78 27.43 -6.02
C THR B 202 2.94 27.84 -4.84
N ALA B 203 3.62 28.17 -3.76
CA ALA B 203 2.99 28.44 -2.51
C ALA B 203 3.81 29.52 -1.84
N LEU B 204 3.15 30.28 -0.99
CA LEU B 204 3.79 31.32 -0.22
C LEU B 204 3.68 30.97 1.25
N THR B 205 4.81 31.07 1.94
CA THR B 205 4.88 30.84 3.38
C THR B 205 5.38 32.14 3.98
N GLY B 206 4.63 32.68 4.94
CA GLY B 206 5.07 33.90 5.60
C GLY B 206 6.39 33.76 6.32
N GLY B 207 7.32 34.67 6.05
CA GLY B 207 8.61 34.69 6.74
C GLY B 207 9.53 35.67 6.08
N ASN B 208 10.73 35.81 6.63
CA ASN B 208 11.75 36.68 6.04
C ASN B 208 12.10 36.14 4.66
N GLY B 209 12.18 37.01 3.66
CA GLY B 209 12.44 36.53 2.31
C GLY B 209 12.86 37.64 1.39
N PRO B 210 13.15 37.30 0.11
CA PRO B 210 12.86 36.00 -0.54
C PRO B 210 13.80 34.85 -0.11
N ARG B 211 13.21 33.72 0.26
CA ARG B 211 13.92 32.45 0.38
C ARG B 211 13.07 31.34 -0.21
N LEU B 212 13.72 30.23 -0.61
CA LEU B 212 13.02 29.06 -1.11
C LEU B 212 12.75 28.09 0.04
N HIS B 213 11.48 27.83 0.30
CA HIS B 213 11.17 26.93 1.39
C HIS B 213 11.47 25.50 1.00
N HIS B 214 10.86 25.06 -0.10
CA HIS B 214 11.13 23.68 -0.61
C HIS B 214 10.75 23.50 -2.05
N VAL B 215 11.29 22.43 -2.63
CA VAL B 215 10.78 21.84 -3.86
C VAL B 215 10.12 20.50 -3.51
N ALA B 216 8.96 20.23 -4.10
CA ALA B 216 8.22 19.00 -3.83
C ALA B 216 8.17 18.06 -5.02
N PHE B 217 8.43 16.77 -4.76
CA PHE B 217 8.22 15.70 -5.72
C PHE B 217 7.15 14.75 -5.20
N SER B 218 6.41 14.12 -6.11
N SER B 218 6.42 14.14 -6.14
CA SER B 218 5.35 13.20 -5.73
CA SER B 218 5.37 13.17 -5.86
C SER B 218 5.76 11.75 -5.95
C SER B 218 5.88 11.74 -5.85
N THR B 219 5.16 10.87 -5.14
CA THR B 219 5.22 9.42 -5.35
C THR B 219 3.84 8.87 -5.74
N HIS B 220 3.77 7.62 -6.18
CA HIS B 220 2.48 7.00 -6.47
C HIS B 220 1.65 6.76 -5.21
N GLU B 221 2.30 6.19 -4.19
CA GLU B 221 1.60 5.69 -3.01
C GLU B 221 2.31 6.08 -1.73
N LYS B 222 1.59 5.93 -0.62
CA LYS B 222 2.11 6.33 0.66
C LYS B 222 3.30 5.44 1.08
N HIS B 223 3.26 4.15 0.73
CA HIS B 223 4.34 3.24 1.10
C HIS B 223 5.68 3.67 0.45
N ASN B 224 5.61 4.39 -0.67
CA ASN B 224 6.84 4.88 -1.32
C ASN B 224 7.53 5.92 -0.45
N ILE B 225 6.74 6.79 0.20
CA ILE B 225 7.28 7.75 1.13
C ILE B 225 7.85 7.09 2.39
N ILE B 226 7.14 6.08 2.91
N ILE B 226 7.13 6.08 2.91
CA ILE B 226 7.61 5.32 4.05
CA ILE B 226 7.62 5.31 4.04
C ILE B 226 8.97 4.69 3.72
C ILE B 226 8.97 4.68 3.72
N GLN B 227 9.11 4.15 2.51
CA GLN B 227 10.38 3.55 2.08
C GLN B 227 11.52 4.57 2.07
N ILE B 228 11.26 5.82 1.70
CA ILE B 228 12.35 6.82 1.72
C ILE B 228 12.88 6.98 3.15
N CYS B 229 11.95 7.07 4.10
CA CYS B 229 12.33 7.15 5.51
C CYS B 229 13.10 5.91 5.95
N ASP B 230 12.59 4.75 5.59
CA ASP B 230 13.23 3.48 5.95
C ASP B 230 14.65 3.40 5.38
N LYS B 231 14.80 3.81 4.12
CA LYS B 231 16.11 3.83 3.48
C LYS B 231 17.07 4.82 4.15
N MET B 232 16.58 5.99 4.52
CA MET B 232 17.40 6.96 5.25
C MET B 232 17.86 6.43 6.61
N GLY B 233 16.99 5.68 7.28
CA GLY B 233 17.41 4.99 8.49
C GLY B 233 18.50 3.97 8.21
N ALA B 234 18.34 3.17 7.16
CA ALA B 234 19.35 2.16 6.82
C ALA B 234 20.70 2.78 6.46
N LEU B 235 20.65 3.95 5.83
CA LEU B 235 21.86 4.66 5.45
C LEU B 235 22.40 5.50 6.62
N ARG B 236 21.73 5.46 7.76
CA ARG B 236 22.12 6.17 8.98
C ARG B 236 22.24 7.68 8.70
N ILE B 237 21.26 8.19 7.96
CA ILE B 237 21.10 9.61 7.70
C ILE B 237 19.69 10.09 8.09
N SER B 238 19.12 9.46 9.12
CA SER B 238 17.84 9.88 9.64
C SER B 238 17.82 11.29 10.18
N ASP B 239 18.99 11.82 10.55
CA ASP B 239 19.12 13.25 10.92
C ASP B 239 18.82 14.19 9.78
N ARG B 240 18.76 13.69 8.53
CA ARG B 240 18.38 14.50 7.38
C ARG B 240 16.88 14.44 7.09
N ILE B 241 16.13 13.67 7.89
CA ILE B 241 14.68 13.74 7.90
C ILE B 241 14.29 14.86 8.84
N GLU B 242 13.74 15.94 8.28
CA GLU B 242 13.42 17.10 9.08
C GLU B 242 12.07 16.97 9.81
N ARG B 243 11.06 16.55 9.05
CA ARG B 243 9.69 16.56 9.55
C ARG B 243 8.86 15.54 8.79
N GLY B 244 8.06 14.78 9.52
CA GLY B 244 7.19 13.80 8.93
C GLY B 244 7.68 12.39 9.20
N PRO B 245 7.10 11.40 8.49
CA PRO B 245 6.04 11.56 7.55
C PRO B 245 4.71 11.86 8.24
N GLY B 246 3.79 12.43 7.48
CA GLY B 246 2.49 12.82 8.02
C GLY B 246 1.43 12.92 6.97
N ARG B 247 0.22 13.26 7.43
CA ARG B 247 -0.88 13.64 6.57
C ARG B 247 -1.02 15.15 6.76
N HIS B 248 -1.05 15.90 5.66
CA HIS B 248 -1.30 17.32 5.74
C HIS B 248 -2.78 17.59 6.00
N GLY B 249 -3.07 18.67 6.72
CA GLY B 249 -4.40 19.27 6.69
C GLY B 249 -4.57 19.98 5.36
N VAL B 250 -3.83 21.07 5.22
CA VAL B 250 -3.72 21.78 3.96
C VAL B 250 -3.20 20.81 2.88
N SER B 251 -4.02 20.57 1.88
CA SER B 251 -3.73 19.73 0.69
C SER B 251 -4.21 18.32 0.86
N ASN B 252 -4.34 17.83 2.11
CA ASN B 252 -4.72 16.44 2.38
C ASN B 252 -3.72 15.40 1.84
N ALA B 253 -2.50 15.85 1.51
CA ALA B 253 -1.48 14.96 0.98
C ALA B 253 -0.71 14.26 2.09
N PHE B 254 -0.24 13.06 1.81
CA PHE B 254 0.74 12.39 2.66
C PHE B 254 2.12 12.96 2.28
N TYR B 255 2.94 13.25 3.27
CA TYR B 255 4.12 14.08 3.07
C TYR B 255 5.31 13.67 3.90
N LEU B 256 6.48 14.17 3.50
CA LEU B 256 7.75 14.03 4.21
C LEU B 256 8.64 15.21 3.81
N TYR B 257 9.38 15.77 4.77
CA TYR B 257 10.42 16.76 4.48
C TYR B 257 11.80 16.26 4.85
N ILE B 258 12.73 16.36 3.88
CA ILE B 258 14.12 15.97 4.06
C ILE B 258 15.04 17.11 3.60
N LEU B 259 16.30 17.03 4.02
CA LEU B 259 17.28 18.09 3.77
C LEU B 259 18.44 17.55 2.95
N ASP B 260 18.73 18.21 1.84
CA ASP B 260 19.86 17.82 0.98
C ASP B 260 21.18 18.31 1.63
N PRO B 261 22.32 17.99 1.00
CA PRO B 261 23.61 18.30 1.65
C PRO B 261 23.91 19.77 1.91
N ASP B 262 23.22 20.66 1.19
CA ASP B 262 23.34 22.12 1.40
C ASP B 262 22.16 22.67 2.18
N ASN B 263 21.39 21.77 2.80
N ASN B 263 21.40 21.78 2.81
CA ASN B 263 20.19 22.11 3.56
CA ASN B 263 20.19 22.09 3.55
C ASN B 263 19.02 22.61 2.74
C ASN B 263 19.06 22.70 2.72
N HIS B 264 19.07 22.43 1.41
CA HIS B 264 17.88 22.64 0.61
C HIS B 264 16.85 21.59 1.01
N ARG B 265 15.64 22.06 1.26
CA ARG B 265 14.55 21.23 1.72
C ARG B 265 13.76 20.67 0.53
N ILE B 266 13.54 19.35 0.57
CA ILE B 266 12.77 18.62 -0.40
C ILE B 266 11.56 18.00 0.29
N GLU B 267 10.38 18.24 -0.26
CA GLU B 267 9.15 17.57 0.19
C GLU B 267 8.86 16.41 -0.74
N ILE B 268 8.47 15.29 -0.14
CA ILE B 268 7.91 14.18 -0.89
C ILE B 268 6.43 14.11 -0.55
N TYR B 269 5.58 13.87 -1.54
CA TYR B 269 4.18 14.27 -1.47
C TYR B 269 3.34 13.26 -2.26
N THR B 270 2.14 12.94 -1.80
CA THR B 270 1.24 12.13 -2.61
C THR B 270 -0.21 12.33 -2.22
N GLN B 271 -1.09 12.23 -3.21
CA GLN B 271 -2.55 12.07 -3.04
C GLN B 271 -3.25 13.32 -2.48
N ASP B 272 -2.86 14.47 -2.99
CA ASP B 272 -3.78 15.63 -2.97
C ASP B 272 -4.94 15.48 -4.00
N TYR B 273 -5.75 16.52 -4.15
CA TYR B 273 -7.06 16.40 -4.82
C TYR B 273 -7.10 17.36 -6.04
N TYR B 274 -8.15 17.23 -6.83
CA TYR B 274 -8.32 17.98 -8.07
C TYR B 274 -8.86 19.38 -7.81
N THR B 275 -8.20 20.37 -8.39
CA THR B 275 -8.50 21.79 -8.15
C THR B 275 -8.82 22.54 -9.44
N GLY B 276 -8.93 21.82 -10.55
CA GLY B 276 -8.95 22.47 -11.87
C GLY B 276 -10.20 23.25 -12.20
N ASP B 277 -11.31 23.02 -11.48
CA ASP B 277 -12.50 23.86 -11.73
C ASP B 277 -12.28 25.30 -11.25
N PRO B 278 -12.78 26.29 -12.01
CA PRO B 278 -12.41 27.67 -11.72
C PRO B 278 -13.03 28.23 -10.44
N ASP B 279 -14.09 27.58 -9.95
CA ASP B 279 -14.72 27.96 -8.69
C ASP B 279 -14.40 26.91 -7.59
N ASN B 280 -13.29 26.19 -7.79
CA ASN B 280 -12.80 25.28 -6.75
C ASN B 280 -12.89 25.96 -5.38
N PRO B 281 -13.51 25.29 -4.40
CA PRO B 281 -13.68 25.98 -3.10
C PRO B 281 -12.35 26.21 -2.42
N THR B 282 -12.10 27.45 -2.00
CA THR B 282 -10.90 27.80 -1.26
C THR B 282 -11.08 27.44 0.20
N ILE B 283 -10.12 26.70 0.75
CA ILE B 283 -10.21 26.24 2.14
C ILE B 283 -9.33 27.13 3.00
N THR B 284 -9.91 27.75 4.03
CA THR B 284 -9.13 28.57 4.93
C THR B 284 -9.08 27.91 6.29
N TRP B 285 -7.88 27.60 6.75
CA TRP B 285 -7.64 27.06 8.07
C TRP B 285 -7.26 28.18 9.02
N ASN B 286 -7.68 28.04 10.27
CA ASN B 286 -7.21 28.92 11.30
C ASN B 286 -5.81 28.51 11.75
N VAL B 287 -4.95 29.49 11.93
CA VAL B 287 -3.55 29.23 12.29
C VAL B 287 -3.41 28.48 13.62
N HIS B 288 -4.41 28.58 14.50
CA HIS B 288 -4.35 27.86 15.79
C HIS B 288 -4.89 26.45 15.76
N ASP B 289 -5.38 26.01 14.60
CA ASP B 289 -5.89 24.67 14.46
C ASP B 289 -4.70 23.70 14.35
N ASN B 290 -4.54 22.85 15.35
CA ASN B 290 -3.41 21.94 15.40
C ASN B 290 -3.48 20.76 14.41
N GLN B 291 -4.54 20.67 13.63
CA GLN B 291 -4.62 19.71 12.53
C GLN B 291 -4.39 20.32 11.14
N ARG B 292 -4.05 21.59 11.07
CA ARG B 292 -3.96 22.29 9.78
C ARG B 292 -2.73 21.87 8.96
N ARG B 293 -1.60 21.62 9.64
CA ARG B 293 -0.33 21.33 8.95
C ARG B 293 -0.05 19.84 8.96
N ASP B 294 -0.10 19.27 10.15
CA ASP B 294 -0.18 17.82 10.34
C ASP B 294 -1.56 17.47 10.92
N TRP B 295 -2.32 16.74 10.12
CA TRP B 295 -3.71 16.35 10.42
C TRP B 295 -3.80 15.49 11.68
N TRP B 296 -2.72 14.79 12.00
CA TRP B 296 -2.68 13.91 13.17
C TRP B 296 -2.23 14.68 14.42
N GLY B 297 -1.98 15.98 14.26
CA GLY B 297 -1.59 16.82 15.37
C GLY B 297 -0.15 16.77 15.79
N ASN B 298 0.69 16.07 15.03
CA ASN B 298 2.11 16.07 15.35
C ASN B 298 2.69 17.49 15.25
N PRO B 299 3.65 17.81 16.14
CA PRO B 299 4.14 19.17 16.20
C PRO B 299 5.02 19.51 14.99
N VAL B 300 4.96 20.77 14.58
CA VAL B 300 5.78 21.25 13.47
C VAL B 300 7.12 21.71 14.03
N VAL B 301 8.20 21.08 13.56
CA VAL B 301 9.53 21.34 14.06
C VAL B 301 9.91 22.81 13.76
N PRO B 302 10.54 23.49 14.74
CA PRO B 302 10.80 24.92 14.56
C PRO B 302 11.63 25.26 13.30
N SER B 303 12.56 24.39 12.90
CA SER B 303 13.35 24.66 11.70
C SER B 303 12.50 24.80 10.45
N TRP B 304 11.33 24.16 10.45
CA TRP B 304 10.42 24.25 9.32
C TRP B 304 9.96 25.69 9.13
N TYR B 305 9.81 26.40 10.24
CA TYR B 305 9.39 27.78 10.20
C TYR B 305 10.52 28.77 10.03
N THR B 306 11.74 28.41 10.42
CA THR B 306 12.84 29.39 10.46
C THR B 306 13.85 29.24 9.32
N GLU B 307 14.02 28.05 8.79
CA GLU B 307 15.10 27.76 7.85
C GLU B 307 14.57 27.63 6.42
N ALA B 308 15.29 28.24 5.47
CA ALA B 308 14.93 28.19 4.05
C ALA B 308 16.16 28.64 3.25
N SER B 309 16.17 28.31 1.96
CA SER B 309 17.33 28.54 1.12
C SER B 309 17.40 29.98 0.60
N LYS B 310 18.62 30.49 0.48
CA LYS B 310 18.86 31.75 -0.21
C LYS B 310 18.38 31.65 -1.66
N VAL B 311 18.07 32.80 -2.26
CA VAL B 311 17.77 32.85 -3.70
C VAL B 311 18.71 33.85 -4.35
N LEU B 312 18.99 33.65 -5.63
CA LEU B 312 19.88 34.51 -6.37
C LEU B 312 19.13 35.50 -7.26
N ASP B 313 19.79 36.63 -7.51
CA ASP B 313 19.37 37.53 -8.58
C ASP B 313 19.97 37.11 -9.91
N LEU B 314 19.68 37.86 -10.98
CA LEU B 314 20.13 37.48 -12.33
C LEU B 314 21.65 37.55 -12.53
N ASP B 315 22.36 38.26 -11.65
CA ASP B 315 23.82 38.30 -11.67
C ASP B 315 24.44 37.15 -10.91
N GLY B 316 23.60 36.37 -10.21
CA GLY B 316 24.10 35.26 -9.41
C GLY B 316 24.43 35.61 -7.99
N ASN B 317 24.10 36.84 -7.57
CA ASN B 317 24.32 37.30 -6.19
C ASN B 317 23.10 37.01 -5.35
N VAL B 318 23.32 36.74 -4.07
CA VAL B 318 22.22 36.45 -3.15
C VAL B 318 21.32 37.68 -2.97
N GLN B 319 20.02 37.46 -3.03
CA GLN B 319 19.04 38.52 -2.76
C GLN B 319 19.02 38.86 -1.27
N GLU B 320 19.04 40.16 -0.97
CA GLU B 320 18.89 40.64 0.40
C GLU B 320 17.53 40.19 0.96
N ILE B 321 17.53 39.89 2.26
CA ILE B 321 16.36 39.38 2.97
C ILE B 321 15.63 40.54 3.60
N ILE B 322 14.32 40.57 3.39
CA ILE B 322 13.43 41.54 4.04
C ILE B 322 12.69 40.82 5.18
N GLU B 323 12.67 41.45 6.35
CA GLU B 323 12.06 40.87 7.54
C GLU B 323 10.55 40.97 7.47
N ARG B 324 9.87 39.86 7.77
CA ARG B 324 8.45 39.87 8.01
C ARG B 324 8.10 40.71 9.25
N THR B 325 7.12 41.58 9.12
CA THR B 325 6.61 42.31 10.28
C THR B 325 5.26 41.79 10.77
N ASP B 326 4.51 41.09 9.90
CA ASP B 326 3.28 40.39 10.32
C ASP B 326 3.63 39.31 11.36
N ASP B 327 2.63 38.85 12.08
CA ASP B 327 2.82 37.84 13.13
C ASP B 327 3.44 36.57 12.57
N SER B 328 4.20 35.91 13.43
CA SER B 328 4.89 34.66 13.08
C SER B 328 4.07 33.45 13.42
N GLU B 329 3.91 32.55 12.46
CA GLU B 329 3.19 31.30 12.69
C GLU B 329 3.80 30.48 13.83
N LEU B 330 5.13 30.42 13.86
CA LEU B 330 5.81 29.75 14.94
C LEU B 330 5.41 30.37 16.28
N GLU B 331 5.53 31.70 16.39
CA GLU B 331 5.28 32.35 17.67
C GLU B 331 3.85 32.17 18.15
N VAL B 332 2.89 32.31 17.24
CA VAL B 332 1.49 32.30 17.66
C VAL B 332 0.97 30.89 17.93
N THR B 333 1.70 29.84 17.53
CA THR B 333 1.22 28.46 17.71
C THR B 333 2.02 27.65 18.74
N ILE B 334 3.34 27.72 18.67
CA ILE B 334 4.20 26.90 19.52
C ILE B 334 5.20 27.69 20.36
N GLY B 335 5.23 29.00 20.18
CA GLY B 335 6.08 29.87 20.97
C GLY B 335 5.51 30.10 22.36
N ALA B 336 6.21 30.93 23.13
CA ALA B 336 5.93 31.11 24.56
C ALA B 336 4.53 31.65 24.85
N ASP B 337 4.01 32.49 23.95
CA ASP B 337 2.66 33.03 24.05
C ASP B 337 1.75 32.40 23.00
N GLY B 338 2.14 31.22 22.52
CA GLY B 338 1.41 30.56 21.46
C GLY B 338 0.19 29.82 21.97
N PHE B 339 -0.65 29.39 21.03
CA PHE B 339 -1.83 28.62 21.35
C PHE B 339 -2.18 27.72 20.15
N SER B 340 -2.58 26.49 20.46
N SER B 340 -2.58 26.48 20.44
CA SER B 340 -3.24 25.66 19.45
CA SER B 340 -3.27 25.71 19.43
C SER B 340 -4.35 24.85 20.07
C SER B 340 -4.33 24.82 20.05
N PHE B 341 -5.30 24.46 19.24
CA PHE B 341 -6.43 23.62 19.67
C PHE B 341 -6.56 22.38 18.81
N THR B 342 -7.17 21.35 19.39
CA THR B 342 -7.59 20.17 18.65
C THR B 342 -9.03 20.35 18.17
N ARG B 343 -9.91 20.78 19.09
CA ARG B 343 -11.31 21.04 18.78
C ARG B 343 -11.56 22.50 19.13
N ALA B 344 -12.08 23.26 18.17
CA ALA B 344 -12.36 24.69 18.40
C ALA B 344 -13.24 24.83 19.63
N GLY B 345 -12.83 25.72 20.51
CA GLY B 345 -13.58 26.01 21.74
C GLY B 345 -13.42 25.04 22.88
N ASP B 346 -12.65 23.98 22.69
CA ASP B 346 -12.43 22.98 23.76
C ASP B 346 -11.04 23.21 24.36
N GLU B 347 -11.01 23.40 25.67
CA GLU B 347 -9.75 23.45 26.40
C GLU B 347 -9.00 22.14 26.41
N ASP B 348 -9.75 21.05 26.45
N ASP B 348 -9.74 21.04 26.50
CA ASP B 348 -9.19 19.73 26.42
CA ASP B 348 -9.16 19.71 26.42
C ASP B 348 -8.57 19.50 25.05
C ASP B 348 -8.55 19.55 25.05
N GLY B 349 -7.28 19.14 25.02
CA GLY B 349 -6.55 18.98 23.77
C GLY B 349 -6.05 20.29 23.19
N SER B 350 -6.03 21.35 23.99
N SER B 350 -6.03 21.34 24.00
CA SER B 350 -5.38 22.58 23.60
CA SER B 350 -5.38 22.59 23.64
C SER B 350 -3.99 22.67 24.23
C SER B 350 -4.00 22.72 24.27
N TYR B 351 -3.20 23.55 23.65
CA TYR B 351 -1.77 23.70 23.98
C TYR B 351 -1.52 25.19 24.15
N HIS B 352 -0.93 25.54 25.30
CA HIS B 352 -0.67 26.92 25.66
C HIS B 352 0.83 27.06 25.89
N GLY B 353 1.48 27.86 25.04
CA GLY B 353 2.91 28.15 25.19
C GLY B 353 3.83 26.96 24.97
N GLN B 354 3.37 25.99 24.20
CA GLN B 354 4.20 24.87 23.83
C GLN B 354 3.62 24.13 22.64
N ALA B 355 4.36 23.14 22.17
CA ALA B 355 3.93 22.36 21.04
C ALA B 355 3.03 21.20 21.52
N SER B 356 2.41 20.53 20.56
CA SER B 356 1.63 19.33 20.84
C SER B 356 2.52 18.16 21.26
N LYS B 357 1.86 17.12 21.79
CA LYS B 357 2.47 15.81 22.04
C LYS B 357 3.60 15.83 23.07
N GLY B 358 3.62 16.86 23.93
CA GLY B 358 4.49 16.86 25.10
C GLY B 358 5.84 17.51 24.90
N PHE B 359 5.98 18.29 23.83
CA PHE B 359 7.22 18.94 23.48
C PHE B 359 7.16 20.47 23.61
N LYS B 360 8.32 21.05 23.85
CA LYS B 360 8.56 22.49 23.79
C LYS B 360 9.66 22.80 22.80
N LEU B 361 9.69 24.03 22.32
CA LEU B 361 10.83 24.55 21.53
C LEU B 361 12.17 24.27 22.22
N GLY B 362 13.17 23.74 21.51
CA GLY B 362 14.54 23.69 22.04
C GLY B 362 15.15 25.04 22.42
N GLU C 4 -1.04 -48.24 2.78
CA GLU C 4 -0.74 -46.99 3.53
C GLU C 4 0.62 -47.05 4.23
N ILE C 5 1.11 -45.88 4.56
CA ILE C 5 2.47 -45.74 5.04
C ILE C 5 2.41 -45.94 6.57
N PRO C 6 3.14 -46.96 7.11
CA PRO C 6 2.95 -47.17 8.55
C PRO C 6 3.58 -46.06 9.38
N LYS C 7 3.02 -45.77 10.54
CA LYS C 7 3.68 -44.90 11.50
C LYS C 7 4.83 -45.66 12.17
N PRO C 8 6.08 -45.17 12.01
CA PRO C 8 7.20 -45.71 12.77
C PRO C 8 7.00 -45.66 14.29
N VAL C 9 7.59 -46.61 15.00
CA VAL C 9 7.72 -46.49 16.45
C VAL C 9 8.76 -45.45 16.83
N ALA C 10 9.76 -45.28 15.98
CA ALA C 10 10.79 -44.24 16.20
C ALA C 10 10.13 -42.87 16.24
N PRO C 11 10.57 -42.02 17.18
CA PRO C 11 10.01 -40.66 17.27
C PRO C 11 10.27 -39.82 16.01
N ALA C 12 9.25 -39.09 15.55
CA ALA C 12 9.45 -38.12 14.45
C ALA C 12 10.47 -37.04 14.81
N PRO C 13 11.28 -36.61 13.84
CA PRO C 13 12.05 -35.38 14.06
C PRO C 13 11.13 -34.20 14.31
N ASP C 14 11.57 -33.27 15.16
CA ASP C 14 10.86 -32.01 15.40
C ASP C 14 11.23 -31.02 14.29
N ILE C 15 10.33 -30.83 13.34
CA ILE C 15 10.56 -29.95 12.19
C ILE C 15 10.13 -28.53 12.53
N LEU C 16 11.01 -27.56 12.28
CA LEU C 16 10.68 -26.15 12.52
C LEU C 16 9.86 -25.57 11.36
N ARG C 17 10.35 -25.78 10.15
CA ARG C 17 9.89 -25.03 8.97
C ARG C 17 10.56 -25.53 7.73
N CYS C 18 9.94 -25.26 6.59
CA CYS C 18 10.65 -25.32 5.35
C CYS C 18 11.79 -24.28 5.37
N ALA C 19 12.94 -24.65 4.79
CA ALA C 19 14.16 -23.83 4.91
C ALA C 19 14.82 -23.47 3.59
N TYR C 20 14.99 -24.45 2.70
CA TYR C 20 15.49 -24.15 1.35
C TYR C 20 15.12 -25.23 0.37
N ALA C 21 15.20 -24.90 -0.90
CA ALA C 21 15.15 -25.90 -1.97
C ALA C 21 16.41 -25.85 -2.79
N GLU C 22 16.89 -27.03 -3.21
CA GLU C 22 17.93 -27.11 -4.23
C GLU C 22 17.29 -27.49 -5.56
N LEU C 23 17.39 -26.58 -6.52
CA LEU C 23 16.85 -26.76 -7.86
C LEU C 23 18.01 -26.95 -8.81
N VAL C 24 17.95 -28.01 -9.61
CA VAL C 24 18.83 -28.15 -10.75
C VAL C 24 18.32 -27.31 -11.91
N VAL C 25 19.24 -26.54 -12.49
CA VAL C 25 18.97 -25.65 -13.59
C VAL C 25 19.95 -25.94 -14.73
N THR C 26 19.52 -25.68 -15.96
CA THR C 26 20.34 -26.08 -17.13
C THR C 26 21.32 -24.99 -17.57
N ASP C 27 20.96 -23.74 -17.35
CA ASP C 27 21.80 -22.61 -17.75
C ASP C 27 21.90 -21.67 -16.55
N LEU C 28 23.04 -21.72 -15.88
CA LEU C 28 23.19 -21.06 -14.60
C LEU C 28 23.07 -19.55 -14.75
N ALA C 29 23.65 -18.98 -15.80
CA ALA C 29 23.61 -17.53 -15.98
C ALA C 29 22.19 -17.01 -16.24
N LYS C 30 21.41 -17.76 -17.01
CA LYS C 30 20.02 -17.39 -17.28
C LYS C 30 19.20 -17.50 -16.00
N SER C 31 19.45 -18.55 -15.23
CA SER C 31 18.74 -18.70 -13.94
C SER C 31 19.13 -17.59 -12.98
N ARG C 32 20.42 -17.25 -12.94
CA ARG C 32 20.87 -16.12 -12.12
C ARG C 32 20.16 -14.81 -12.49
N ASN C 33 20.07 -14.54 -13.79
N ASN C 33 20.01 -14.55 -13.77
CA ASN C 33 19.33 -13.39 -14.28
CA ASN C 33 19.33 -13.35 -14.21
C ASN C 33 17.95 -13.36 -13.62
C ASN C 33 17.86 -13.31 -13.76
N PHE C 34 17.20 -14.46 -13.70
CA PHE C 34 15.83 -14.52 -13.21
C PHE C 34 15.77 -14.30 -11.69
N TYR C 35 16.54 -15.06 -10.92
CA TYR C 35 16.37 -15.04 -9.48
C TYR C 35 17.02 -13.82 -8.80
N VAL C 36 18.14 -13.35 -9.37
CA VAL C 36 18.84 -12.20 -8.84
C VAL C 36 18.36 -10.93 -9.54
N ASP C 37 18.53 -10.84 -10.85
CA ASP C 37 18.24 -9.55 -11.52
C ASP C 37 16.75 -9.27 -11.61
N VAL C 38 15.92 -10.28 -11.90
CA VAL C 38 14.48 -10.02 -11.97
C VAL C 38 13.86 -10.01 -10.56
N LEU C 39 14.08 -11.10 -9.81
CA LEU C 39 13.43 -11.25 -8.51
C LEU C 39 14.14 -10.65 -7.30
N GLY C 40 15.42 -10.31 -7.40
CA GLY C 40 16.08 -9.55 -6.33
C GLY C 40 16.55 -10.36 -5.15
N LEU C 41 16.62 -11.70 -5.28
CA LEU C 41 17.16 -12.50 -4.18
C LEU C 41 18.64 -12.15 -3.95
N HIS C 42 19.10 -12.39 -2.73
CA HIS C 42 20.41 -11.95 -2.26
C HIS C 42 21.40 -13.07 -2.28
N VAL C 43 22.58 -12.79 -2.82
CA VAL C 43 23.60 -13.81 -2.99
C VAL C 43 24.34 -14.07 -1.69
N SER C 44 24.30 -15.34 -1.25
CA SER C 44 25.05 -15.83 -0.11
C SER C 44 26.39 -16.49 -0.48
N TYR C 45 26.47 -17.02 -1.69
CA TYR C 45 27.69 -17.60 -2.24
C TYR C 45 27.43 -17.88 -3.71
N GLU C 46 28.46 -17.77 -4.53
CA GLU C 46 28.32 -18.32 -5.88
C GLU C 46 29.65 -18.68 -6.48
N ASP C 47 29.57 -19.66 -7.38
CA ASP C 47 30.72 -20.05 -8.20
C ASP C 47 30.21 -20.45 -9.58
N GLU C 48 31.03 -21.13 -10.38
N GLU C 48 31.04 -21.13 -10.39
CA GLU C 48 30.64 -21.49 -11.75
CA GLU C 48 30.65 -21.48 -11.76
C GLU C 48 29.59 -22.61 -11.81
C GLU C 48 29.61 -22.61 -11.82
N ASN C 49 29.36 -23.28 -10.69
CA ASN C 49 28.45 -24.43 -10.65
C ASN C 49 27.16 -24.20 -9.88
N GLN C 50 27.18 -23.26 -8.92
CA GLN C 50 26.04 -23.05 -8.05
C GLN C 50 25.89 -21.59 -7.68
N ILE C 51 24.64 -21.21 -7.42
CA ILE C 51 24.31 -19.92 -6.81
C ILE C 51 23.44 -20.17 -5.58
N TYR C 52 23.86 -19.61 -4.46
CA TYR C 52 23.15 -19.70 -3.20
C TYR C 52 22.48 -18.38 -2.92
N LEU C 53 21.17 -18.42 -2.67
CA LEU C 53 20.36 -17.21 -2.55
C LEU C 53 19.51 -17.22 -1.30
N ARG C 54 19.25 -16.02 -0.76
CA ARG C 54 18.36 -15.90 0.39
C ARG C 54 17.44 -14.70 0.26
N SER C 55 16.36 -14.78 1.02
CA SER C 55 15.38 -13.71 1.12
C SER C 55 15.81 -12.62 2.09
N PHE C 56 15.07 -11.51 2.04
CA PHE C 56 15.44 -10.29 2.77
C PHE C 56 15.55 -10.47 4.28
N GLU C 57 14.68 -11.31 4.87
CA GLU C 57 14.64 -11.43 6.32
C GLU C 57 15.34 -12.67 6.86
N GLU C 58 16.04 -13.41 6.00
CA GLU C 58 16.61 -14.69 6.40
C GLU C 58 17.95 -14.51 7.12
N PHE C 59 18.22 -15.34 8.12
CA PHE C 59 19.54 -15.39 8.77
C PHE C 59 20.29 -16.70 8.55
N ILE C 60 19.60 -17.78 8.17
CA ILE C 60 20.33 -18.99 7.76
C ILE C 60 20.97 -18.75 6.39
N HIS C 61 21.87 -19.65 6.00
CA HIS C 61 22.76 -19.33 4.88
C HIS C 61 22.03 -19.06 3.58
N HIS C 62 20.98 -19.83 3.30
CA HIS C 62 20.25 -19.69 2.06
C HIS C 62 18.83 -20.25 2.15
N ASN C 63 17.99 -19.79 1.21
CA ASN C 63 16.67 -20.37 0.96
C ASN C 63 16.53 -21.07 -0.38
N LEU C 64 17.53 -20.92 -1.25
CA LEU C 64 17.50 -21.47 -2.58
C LEU C 64 18.92 -21.73 -3.03
N VAL C 65 19.15 -22.94 -3.54
CA VAL C 65 20.39 -23.26 -4.17
C VAL C 65 20.08 -23.64 -5.61
N LEU C 66 20.73 -22.95 -6.55
CA LEU C 66 20.63 -23.27 -7.97
C LEU C 66 21.89 -24.04 -8.33
N THR C 67 21.72 -25.27 -8.81
CA THR C 67 22.85 -26.13 -9.13
C THR C 67 22.79 -26.46 -10.62
N LYS C 68 23.88 -26.18 -11.33
CA LYS C 68 23.93 -26.51 -12.76
C LYS C 68 23.92 -28.03 -12.93
N GLY C 69 23.07 -28.51 -13.84
CA GLY C 69 23.03 -29.92 -14.19
C GLY C 69 22.34 -30.17 -15.52
N PRO C 70 22.36 -31.42 -15.98
CA PRO C 70 21.82 -31.72 -17.31
C PRO C 70 20.31 -31.68 -17.45
N VAL C 71 19.58 -31.95 -16.36
CA VAL C 71 18.13 -32.08 -16.39
C VAL C 71 17.56 -31.25 -15.25
N ALA C 72 16.77 -30.24 -15.60
CA ALA C 72 16.14 -29.39 -14.57
C ALA C 72 15.16 -30.19 -13.73
N ALA C 73 15.26 -30.03 -12.42
CA ALA C 73 14.52 -30.87 -11.47
C ALA C 73 14.74 -30.33 -10.06
N LEU C 74 13.82 -30.67 -9.17
CA LEU C 74 14.07 -30.53 -7.74
C LEU C 74 15.07 -31.60 -7.28
N LYS C 75 16.16 -31.16 -6.67
CA LYS C 75 17.13 -32.09 -6.08
C LYS C 75 16.90 -32.37 -4.58
N ALA C 76 16.45 -31.37 -3.82
CA ALA C 76 16.11 -31.54 -2.41
C ALA C 76 15.21 -30.42 -1.95
N MET C 77 14.18 -30.77 -1.19
N MET C 77 14.19 -30.79 -1.19
CA MET C 77 13.44 -29.79 -0.42
CA MET C 77 13.36 -29.89 -0.38
C MET C 77 13.79 -30.01 1.04
C MET C 77 13.83 -30.04 1.07
N ALA C 78 14.35 -28.97 1.65
CA ALA C 78 14.98 -29.06 2.96
C ALA C 78 14.14 -28.40 4.05
N PHE C 79 14.03 -29.11 5.17
CA PHE C 79 13.36 -28.67 6.38
C PHE C 79 14.41 -28.57 7.47
N ARG C 80 14.37 -27.46 8.21
CA ARG C 80 15.21 -27.31 9.37
C ARG C 80 14.51 -27.95 10.57
N VAL C 81 15.30 -28.68 11.35
CA VAL C 81 14.79 -29.32 12.55
C VAL C 81 15.30 -28.60 13.79
N ARG C 82 14.70 -28.91 14.94
CA ARG C 82 14.86 -28.06 16.13
C ARG C 82 16.22 -28.19 16.76
N THR C 83 16.81 -29.40 16.75
CA THR C 83 18.09 -29.66 17.41
C THR C 83 18.96 -30.57 16.56
N PRO C 84 20.28 -30.58 16.85
CA PRO C 84 21.15 -31.53 16.13
C PRO C 84 20.68 -32.99 16.22
N GLU C 85 20.11 -33.36 17.37
CA GLU C 85 19.64 -34.73 17.62
C GLU C 85 18.45 -35.09 16.74
N ASP C 86 17.71 -34.09 16.27
CA ASP C 86 16.61 -34.37 15.36
C ASP C 86 17.07 -34.92 14.01
N VAL C 87 18.32 -34.70 13.63
CA VAL C 87 18.83 -35.31 12.39
C VAL C 87 18.98 -36.84 12.56
N ASP C 88 19.54 -37.24 13.69
CA ASP C 88 19.53 -38.67 14.08
C ASP C 88 18.11 -39.23 14.13
N LYS C 89 17.17 -38.50 14.72
CA LYS C 89 15.77 -38.97 14.76
C LYS C 89 15.20 -39.15 13.36
N ALA C 90 15.47 -38.19 12.48
CA ALA C 90 15.03 -38.31 11.11
C ALA C 90 15.60 -39.55 10.45
N GLU C 91 16.89 -39.83 10.69
CA GLU C 91 17.53 -40.98 10.07
C GLU C 91 16.88 -42.29 10.50
N ALA C 92 16.66 -42.46 11.80
CA ALA C 92 15.99 -43.65 12.33
C ALA C 92 14.56 -43.80 11.82
N TYR C 93 13.85 -42.67 11.75
CA TYR C 93 12.46 -42.65 11.30
C TYR C 93 12.33 -43.15 9.86
N TYR C 94 13.11 -42.56 8.95
CA TYR C 94 13.03 -42.96 7.56
C TYR C 94 13.61 -44.35 7.29
N GLN C 95 14.58 -44.75 8.09
CA GLN C 95 15.11 -46.12 8.00
C GLN C 95 14.03 -47.13 8.37
N GLU C 96 13.23 -46.81 9.39
CA GLU C 96 12.13 -47.68 9.80
C GLU C 96 11.06 -47.73 8.72
N LEU C 97 10.82 -46.61 8.04
CA LEU C 97 9.91 -46.57 6.89
C LEU C 97 10.42 -47.38 5.68
N GLY C 98 11.69 -47.77 5.70
CA GLY C 98 12.27 -48.55 4.61
C GLY C 98 12.73 -47.69 3.46
N CYS C 99 12.98 -46.41 3.72
CA CYS C 99 13.41 -45.47 2.70
C CYS C 99 14.91 -45.45 2.58
N ARG C 100 15.38 -45.17 1.37
CA ARG C 100 16.78 -44.91 1.14
C ARG C 100 17.17 -43.58 1.74
N THR C 101 18.27 -43.58 2.50
CA THR C 101 18.77 -42.40 3.16
C THR C 101 20.26 -42.23 2.89
N GLU C 102 20.71 -40.98 2.98
CA GLU C 102 22.12 -40.64 2.90
C GLU C 102 22.44 -39.54 3.89
N ARG C 103 23.40 -39.79 4.76
CA ARG C 103 23.81 -38.87 5.82
C ARG C 103 25.18 -38.29 5.47
N ARG C 104 25.29 -36.96 5.43
CA ARG C 104 26.59 -36.30 5.27
C ARG C 104 26.85 -35.37 6.46
N LYS C 105 27.85 -35.70 7.27
CA LYS C 105 28.09 -34.97 8.50
C LYS C 105 28.53 -33.52 8.25
N ASP C 106 29.01 -33.23 7.05
CA ASP C 106 29.44 -31.90 6.67
C ASP C 106 28.55 -31.29 5.57
N GLY C 107 27.42 -31.94 5.27
CA GLY C 107 26.39 -31.34 4.43
C GLY C 107 26.49 -31.72 2.96
N PHE C 108 25.40 -31.49 2.23
CA PHE C 108 25.36 -31.68 0.80
C PHE C 108 25.65 -30.41 -0.01
N VAL C 109 25.31 -29.26 0.57
CA VAL C 109 25.53 -27.93 -0.05
C VAL C 109 26.23 -27.02 0.94
N LYS C 110 26.86 -25.98 0.42
CA LYS C 110 27.57 -25.05 1.29
C LYS C 110 26.61 -24.41 2.29
N GLY C 111 27.11 -24.16 3.49
CA GLY C 111 26.37 -23.43 4.51
C GLY C 111 25.36 -24.25 5.28
N ILE C 112 25.35 -25.56 5.02
CA ILE C 112 24.58 -26.51 5.79
C ILE C 112 25.61 -27.52 6.34
N GLY C 113 25.47 -27.85 7.62
CA GLY C 113 26.30 -28.85 8.27
C GLY C 113 25.65 -30.22 8.19
N ASP C 114 25.68 -30.95 9.29
CA ASP C 114 25.19 -32.33 9.34
C ASP C 114 23.76 -32.41 8.77
N ALA C 115 23.58 -33.24 7.73
CA ALA C 115 22.34 -33.29 6.97
C ALA C 115 22.00 -34.71 6.55
N LEU C 116 20.70 -35.01 6.56
CA LEU C 116 20.17 -36.27 6.07
C LEU C 116 19.28 -36.01 4.87
N ARG C 117 19.59 -36.64 3.73
CA ARG C 117 18.68 -36.67 2.59
C ARG C 117 18.03 -38.06 2.47
N VAL C 118 16.78 -38.05 2.10
CA VAL C 118 15.97 -39.28 2.00
C VAL C 118 15.15 -39.26 0.73
N GLU C 119 14.93 -40.44 0.17
CA GLU C 119 13.87 -40.63 -0.82
C GLU C 119 12.65 -41.03 -0.05
N ASP C 120 11.75 -40.09 0.15
CA ASP C 120 10.65 -40.30 1.07
C ASP C 120 9.61 -41.26 0.47
N PRO C 121 8.60 -41.66 1.26
CA PRO C 121 7.66 -42.67 0.77
C PRO C 121 6.81 -42.25 -0.45
N LEU C 122 6.72 -40.95 -0.71
CA LEU C 122 6.03 -40.41 -1.87
C LEU C 122 7.01 -40.13 -3.03
N GLY C 123 8.27 -40.50 -2.86
CA GLY C 123 9.30 -40.38 -3.87
C GLY C 123 9.98 -39.01 -3.89
N PHE C 124 9.78 -38.18 -2.85
CA PHE C 124 10.36 -36.83 -2.84
C PHE C 124 11.69 -36.81 -2.12
N PRO C 125 12.66 -36.03 -2.64
CA PRO C 125 13.93 -35.88 -1.96
C PRO C 125 13.82 -34.85 -0.85
N TYR C 126 13.70 -35.30 0.39
CA TYR C 126 13.67 -34.42 1.55
C TYR C 126 15.07 -34.34 2.17
N GLU C 127 15.43 -33.17 2.69
CA GLU C 127 16.58 -33.01 3.56
C GLU C 127 16.12 -32.52 4.91
N PHE C 128 16.79 -33.03 5.95
CA PHE C 128 16.65 -32.54 7.31
C PHE C 128 18.00 -32.12 7.83
N PHE C 129 18.08 -30.92 8.41
CA PHE C 129 19.33 -30.42 8.98
C PHE C 129 19.01 -29.49 10.14
N PHE C 130 19.98 -29.32 11.03
CA PHE C 130 19.93 -28.25 12.01
C PHE C 130 21.01 -27.20 11.72
N GLU C 131 22.25 -27.67 11.59
CA GLU C 131 23.43 -26.81 11.51
C GLU C 131 23.43 -26.04 10.23
N THR C 132 23.60 -24.71 10.33
CA THR C 132 23.71 -23.86 9.13
C THR C 132 24.51 -22.64 9.50
N THR C 133 25.26 -22.13 8.53
CA THR C 133 26.06 -20.93 8.70
C THR C 133 25.16 -19.70 8.72
N HIS C 134 25.18 -18.95 9.82
CA HIS C 134 24.40 -17.72 9.91
C HIS C 134 25.08 -16.65 9.07
N VAL C 135 24.25 -15.81 8.47
CA VAL C 135 24.70 -14.71 7.63
C VAL C 135 24.05 -13.41 8.10
N GLU C 136 24.39 -12.30 7.48
CA GLU C 136 23.78 -11.01 7.86
C GLU C 136 22.29 -11.03 7.54
N ARG C 137 21.46 -10.83 8.56
CA ARG C 137 20.04 -10.76 8.34
C ARG C 137 19.75 -9.39 7.76
N LEU C 138 19.21 -9.35 6.54
CA LEU C 138 19.07 -8.09 5.79
C LEU C 138 17.76 -7.36 6.06
N HIS C 139 17.06 -7.70 7.15
CA HIS C 139 15.66 -7.27 7.33
C HIS C 139 15.48 -5.75 7.46
N MET C 140 16.52 -5.02 7.83
CA MET C 140 16.44 -3.57 7.89
C MET C 140 17.35 -2.90 6.87
N ARG C 141 17.84 -3.66 5.90
CA ARG C 141 18.69 -3.10 4.86
C ARG C 141 17.85 -2.47 3.75
N TYR C 142 17.15 -1.41 4.11
CA TYR C 142 16.25 -0.76 3.20
C TYR C 142 16.98 -0.06 2.05
N ASP C 143 18.30 0.11 2.18
CA ASP C 143 19.17 0.54 1.07
C ASP C 143 19.29 -0.52 -0.04
N LEU C 144 18.91 -1.77 0.27
CA LEU C 144 18.93 -2.87 -0.70
C LEU C 144 17.49 -3.25 -1.15
N TYR C 145 16.48 -2.80 -0.43
CA TYR C 145 15.13 -3.27 -0.61
C TYR C 145 14.60 -2.89 -2.00
N SER C 146 14.09 -3.91 -2.68
N SER C 146 14.12 -3.88 -2.73
CA SER C 146 13.47 -3.80 -4.01
CA SER C 146 13.53 -3.62 -4.04
C SER C 146 11.99 -3.50 -3.89
C SER C 146 12.01 -3.50 -3.92
N ALA C 147 11.42 -2.83 -4.89
CA ALA C 147 10.00 -2.64 -4.95
C ALA C 147 9.21 -3.97 -4.99
N GLY C 148 9.87 -5.07 -5.38
CA GLY C 148 9.22 -6.39 -5.37
C GLY C 148 9.85 -7.35 -4.38
N GLU C 149 10.37 -6.82 -3.27
CA GLU C 149 11.22 -7.62 -2.39
C GLU C 149 10.59 -8.91 -1.85
N LEU C 150 11.31 -10.02 -2.04
CA LEU C 150 10.95 -11.31 -1.44
C LEU C 150 11.57 -11.42 -0.05
N VAL C 151 10.71 -11.56 0.94
CA VAL C 151 11.14 -11.40 2.34
C VAL C 151 11.36 -12.68 3.13
N ARG C 152 10.64 -13.74 2.79
N ARG C 152 10.66 -13.75 2.76
CA ARG C 152 10.78 -15.04 3.45
CA ARG C 152 10.79 -15.04 3.39
C ARG C 152 10.52 -16.15 2.42
C ARG C 152 10.60 -16.12 2.34
N LEU C 153 11.15 -17.30 2.63
CA LEU C 153 10.65 -18.55 2.06
C LEU C 153 9.43 -18.98 2.87
N ASP C 154 8.33 -19.27 2.19
CA ASP C 154 7.11 -19.65 2.88
C ASP C 154 6.76 -21.13 2.82
N HIS C 155 6.80 -21.76 1.65
CA HIS C 155 6.37 -23.16 1.56
C HIS C 155 6.77 -23.83 0.27
N PHE C 156 6.56 -25.15 0.26
CA PHE C 156 6.61 -25.96 -0.94
C PHE C 156 5.22 -26.50 -1.25
N ASN C 157 5.02 -26.91 -2.49
CA ASN C 157 3.81 -27.60 -2.90
C ASN C 157 4.19 -28.76 -3.82
N GLN C 158 3.75 -29.96 -3.43
CA GLN C 158 4.14 -31.22 -4.06
C GLN C 158 2.94 -31.83 -4.79
N VAL C 159 3.18 -32.34 -5.99
CA VAL C 159 2.16 -33.12 -6.71
C VAL C 159 2.35 -34.60 -6.42
N THR C 160 1.27 -35.23 -5.98
CA THR C 160 1.28 -36.63 -5.60
C THR C 160 -0.08 -37.25 -5.94
N PRO C 161 -0.10 -38.54 -6.32
CA PRO C 161 -1.35 -39.09 -6.86
C PRO C 161 -2.47 -39.36 -5.84
N ASP C 162 -2.09 -39.70 -4.62
CA ASP C 162 -3.03 -40.12 -3.58
C ASP C 162 -2.85 -39.18 -2.38
N VAL C 163 -3.75 -38.20 -2.27
CA VAL C 163 -3.57 -37.15 -1.30
C VAL C 163 -3.81 -37.65 0.13
N PRO C 164 -4.87 -38.46 0.36
CA PRO C 164 -5.02 -39.01 1.71
C PRO C 164 -3.81 -39.82 2.22
N ARG C 165 -3.20 -40.61 1.34
CA ARG C 165 -2.03 -41.39 1.72
C ARG C 165 -0.87 -40.48 2.16
N GLY C 166 -0.64 -39.44 1.36
CA GLY C 166 0.42 -38.49 1.70
C GLY C 166 0.09 -37.68 2.95
N ARG C 167 -1.17 -37.30 3.07
CA ARG C 167 -1.62 -36.54 4.23
C ARG C 167 -1.34 -37.26 5.54
N LYS C 168 -1.64 -38.55 5.61
CA LYS C 168 -1.49 -39.30 6.86
C LYS C 168 -0.01 -39.37 7.23
N TYR C 169 0.82 -39.62 6.21
CA TYR C 169 2.26 -39.68 6.39
C TYR C 169 2.81 -38.34 6.93
N LEU C 170 2.37 -37.23 6.34
CA LEU C 170 2.77 -35.91 6.85
C LEU C 170 2.23 -35.60 8.24
N GLU C 171 1.01 -36.06 8.55
CA GLU C 171 0.48 -35.92 9.91
C GLU C 171 1.32 -36.65 10.97
N ASP C 172 1.79 -37.84 10.63
CA ASP C 172 2.64 -38.62 11.52
C ASP C 172 3.97 -37.90 11.75
N LEU C 173 4.40 -37.12 10.76
CA LEU C 173 5.64 -36.35 10.84
C LEU C 173 5.41 -35.02 11.59
N GLY C 174 4.19 -34.76 12.02
CA GLY C 174 3.86 -33.62 12.86
C GLY C 174 3.27 -32.45 12.11
N PHE C 175 3.07 -32.56 10.81
CA PHE C 175 2.38 -31.49 10.06
C PHE C 175 0.89 -31.54 10.39
N ARG C 176 0.25 -30.39 10.48
CA ARG C 176 -1.19 -30.32 10.77
C ARG C 176 -1.87 -29.73 9.53
N VAL C 177 -2.96 -30.37 9.10
CA VAL C 177 -3.73 -29.87 7.97
C VAL C 177 -4.53 -28.64 8.40
N THR C 178 -4.47 -27.62 7.55
CA THR C 178 -5.14 -26.36 7.79
C THR C 178 -6.33 -26.21 6.87
N GLU C 179 -6.15 -26.52 5.59
CA GLU C 179 -7.22 -26.45 4.61
C GLU C 179 -7.11 -27.58 3.62
N ASP C 180 -8.23 -27.92 3.01
CA ASP C 180 -8.25 -28.92 1.94
C ASP C 180 -9.42 -28.71 0.98
N ILE C 181 -9.38 -29.42 -0.13
CA ILE C 181 -10.40 -29.35 -1.16
C ILE C 181 -10.91 -30.79 -1.40
N GLN C 182 -12.22 -30.99 -1.28
CA GLN C 182 -12.85 -32.31 -1.41
C GLN C 182 -14.11 -32.19 -2.27
N ASP C 183 -14.69 -33.32 -2.68
CA ASP C 183 -16.07 -33.29 -3.15
C ASP C 183 -17.00 -34.16 -2.30
N ASP C 184 -18.30 -34.10 -2.62
CA ASP C 184 -19.31 -34.87 -1.87
C ASP C 184 -19.16 -36.39 -2.01
N GLU C 185 -18.46 -36.83 -3.07
CA GLU C 185 -18.20 -38.25 -3.29
C GLU C 185 -17.06 -38.76 -2.38
N GLY C 186 -16.36 -37.84 -1.73
CA GLY C 186 -15.28 -38.20 -0.80
C GLY C 186 -13.88 -38.20 -1.41
N THR C 187 -13.72 -37.65 -2.61
CA THR C 187 -12.38 -37.48 -3.17
C THR C 187 -11.71 -36.26 -2.55
N THR C 188 -10.43 -36.40 -2.22
CA THR C 188 -9.60 -35.25 -1.83
C THR C 188 -8.71 -34.86 -2.99
N TYR C 189 -8.71 -33.57 -3.33
CA TYR C 189 -7.97 -33.02 -4.49
C TYR C 189 -6.68 -32.31 -4.07
N ALA C 190 -6.64 -31.78 -2.86
CA ALA C 190 -5.49 -31.03 -2.36
C ALA C 190 -5.61 -30.83 -0.86
N ALA C 191 -4.46 -30.68 -0.19
CA ALA C 191 -4.39 -30.39 1.25
C ALA C 191 -3.15 -29.55 1.54
N TRP C 192 -3.26 -28.70 2.57
CA TRP C 192 -2.22 -27.79 3.01
C TRP C 192 -1.92 -28.12 4.46
N MET C 193 -0.66 -28.18 4.82
CA MET C 193 -0.26 -28.60 6.17
C MET C 193 1.00 -27.88 6.64
N HIS C 194 1.08 -27.63 7.95
CA HIS C 194 2.09 -26.74 8.49
C HIS C 194 2.80 -27.28 9.75
N ARG C 195 4.01 -26.76 9.96
CA ARG C 195 4.69 -26.79 11.26
C ARG C 195 4.81 -25.39 11.89
N LYS C 196 5.15 -24.36 11.10
CA LYS C 196 5.56 -23.04 11.69
C LYS C 196 4.45 -22.08 12.04
N GLY C 197 3.21 -22.42 11.75
CA GLY C 197 2.07 -21.55 12.23
C GLY C 197 1.57 -20.56 11.19
N THR C 198 1.90 -20.87 9.93
CA THR C 198 1.23 -20.32 8.76
C THR C 198 0.38 -21.40 8.08
N VAL C 199 -0.26 -21.04 6.97
CA VAL C 199 -1.20 -22.00 6.36
C VAL C 199 -0.50 -23.27 5.86
N CYS C 200 0.73 -23.12 5.38
CA CYS C 200 1.54 -24.32 5.14
C CYS C 200 3.05 -24.16 5.15
N ASP C 201 3.70 -25.30 5.34
CA ASP C 201 5.11 -25.47 5.03
C ASP C 201 5.29 -26.38 3.83
N THR C 202 4.41 -27.40 3.72
CA THR C 202 4.28 -28.10 2.46
C THR C 202 2.81 -28.37 2.22
N ALA C 203 2.50 -28.70 0.98
CA ALA C 203 1.13 -28.89 0.55
C ALA C 203 1.16 -30.00 -0.48
N LEU C 204 0.03 -30.67 -0.60
CA LEU C 204 -0.15 -31.75 -1.56
C LEU C 204 -1.21 -31.36 -2.56
N THR C 205 -0.87 -31.48 -3.84
CA THR C 205 -1.78 -31.25 -4.94
C THR C 205 -1.96 -32.62 -5.64
N GLY C 206 -3.19 -33.07 -5.80
CA GLY C 206 -3.46 -34.31 -6.48
C GLY C 206 -3.05 -34.26 -7.94
N GLY C 207 -2.25 -35.23 -8.36
CA GLY C 207 -1.83 -35.35 -9.73
C GLY C 207 -0.73 -36.37 -9.90
N ASN C 208 -0.20 -36.49 -11.11
CA ASN C 208 0.86 -37.44 -11.35
C ASN C 208 2.14 -37.00 -10.64
N GLY C 209 2.77 -37.91 -9.90
CA GLY C 209 3.94 -37.54 -9.12
C GLY C 209 4.80 -38.73 -8.76
N PRO C 210 5.95 -38.45 -8.15
CA PRO C 210 6.33 -37.19 -7.50
C PRO C 210 6.76 -36.09 -8.48
N ARG C 211 6.15 -34.91 -8.35
CA ARG C 211 6.66 -33.69 -9.04
C ARG C 211 6.52 -32.54 -8.09
N LEU C 212 7.37 -31.52 -8.26
CA LEU C 212 7.32 -30.34 -7.41
C LEU C 212 6.43 -29.33 -8.12
N HIS C 213 5.34 -28.95 -7.48
CA HIS C 213 4.44 -27.98 -8.09
C HIS C 213 5.06 -26.56 -8.04
N HIS C 214 5.43 -26.10 -6.87
CA HIS C 214 6.09 -24.79 -6.74
C HIS C 214 6.83 -24.63 -5.44
N VAL C 215 7.67 -23.58 -5.42
CA VAL C 215 8.25 -23.04 -4.20
C VAL C 215 7.66 -21.66 -4.02
N ALA C 216 7.27 -21.31 -2.79
CA ALA C 216 6.65 -20.01 -2.52
C ALA C 216 7.49 -19.13 -1.62
N PHE C 217 7.62 -17.88 -2.04
CA PHE C 217 8.24 -16.82 -1.26
C PHE C 217 7.20 -15.77 -0.92
N SER C 218 7.35 -15.12 0.23
N SER C 218 7.42 -15.10 0.21
CA SER C 218 6.41 -14.09 0.61
CA SER C 218 6.53 -14.06 0.72
C SER C 218 6.99 -12.70 0.43
C SER C 218 7.02 -12.68 0.32
N THR C 219 6.09 -11.74 0.23
CA THR C 219 6.41 -10.30 0.28
C THR C 219 5.74 -9.67 1.51
N HIS C 220 6.12 -8.43 1.82
CA HIS C 220 5.45 -7.71 2.89
C HIS C 220 4.00 -7.37 2.56
N GLU C 221 3.79 -6.82 1.36
CA GLU C 221 2.53 -6.20 0.99
C GLU C 221 2.11 -6.60 -0.42
N LYS C 222 0.84 -6.34 -0.72
CA LYS C 222 0.27 -6.75 -2.00
C LYS C 222 0.93 -5.95 -3.15
N HIS C 223 1.31 -4.69 -2.91
CA HIS C 223 1.89 -3.89 -3.98
C HIS C 223 3.24 -4.46 -4.42
N ASN C 224 3.92 -5.19 -3.53
CA ASN C 224 5.19 -5.82 -3.91
C ASN C 224 4.98 -6.89 -4.98
N ILE C 225 3.88 -7.63 -4.87
CA ILE C 225 3.52 -8.62 -5.86
C ILE C 225 3.12 -7.98 -7.18
N ILE C 226 2.34 -6.90 -7.11
N ILE C 226 2.36 -6.88 -7.10
CA ILE C 226 1.98 -6.13 -8.31
CA ILE C 226 1.97 -6.13 -8.31
C ILE C 226 3.25 -5.72 -9.04
C ILE C 226 3.21 -5.62 -9.04
N GLN C 227 4.22 -5.19 -8.29
CA GLN C 227 5.48 -4.72 -8.90
C GLN C 227 6.20 -5.82 -9.66
N ILE C 228 6.19 -7.03 -9.14
CA ILE C 228 6.82 -8.15 -9.86
C ILE C 228 6.17 -8.31 -11.24
N CYS C 229 4.85 -8.27 -11.27
CA CYS C 229 4.14 -8.31 -12.56
C CYS C 229 4.53 -7.16 -13.48
N ASP C 230 4.52 -5.95 -12.91
CA ASP C 230 4.84 -4.75 -13.69
C ASP C 230 6.24 -4.83 -14.27
N LYS C 231 7.18 -5.32 -13.47
CA LYS C 231 8.58 -5.47 -13.91
C LYS C 231 8.71 -6.51 -15.03
N MET C 232 7.99 -7.61 -14.89
CA MET C 232 7.98 -8.62 -15.97
C MET C 232 7.39 -8.08 -17.27
N GLY C 233 6.37 -7.25 -17.18
CA GLY C 233 5.91 -6.54 -18.36
C GLY C 233 6.97 -5.64 -18.97
N ALA C 234 7.66 -4.90 -18.13
CA ALA C 234 8.71 -3.98 -18.64
C ALA C 234 9.87 -4.72 -19.29
N LEU C 235 10.17 -5.90 -18.77
CA LEU C 235 11.21 -6.77 -19.33
C LEU C 235 10.70 -7.60 -20.49
N ARG C 236 9.42 -7.43 -20.85
CA ARG C 236 8.79 -8.12 -21.94
C ARG C 236 8.91 -9.64 -21.77
N ILE C 237 8.67 -10.08 -20.53
CA ILE C 237 8.59 -11.50 -20.22
C ILE C 237 7.27 -11.83 -19.50
N SER C 238 6.22 -11.12 -19.90
CA SER C 238 4.89 -11.35 -19.34
C SER C 238 4.36 -12.75 -19.65
N ASP C 239 4.90 -13.39 -20.68
CA ASP C 239 4.57 -14.77 -20.95
C ASP C 239 5.01 -15.77 -19.85
N ARG C 240 5.89 -15.31 -18.98
CA ARG C 240 6.36 -16.11 -17.85
C ARG C 240 5.55 -15.87 -16.59
N ILE C 241 4.56 -14.97 -16.67
CA ILE C 241 3.48 -14.89 -15.69
C ILE C 241 2.47 -15.98 -16.04
N GLU C 242 2.38 -17.00 -15.21
CA GLU C 242 1.48 -18.12 -15.50
C GLU C 242 0.05 -17.85 -15.06
N ARG C 243 -0.10 -17.36 -13.84
CA ARG C 243 -1.43 -17.26 -13.23
C ARG C 243 -1.42 -16.18 -12.18
N GLY C 244 -2.46 -15.37 -12.14
CA GLY C 244 -2.54 -14.31 -11.16
C GLY C 244 -2.20 -12.97 -11.76
N PRO C 245 -2.04 -11.95 -10.91
CA PRO C 245 -2.16 -12.02 -9.44
C PRO C 245 -3.62 -12.19 -9.02
N GLY C 246 -3.79 -12.72 -7.83
CA GLY C 246 -5.13 -12.95 -7.30
C GLY C 246 -5.16 -12.98 -5.78
N ARG C 247 -6.38 -13.11 -5.25
CA ARG C 247 -6.61 -13.51 -3.88
C ARG C 247 -6.95 -15.00 -3.87
N HIS C 248 -6.28 -15.76 -3.02
CA HIS C 248 -6.60 -17.18 -2.84
C HIS C 248 -7.87 -17.28 -2.02
N GLY C 249 -8.68 -18.30 -2.32
CA GLY C 249 -9.70 -18.76 -1.37
C GLY C 249 -9.03 -19.51 -0.22
N VAL C 250 -8.61 -20.74 -0.48
CA VAL C 250 -7.70 -21.45 0.41
C VAL C 250 -6.51 -20.55 0.77
N SER C 251 -6.28 -20.40 2.07
CA SER C 251 -5.18 -19.58 2.64
C SER C 251 -5.49 -18.10 2.83
N ASN C 252 -6.40 -17.55 2.01
CA ASN C 252 -6.68 -16.12 1.96
C ASN C 252 -5.52 -15.22 1.58
N ALA C 253 -4.45 -15.81 1.04
CA ALA C 253 -3.27 -15.00 0.70
C ALA C 253 -3.42 -14.36 -0.67
N PHE C 254 -2.74 -13.24 -0.86
CA PHE C 254 -2.59 -12.65 -2.21
C PHE C 254 -1.42 -13.33 -2.89
N TYR C 255 -1.56 -13.61 -4.18
CA TYR C 255 -0.64 -14.54 -4.84
C TYR C 255 -0.36 -14.21 -6.29
N LEU C 256 0.73 -14.81 -6.77
CA LEU C 256 1.14 -14.77 -8.15
C LEU C 256 1.95 -16.02 -8.45
N TYR C 257 1.78 -16.62 -9.64
CA TYR C 257 2.65 -17.72 -10.09
C TYR C 257 3.40 -17.33 -11.35
N ILE C 258 4.72 -17.52 -11.30
CA ILE C 258 5.61 -17.22 -12.41
C ILE C 258 6.50 -18.43 -12.70
N LEU C 259 7.13 -18.42 -13.87
CA LEU C 259 7.92 -19.57 -14.36
C LEU C 259 9.35 -19.14 -14.61
N ASP C 260 10.28 -19.85 -13.99
CA ASP C 260 11.72 -19.61 -14.18
C ASP C 260 12.18 -20.16 -15.55
N PRO C 261 13.44 -19.94 -15.91
CA PRO C 261 13.91 -20.35 -17.24
C PRO C 261 13.81 -21.84 -17.59
N ASP C 262 13.80 -22.70 -16.56
CA ASP C 262 13.56 -24.14 -16.72
C ASP C 262 12.13 -24.57 -16.42
N ASN C 263 11.23 -23.58 -16.39
CA ASN C 263 9.81 -23.81 -16.06
C ASN C 263 9.53 -24.27 -14.65
N HIS C 264 10.51 -24.12 -13.75
CA HIS C 264 10.19 -24.26 -12.32
C HIS C 264 9.23 -23.12 -11.93
N ARG C 265 8.16 -23.48 -11.25
CA ARG C 265 7.13 -22.55 -10.87
C ARG C 265 7.42 -21.97 -9.50
N ILE C 266 7.35 -20.65 -9.43
CA ILE C 266 7.57 -19.91 -8.20
C ILE C 266 6.28 -19.16 -7.87
N GLU C 267 5.80 -19.32 -6.64
CA GLU C 267 4.69 -18.54 -6.13
C GLU C 267 5.22 -17.39 -5.31
N ILE C 268 4.63 -16.21 -5.52
CA ILE C 268 4.81 -15.09 -4.63
C ILE C 268 3.50 -14.89 -3.85
N TYR C 269 3.60 -14.66 -2.55
CA TYR C 269 2.53 -14.93 -1.59
C TYR C 269 2.61 -13.88 -0.48
N THR C 270 1.48 -13.39 -0.01
CA THR C 270 1.48 -12.58 1.22
C THR C 270 0.15 -12.65 1.96
N GLN C 271 0.23 -12.56 3.29
CA GLN C 271 -0.92 -12.30 4.15
C GLN C 271 -1.93 -13.42 4.26
N ASP C 272 -1.42 -14.62 4.40
CA ASP C 272 -2.23 -15.66 5.10
C ASP C 272 -2.36 -15.42 6.63
N TYR C 273 -2.92 -16.39 7.36
CA TYR C 273 -3.35 -16.19 8.73
C TYR C 273 -2.64 -17.18 9.68
N TYR C 274 -2.80 -16.94 10.99
CA TYR C 274 -2.11 -17.72 12.03
C TYR C 274 -2.80 -19.05 12.27
N THR C 275 -2.00 -20.12 12.28
CA THR C 275 -2.52 -21.49 12.41
C THR C 275 -1.93 -22.25 13.61
N GLY C 276 -1.18 -21.54 14.45
CA GLY C 276 -0.37 -22.18 15.48
C GLY C 276 -1.09 -22.89 16.61
N ASP C 277 -2.36 -22.57 16.85
CA ASP C 277 -3.08 -23.23 17.95
C ASP C 277 -3.41 -24.67 17.49
N PRO C 278 -3.37 -25.63 18.41
CA PRO C 278 -3.45 -27.03 17.98
C PRO C 278 -4.86 -27.44 17.51
N ASP C 279 -5.88 -26.67 17.91
CA ASP C 279 -7.26 -26.85 17.44
C ASP C 279 -7.66 -25.79 16.42
N ASN C 280 -6.66 -25.21 15.76
CA ASN C 280 -6.91 -24.37 14.62
C ASN C 280 -8.00 -24.96 13.70
N PRO C 281 -9.06 -24.18 13.43
CA PRO C 281 -10.18 -24.77 12.67
C PRO C 281 -9.76 -25.09 11.23
N THR C 282 -10.02 -26.31 10.80
N THR C 282 -9.94 -26.35 10.83
CA THR C 282 -9.67 -26.80 9.48
CA THR C 282 -9.71 -26.75 9.46
C THR C 282 -10.79 -26.45 8.49
C THR C 282 -10.78 -26.13 8.58
N ILE C 283 -10.43 -25.92 7.32
CA ILE C 283 -11.39 -25.44 6.34
C ILE C 283 -11.39 -26.39 5.14
N THR C 284 -12.56 -26.94 4.83
CA THR C 284 -12.71 -27.79 3.65
C THR C 284 -13.59 -27.09 2.61
N TRP C 285 -13.08 -26.95 1.40
CA TRP C 285 -13.80 -26.34 0.29
C TRP C 285 -14.27 -27.44 -0.64
N ASN C 286 -15.40 -27.20 -1.28
CA ASN C 286 -15.88 -28.08 -2.32
C ASN C 286 -15.16 -27.77 -3.62
N VAL C 287 -14.75 -28.83 -4.32
CA VAL C 287 -14.00 -28.69 -5.57
C VAL C 287 -14.72 -27.87 -6.64
N HIS C 288 -16.06 -27.83 -6.62
CA HIS C 288 -16.81 -27.07 -7.60
C HIS C 288 -17.05 -25.61 -7.24
N ASP C 289 -16.54 -25.19 -6.08
CA ASP C 289 -16.64 -23.80 -5.66
C ASP C 289 -15.63 -22.97 -6.43
N ASN C 290 -16.11 -22.10 -7.32
CA ASN C 290 -15.22 -21.31 -8.18
C ASN C 290 -14.47 -20.18 -7.45
N GLN C 291 -14.73 -20.00 -6.15
CA GLN C 291 -13.93 -19.09 -5.32
C GLN C 291 -12.89 -19.79 -4.45
N ARG C 292 -12.73 -21.10 -4.59
CA ARG C 292 -11.85 -21.87 -3.67
C ARG C 292 -10.35 -21.59 -3.94
N ARG C 293 -10.00 -21.37 -5.21
CA ARG C 293 -8.61 -21.20 -5.59
C ARG C 293 -8.37 -19.71 -5.80
N ASP C 294 -8.98 -19.15 -6.83
CA ASP C 294 -9.06 -17.68 -6.96
C ASP C 294 -10.38 -17.21 -6.38
N TRP C 295 -10.29 -16.43 -5.32
CA TRP C 295 -11.46 -15.92 -4.59
C TRP C 295 -12.33 -15.02 -5.44
N TRP C 296 -11.73 -14.38 -6.45
CA TRP C 296 -12.45 -13.48 -7.36
C TRP C 296 -13.08 -14.23 -8.52
N GLY C 297 -12.89 -15.56 -8.55
CA GLY C 297 -13.48 -16.39 -9.59
C GLY C 297 -12.75 -16.39 -10.91
N ASN C 298 -11.53 -15.83 -10.97
CA ASN C 298 -10.76 -15.94 -12.19
C ASN C 298 -10.42 -17.40 -12.49
N PRO C 299 -10.39 -17.76 -13.78
CA PRO C 299 -10.22 -19.17 -14.10
C PRO C 299 -8.78 -19.64 -13.83
N VAL C 300 -8.63 -20.91 -13.48
CA VAL C 300 -7.30 -21.53 -13.28
C VAL C 300 -6.85 -22.09 -14.61
N VAL C 301 -5.76 -21.54 -15.14
CA VAL C 301 -5.21 -21.99 -16.42
C VAL C 301 -4.83 -23.49 -16.34
N PRO C 302 -5.07 -24.25 -17.43
CA PRO C 302 -4.85 -25.70 -17.32
C PRO C 302 -3.42 -26.12 -16.99
N SER C 303 -2.44 -25.35 -17.45
CA SER C 303 -1.03 -25.62 -17.15
C SER C 303 -0.75 -25.67 -15.66
N TRP C 304 -1.51 -24.91 -14.87
CA TRP C 304 -1.37 -24.94 -13.42
C TRP C 304 -1.67 -26.33 -12.87
N TYR C 305 -2.65 -27.00 -13.47
CA TYR C 305 -2.99 -28.35 -13.07
C TYR C 305 -2.11 -29.44 -13.66
N THR C 306 -1.55 -29.21 -14.84
CA THR C 306 -0.88 -30.31 -15.54
C THR C 306 0.66 -30.24 -15.48
N GLU C 307 1.25 -29.06 -15.34
CA GLU C 307 2.70 -28.89 -15.41
C GLU C 307 3.32 -28.75 -14.01
N ALA C 308 4.45 -29.44 -13.83
CA ALA C 308 5.18 -29.41 -12.59
C ALA C 308 6.59 -29.97 -12.83
N SER C 309 7.50 -29.72 -11.89
CA SER C 309 8.90 -30.05 -12.08
C SER C 309 9.16 -31.52 -11.72
N LYS C 310 10.05 -32.13 -12.49
CA LYS C 310 10.66 -33.40 -12.12
C LYS C 310 11.33 -33.31 -10.77
N VAL C 311 11.39 -34.45 -10.06
CA VAL C 311 12.26 -34.55 -8.89
C VAL C 311 13.28 -35.65 -9.04
N LEU C 312 14.41 -35.48 -8.35
CA LEU C 312 15.52 -36.46 -8.42
C LEU C 312 15.54 -37.40 -7.23
N ASP C 313 16.09 -38.59 -7.47
CA ASP C 313 16.50 -39.50 -6.39
C ASP C 313 17.89 -39.14 -5.86
N LEU C 314 18.40 -39.91 -4.91
CA LEU C 314 19.67 -39.55 -4.26
C LEU C 314 20.88 -39.74 -5.17
N ASP C 315 20.70 -40.51 -6.26
CA ASP C 315 21.73 -40.62 -7.30
C ASP C 315 21.71 -39.49 -8.32
N GLY C 316 20.71 -38.62 -8.22
CA GLY C 316 20.51 -37.57 -9.17
C GLY C 316 19.76 -37.94 -10.44
N ASN C 317 19.14 -39.12 -10.45
CA ASN C 317 18.27 -39.50 -11.53
C ASN C 317 16.81 -39.13 -11.31
N VAL C 318 16.12 -38.87 -12.40
CA VAL C 318 14.75 -38.43 -12.36
C VAL C 318 13.89 -39.57 -11.80
N GLN C 319 13.02 -39.23 -10.85
CA GLN C 319 12.09 -40.18 -10.26
C GLN C 319 10.99 -40.51 -11.22
N GLU C 320 10.70 -41.81 -11.37
CA GLU C 320 9.57 -42.26 -12.17
C GLU C 320 8.25 -41.73 -11.59
N ILE C 321 7.32 -41.43 -12.48
CA ILE C 321 6.07 -40.82 -12.13
C ILE C 321 4.95 -41.89 -12.08
N ILE C 322 4.09 -41.76 -11.07
CA ILE C 322 2.92 -42.62 -10.89
C ILE C 322 1.69 -41.77 -11.22
N GLU C 323 0.83 -42.31 -12.08
CA GLU C 323 -0.37 -41.58 -12.52
C GLU C 323 -1.46 -41.63 -11.45
N ARG C 324 -2.09 -40.49 -11.21
CA ARG C 324 -3.23 -40.40 -10.30
C ARG C 324 -4.41 -41.17 -10.89
N THR C 325 -5.05 -41.99 -10.05
CA THR C 325 -6.25 -42.72 -10.46
C THR C 325 -7.55 -42.07 -9.89
N ASP C 326 -7.43 -41.32 -8.81
CA ASP C 326 -8.56 -40.52 -8.31
C ASP C 326 -8.97 -39.47 -9.37
N ASP C 327 -10.18 -38.93 -9.23
CA ASP C 327 -10.67 -37.89 -10.13
C ASP C 327 -9.73 -36.66 -10.18
N SER C 328 -9.72 -36.02 -11.36
CA SER C 328 -8.84 -34.89 -11.65
C SER C 328 -9.60 -33.60 -11.38
N GLU C 329 -8.99 -32.70 -10.62
CA GLU C 329 -9.61 -31.40 -10.35
C GLU C 329 -9.85 -30.62 -11.63
N LEU C 330 -8.89 -30.65 -12.56
CA LEU C 330 -9.06 -30.01 -13.86
C LEU C 330 -10.34 -30.53 -14.53
N GLU C 331 -10.47 -31.84 -14.60
CA GLU C 331 -11.57 -32.43 -15.37
C GLU C 331 -12.93 -32.12 -14.76
N VAL C 332 -13.02 -32.18 -13.43
CA VAL C 332 -14.32 -32.00 -12.77
C VAL C 332 -14.75 -30.53 -12.66
N THR C 333 -13.84 -29.58 -12.95
CA THR C 333 -14.16 -28.14 -12.85
C THR C 333 -14.17 -27.38 -14.18
N ILE C 334 -13.18 -27.64 -15.04
CA ILE C 334 -13.04 -26.85 -16.28
C ILE C 334 -12.98 -27.68 -17.55
N GLY C 335 -12.94 -29.01 -17.42
CA GLY C 335 -13.00 -29.91 -18.57
C GLY C 335 -14.39 -29.96 -19.16
N ALA C 336 -14.54 -30.79 -20.18
CA ALA C 336 -15.78 -30.87 -20.95
C ALA C 336 -16.97 -31.35 -20.13
N ASP C 337 -16.72 -32.19 -19.12
CA ASP C 337 -17.79 -32.68 -18.24
C ASP C 337 -17.74 -32.03 -16.84
N GLY C 338 -17.02 -30.91 -16.74
CA GLY C 338 -16.77 -30.27 -15.46
C GLY C 338 -17.77 -29.18 -15.20
N PHE C 339 -17.82 -28.72 -13.96
CA PHE C 339 -18.55 -27.53 -13.66
C PHE C 339 -18.03 -26.86 -12.39
N SER C 340 -18.38 -25.58 -12.28
CA SER C 340 -18.16 -24.84 -11.04
C SER C 340 -19.29 -23.85 -10.80
N PHE C 341 -19.43 -23.40 -9.55
CA PHE C 341 -20.44 -22.41 -9.18
C PHE C 341 -19.84 -21.21 -8.46
N THR C 342 -20.55 -20.09 -8.53
CA THR C 342 -20.27 -18.92 -7.69
C THR C 342 -21.03 -19.03 -6.38
N ARG C 343 -22.33 -19.31 -6.48
CA ARG C 343 -23.18 -19.56 -5.33
C ARG C 343 -23.72 -20.98 -5.44
N ALA C 344 -23.53 -21.78 -4.39
CA ALA C 344 -23.92 -23.19 -4.43
C ALA C 344 -25.43 -23.29 -4.73
N GLY C 345 -25.79 -24.10 -5.70
CA GLY C 345 -27.20 -24.29 -6.07
C GLY C 345 -27.78 -23.24 -7.01
N ASP C 346 -26.95 -22.28 -7.46
CA ASP C 346 -27.42 -21.22 -8.36
C ASP C 346 -26.76 -21.40 -9.75
N GLU C 347 -27.58 -21.61 -10.78
CA GLU C 347 -27.07 -21.75 -12.15
C GLU C 347 -26.54 -20.45 -12.72
N ASP C 348 -27.11 -19.33 -12.26
CA ASP C 348 -26.52 -18.04 -12.56
C ASP C 348 -25.15 -17.89 -11.89
N GLY C 349 -24.14 -17.56 -12.69
CA GLY C 349 -22.74 -17.57 -12.24
C GLY C 349 -22.12 -18.96 -12.13
N SER C 350 -22.75 -19.95 -12.74
CA SER C 350 -22.17 -21.28 -12.82
C SER C 350 -21.59 -21.49 -14.20
N TYR C 351 -20.65 -22.42 -14.31
CA TYR C 351 -19.94 -22.67 -15.54
C TYR C 351 -19.92 -24.17 -15.80
N HIS C 352 -20.30 -24.56 -17.01
CA HIS C 352 -20.41 -25.98 -17.34
C HIS C 352 -19.61 -26.24 -18.58
N GLY C 353 -18.65 -27.16 -18.48
CA GLY C 353 -17.87 -27.62 -19.63
C GLY C 353 -16.92 -26.54 -20.15
N GLN C 354 -16.73 -25.51 -19.32
CA GLN C 354 -15.71 -24.49 -19.58
C GLN C 354 -15.35 -23.80 -18.28
N ALA C 355 -14.38 -22.91 -18.38
CA ALA C 355 -13.92 -22.16 -17.22
C ALA C 355 -14.77 -20.89 -17.07
N SER C 356 -14.52 -20.15 -16.00
CA SER C 356 -15.17 -18.88 -15.73
C SER C 356 -14.76 -17.78 -16.69
N LYS C 357 -15.52 -16.68 -16.62
CA LYS C 357 -15.21 -15.39 -17.24
C LYS C 357 -15.31 -15.40 -18.77
N GLY C 358 -15.71 -16.52 -19.37
CA GLY C 358 -15.98 -16.59 -20.81
C GLY C 358 -14.92 -17.31 -21.63
N PHE C 359 -14.06 -18.08 -20.95
CA PHE C 359 -12.98 -18.85 -21.60
C PHE C 359 -13.26 -20.35 -21.62
N LYS C 360 -12.86 -20.99 -22.73
CA LYS C 360 -12.70 -22.45 -22.83
C LYS C 360 -11.23 -22.85 -22.78
N ILE D 5 14.45 -14.78 41.22
CA ILE D 5 13.31 -15.74 41.11
C ILE D 5 13.82 -17.12 40.66
N PRO D 6 13.68 -18.14 41.53
CA PRO D 6 14.27 -19.44 41.18
C PRO D 6 13.52 -20.15 40.06
N LYS D 7 14.21 -21.03 39.34
CA LYS D 7 13.57 -21.95 38.38
C LYS D 7 12.93 -23.08 39.15
N PRO D 8 11.60 -23.25 39.03
CA PRO D 8 10.95 -24.42 39.64
C PRO D 8 11.45 -25.74 39.11
N VAL D 9 11.35 -26.78 39.95
CA VAL D 9 11.49 -28.16 39.55
C VAL D 9 10.34 -28.57 38.63
N ALA D 10 9.12 -28.14 38.99
CA ALA D 10 7.92 -28.38 38.18
C ALA D 10 8.09 -27.81 36.78
N PRO D 11 7.66 -28.57 35.75
CA PRO D 11 7.81 -28.10 34.37
C PRO D 11 6.92 -26.90 34.07
N ALA D 12 7.44 -26.00 33.24
CA ALA D 12 6.67 -24.85 32.80
C ALA D 12 5.51 -25.32 31.91
N PRO D 13 4.36 -24.65 32.00
CA PRO D 13 3.31 -24.86 30.99
C PRO D 13 3.80 -24.49 29.60
N ASP D 14 3.34 -25.23 28.59
CA ASP D 14 3.64 -24.90 27.20
C ASP D 14 2.69 -23.78 26.75
N ILE D 15 3.23 -22.58 26.64
CA ILE D 15 2.46 -21.41 26.27
C ILE D 15 2.49 -21.27 24.74
N LEU D 16 1.31 -21.12 24.14
CA LEU D 16 1.21 -20.92 22.68
C LEU D 16 1.48 -19.48 22.28
N ARG D 17 0.82 -18.56 22.96
CA ARG D 17 0.71 -17.17 22.51
C ARG D 17 -0.05 -16.33 23.53
N CYS D 18 0.16 -15.02 23.50
CA CYS D 18 -0.83 -14.09 24.05
C CYS D 18 -2.17 -14.29 23.38
N ALA D 19 -3.23 -14.20 24.18
CA ALA D 19 -4.58 -14.52 23.71
C ALA D 19 -5.61 -13.43 23.94
N TYR D 20 -5.67 -12.87 25.15
CA TYR D 20 -6.58 -11.73 25.37
C TYR D 20 -6.14 -10.96 26.58
N ALA D 21 -6.64 -9.72 26.70
CA ALA D 21 -6.52 -8.96 27.93
C ALA D 21 -7.89 -8.57 28.43
N GLU D 22 -8.03 -8.57 29.75
CA GLU D 22 -9.20 -7.99 30.39
C GLU D 22 -8.80 -6.64 30.99
N LEU D 23 -9.41 -5.58 30.46
CA LEU D 23 -9.21 -4.22 30.91
C LEU D 23 -10.45 -3.75 31.63
N VAL D 24 -10.26 -3.19 32.82
CA VAL D 24 -11.32 -2.49 33.51
C VAL D 24 -11.41 -1.08 32.96
N VAL D 25 -12.64 -0.69 32.65
CA VAL D 25 -12.95 0.60 32.08
C VAL D 25 -14.06 1.22 32.92
N THR D 26 -14.06 2.55 32.97
CA THR D 26 -14.95 3.29 33.86
C THR D 26 -16.31 3.60 33.22
N ASP D 27 -16.32 3.81 31.91
CA ASP D 27 -17.56 4.12 31.18
C ASP D 27 -17.64 3.19 29.98
N LEU D 28 -18.46 2.16 30.11
CA LEU D 28 -18.51 1.09 29.14
C LEU D 28 -18.94 1.61 27.76
N ALA D 29 -19.87 2.55 27.70
CA ALA D 29 -20.33 3.11 26.43
C ALA D 29 -19.25 3.91 25.71
N LYS D 30 -18.52 4.75 26.44
CA LYS D 30 -17.43 5.51 25.80
C LYS D 30 -16.34 4.58 25.33
N SER D 31 -16.04 3.53 26.10
CA SER D 31 -15.05 2.54 25.68
C SER D 31 -15.52 1.76 24.45
N ARG D 32 -16.80 1.38 24.41
CA ARG D 32 -17.35 0.74 23.21
C ARG D 32 -17.19 1.62 21.98
N ASN D 33 -17.47 2.90 22.14
CA ASN D 33 -17.33 3.82 21.02
C ASN D 33 -15.91 3.77 20.45
N PHE D 34 -14.93 3.73 21.34
CA PHE D 34 -13.53 3.76 20.92
C PHE D 34 -13.18 2.43 20.24
N TYR D 35 -13.46 1.32 20.88
CA TYR D 35 -12.96 0.03 20.38
C TYR D 35 -13.77 -0.52 19.21
N VAL D 36 -15.08 -0.25 19.18
CA VAL D 36 -15.93 -0.72 18.12
C VAL D 36 -16.08 0.33 17.02
N ASP D 37 -16.54 1.53 17.36
CA ASP D 37 -16.83 2.52 16.33
C ASP D 37 -15.58 3.16 15.74
N VAL D 38 -14.58 3.44 16.57
CA VAL D 38 -13.35 4.04 16.04
C VAL D 38 -12.48 2.93 15.45
N LEU D 39 -12.18 1.90 16.24
CA LEU D 39 -11.19 0.89 15.87
C LEU D 39 -11.73 -0.32 15.11
N GLY D 40 -13.03 -0.53 15.16
CA GLY D 40 -13.64 -1.57 14.34
C GLY D 40 -13.52 -3.00 14.83
N LEU D 41 -13.19 -3.21 16.09
CA LEU D 41 -13.14 -4.57 16.62
C LEU D 41 -14.54 -5.17 16.60
N HIS D 42 -14.59 -6.51 16.63
CA HIS D 42 -15.83 -7.24 16.42
C HIS D 42 -16.39 -7.76 17.72
N VAL D 43 -17.69 -7.58 17.92
CA VAL D 43 -18.34 -7.97 19.18
C VAL D 43 -18.65 -9.46 19.17
N SER D 44 -18.12 -10.20 20.16
CA SER D 44 -18.47 -11.61 20.39
C SER D 44 -19.59 -11.80 21.42
N TYR D 45 -19.66 -10.89 22.38
CA TYR D 45 -20.74 -10.88 23.38
C TYR D 45 -20.71 -9.51 24.02
N GLU D 46 -21.87 -8.99 24.39
CA GLU D 46 -21.88 -7.85 25.30
C GLU D 46 -23.13 -7.79 26.15
N ASP D 47 -22.99 -7.16 27.30
CA ASP D 47 -24.14 -6.81 28.15
C ASP D 47 -23.84 -5.49 28.85
N GLU D 48 -24.60 -5.18 29.89
CA GLU D 48 -24.43 -3.94 30.63
C GLU D 48 -23.10 -3.90 31.39
N ASN D 49 -22.48 -5.06 31.62
CA ASN D 49 -21.28 -5.16 32.47
C ASN D 49 -19.97 -5.29 31.67
N GLN D 50 -20.04 -5.90 30.49
CA GLN D 50 -18.84 -6.29 29.75
C GLN D 50 -19.07 -6.19 28.26
N ILE D 51 -17.96 -5.98 27.53
CA ILE D 51 -17.94 -6.12 26.08
C ILE D 51 -16.78 -7.03 25.72
N TYR D 52 -17.08 -8.06 24.94
CA TYR D 52 -16.10 -9.04 24.47
C TYR D 52 -15.83 -8.79 22.99
N LEU D 53 -14.55 -8.60 22.64
CA LEU D 53 -14.16 -8.12 21.32
C LEU D 53 -13.12 -9.03 20.74
N ARG D 54 -13.14 -9.18 19.41
CA ARG D 54 -12.11 -9.93 18.74
C ARG D 54 -11.67 -9.26 17.47
N SER D 55 -10.48 -9.65 17.04
CA SER D 55 -9.90 -9.14 15.81
C SER D 55 -10.44 -9.92 14.59
N PHE D 56 -10.09 -9.43 13.40
CA PHE D 56 -10.67 -9.92 12.15
C PHE D 56 -10.37 -11.40 11.88
N GLU D 57 -9.18 -11.86 12.27
CA GLU D 57 -8.75 -13.22 11.91
C GLU D 57 -8.87 -14.22 13.06
N GLU D 58 -9.42 -13.78 14.18
CA GLU D 58 -9.47 -14.64 15.38
C GLU D 58 -10.61 -15.68 15.32
N PHE D 59 -10.33 -16.88 15.84
CA PHE D 59 -11.35 -17.92 16.01
C PHE D 59 -11.67 -18.24 17.47
N ILE D 60 -10.77 -17.94 18.43
CA ILE D 60 -11.15 -18.06 19.84
C ILE D 60 -12.15 -16.95 20.21
N HIS D 61 -12.77 -17.07 21.37
CA HIS D 61 -13.95 -16.27 21.63
C HIS D 61 -13.69 -14.75 21.62
N HIS D 62 -12.54 -14.30 22.13
CA HIS D 62 -12.24 -12.88 22.20
C HIS D 62 -10.73 -12.65 22.35
N ASN D 63 -10.32 -11.42 22.00
CA ASN D 63 -8.98 -10.90 22.28
C ASN D 63 -8.95 -9.78 23.32
N LEU D 64 -10.11 -9.24 23.67
CA LEU D 64 -10.19 -8.11 24.59
C LEU D 64 -11.54 -8.18 25.30
N VAL D 65 -11.51 -8.09 26.62
CA VAL D 65 -12.70 -8.00 27.43
C VAL D 65 -12.65 -6.66 28.14
N LEU D 66 -13.67 -5.86 27.92
CA LEU D 66 -13.83 -4.57 28.60
C LEU D 66 -14.83 -4.78 29.72
N THR D 67 -14.36 -4.61 30.96
CA THR D 67 -15.18 -4.89 32.13
C THR D 67 -15.42 -3.59 32.86
N LYS D 68 -16.68 -3.23 33.08
CA LYS D 68 -16.97 -2.01 33.81
C LYS D 68 -16.54 -2.16 35.27
N GLY D 69 -15.87 -1.14 35.78
CA GLY D 69 -15.44 -1.13 37.18
C GLY D 69 -15.06 0.27 37.62
N PRO D 70 -14.77 0.41 38.92
CA PRO D 70 -14.55 1.76 39.45
C PRO D 70 -13.20 2.38 39.09
N VAL D 71 -12.19 1.54 38.88
CA VAL D 71 -10.83 2.02 38.68
C VAL D 71 -10.27 1.32 37.45
N ALA D 72 -9.98 2.11 36.42
CA ALA D 72 -9.42 1.58 35.19
C ALA D 72 -8.06 0.98 35.44
N ALA D 73 -7.82 -0.21 34.90
CA ALA D 73 -6.66 -1.04 35.19
C ALA D 73 -6.68 -2.29 34.32
N LEU D 74 -5.52 -2.92 34.21
CA LEU D 74 -5.45 -4.27 33.70
C LEU D 74 -5.92 -5.23 34.78
N LYS D 75 -6.89 -6.08 34.44
CA LYS D 75 -7.32 -7.14 35.37
C LYS D 75 -6.67 -8.49 35.08
N ALA D 76 -6.44 -8.81 33.80
CA ALA D 76 -5.70 -10.03 33.47
C ALA D 76 -5.10 -9.94 32.10
N MET D 77 -3.87 -10.40 31.96
N MET D 77 -3.84 -10.38 32.01
CA MET D 77 -3.31 -10.68 30.65
CA MET D 77 -3.17 -10.73 30.74
C MET D 77 -3.20 -12.20 30.48
C MET D 77 -3.28 -12.24 30.56
N ALA D 78 -3.92 -12.70 29.48
CA ALA D 78 -4.11 -14.12 29.30
C ALA D 78 -3.30 -14.71 28.16
N PHE D 79 -2.71 -15.86 28.47
CA PHE D 79 -1.96 -16.68 27.52
C PHE D 79 -2.67 -18.02 27.33
N ARG D 80 -2.79 -18.44 26.07
CA ARG D 80 -3.35 -19.75 25.79
C ARG D 80 -2.24 -20.77 25.87
N VAL D 81 -2.50 -21.90 26.54
CA VAL D 81 -1.54 -23.01 26.60
C VAL D 81 -1.94 -24.14 25.68
N ARG D 82 -1.02 -25.08 25.43
CA ARG D 82 -1.16 -26.03 24.33
C ARG D 82 -2.23 -27.09 24.60
N THR D 83 -2.36 -27.52 25.85
CA THR D 83 -3.28 -28.61 26.21
C THR D 83 -4.00 -28.28 27.52
N PRO D 84 -5.12 -28.95 27.79
CA PRO D 84 -5.77 -28.84 29.09
C PRO D 84 -4.83 -29.10 30.25
N GLU D 85 -3.94 -30.07 30.09
CA GLU D 85 -2.98 -30.48 31.12
C GLU D 85 -1.99 -29.37 31.46
N ASP D 86 -1.71 -28.48 30.50
CA ASP D 86 -0.82 -27.36 30.74
C ASP D 86 -1.36 -26.37 31.77
N VAL D 87 -2.68 -26.31 31.93
CA VAL D 87 -3.26 -25.47 32.98
C VAL D 87 -2.92 -26.02 34.37
N ASP D 88 -3.01 -27.35 34.54
CA ASP D 88 -2.50 -28.00 35.74
C ASP D 88 -0.99 -27.71 35.93
N LYS D 89 -0.23 -27.74 34.85
CA LYS D 89 1.20 -27.45 34.97
C LYS D 89 1.43 -26.02 35.42
N ALA D 90 0.67 -25.08 34.87
CA ALA D 90 0.78 -23.66 35.29
C ALA D 90 0.51 -23.53 36.79
N GLU D 91 -0.50 -24.24 37.28
CA GLU D 91 -0.87 -24.15 38.67
C GLU D 91 0.24 -24.64 39.58
N ALA D 92 0.81 -25.80 39.25
CA ALA D 92 1.92 -26.36 40.05
C ALA D 92 3.17 -25.49 39.96
N TYR D 93 3.41 -24.89 38.79
CA TYR D 93 4.59 -24.05 38.59
C TYR D 93 4.53 -22.81 39.49
N TYR D 94 3.40 -22.11 39.46
CA TYR D 94 3.27 -20.88 40.23
C TYR D 94 3.09 -21.13 41.73
N GLN D 95 2.52 -22.29 42.10
CA GLN D 95 2.52 -22.70 43.50
C GLN D 95 3.92 -22.92 44.03
N GLU D 96 4.79 -23.56 43.24
CA GLU D 96 6.18 -23.72 43.63
C GLU D 96 6.92 -22.37 43.73
N LEU D 97 6.57 -21.42 42.87
CA LEU D 97 7.12 -20.06 42.97
C LEU D 97 6.60 -19.33 44.21
N GLY D 98 5.55 -19.84 44.85
CA GLY D 98 5.01 -19.21 46.05
C GLY D 98 4.04 -18.10 45.71
N CYS D 99 3.48 -18.14 44.50
CA CYS D 99 2.55 -17.11 44.07
C CYS D 99 1.12 -17.48 44.42
N ARG D 100 0.33 -16.44 44.65
CA ARG D 100 -1.10 -16.59 44.83
C ARG D 100 -1.76 -17.01 43.52
N THR D 101 -2.55 -18.09 43.60
CA THR D 101 -3.28 -18.59 42.44
C THR D 101 -4.75 -18.77 42.76
N GLU D 102 -5.55 -18.68 41.69
CA GLU D 102 -6.96 -19.02 41.72
C GLU D 102 -7.35 -19.75 40.44
N ARG D 103 -8.00 -20.90 40.62
CA ARG D 103 -8.41 -21.79 39.53
C ARG D 103 -9.93 -21.76 39.44
N ARG D 104 -10.45 -21.57 38.24
CA ARG D 104 -11.87 -21.77 38.00
C ARG D 104 -12.10 -22.72 36.84
N LYS D 105 -12.72 -23.85 37.16
CA LYS D 105 -13.01 -24.91 36.19
C LYS D 105 -13.84 -24.44 35.02
N ASP D 106 -14.67 -23.41 35.25
CA ASP D 106 -15.56 -22.89 34.21
C ASP D 106 -15.24 -21.43 33.80
N GLY D 107 -14.04 -20.99 34.14
CA GLY D 107 -13.51 -19.72 33.65
C GLY D 107 -13.83 -18.50 34.49
N PHE D 108 -13.08 -17.43 34.23
CA PHE D 108 -13.30 -16.10 34.85
C PHE D 108 -14.17 -15.17 34.00
N VAL D 109 -14.08 -15.35 32.68
CA VAL D 109 -14.87 -14.57 31.72
C VAL D 109 -15.54 -15.53 30.75
N LYS D 110 -16.58 -15.03 30.10
CA LYS D 110 -17.34 -15.80 29.14
C LYS D 110 -16.46 -16.25 27.98
N GLY D 111 -16.72 -17.44 27.47
CA GLY D 111 -16.00 -17.98 26.33
C GLY D 111 -14.66 -18.59 26.66
N ILE D 112 -14.27 -18.57 27.93
CA ILE D 112 -13.08 -19.29 28.42
C ILE D 112 -13.56 -20.37 29.40
N GLY D 113 -12.96 -21.56 29.31
CA GLY D 113 -13.27 -22.66 30.21
C GLY D 113 -12.28 -22.67 31.36
N ASP D 114 -11.83 -23.88 31.72
CA ASP D 114 -10.89 -24.07 32.81
C ASP D 114 -9.69 -23.10 32.72
N ALA D 115 -9.51 -22.29 33.75
CA ALA D 115 -8.55 -21.19 33.74
C ALA D 115 -7.90 -20.98 35.09
N LEU D 116 -6.61 -20.66 35.06
CA LEU D 116 -5.83 -20.33 36.24
C LEU D 116 -5.42 -18.86 36.15
N ARG D 117 -5.77 -18.07 37.15
CA ARG D 117 -5.17 -16.75 37.33
C ARG D 117 -4.18 -16.72 38.48
N VAL D 118 -3.12 -15.94 38.28
CA VAL D 118 -2.01 -15.88 39.24
C VAL D 118 -1.59 -14.42 39.40
N GLU D 119 -1.21 -14.04 40.62
CA GLU D 119 -0.38 -12.87 40.86
C GLU D 119 1.08 -13.27 40.70
N ASP D 120 1.71 -12.87 39.58
CA ASP D 120 2.99 -13.45 39.25
C ASP D 120 4.11 -12.76 40.05
N PRO D 121 5.35 -13.25 39.93
CA PRO D 121 6.43 -12.71 40.77
C PRO D 121 6.72 -11.21 40.57
N LEU D 122 6.28 -10.66 39.45
CA LEU D 122 6.46 -9.24 39.15
C LEU D 122 5.22 -8.41 39.48
N GLY D 123 4.21 -9.05 40.08
CA GLY D 123 2.98 -8.37 40.47
C GLY D 123 1.90 -8.33 39.40
N PHE D 124 2.08 -9.07 38.30
CA PHE D 124 1.11 -9.01 37.19
C PHE D 124 0.09 -10.14 37.26
N PRO D 125 -1.17 -9.82 36.91
CA PRO D 125 -2.21 -10.83 36.85
C PRO D 125 -2.17 -11.56 35.51
N TYR D 126 -1.62 -12.76 35.53
CA TYR D 126 -1.58 -13.62 34.36
C TYR D 126 -2.73 -14.61 34.44
N GLU D 127 -3.30 -14.94 33.28
CA GLU D 127 -4.20 -16.08 33.14
C GLU D 127 -3.60 -17.09 32.17
N PHE D 128 -3.81 -18.36 32.49
CA PHE D 128 -3.50 -19.47 31.60
C PHE D 128 -4.73 -20.31 31.39
N PHE D 129 -5.01 -20.62 30.14
CA PHE D 129 -6.18 -21.42 29.77
C PHE D 129 -5.90 -22.18 28.48
N PHE D 130 -6.62 -23.29 28.31
CA PHE D 130 -6.75 -23.93 27.01
C PHE D 130 -8.14 -23.76 26.39
N GLU D 131 -9.14 -24.19 27.15
CA GLU D 131 -10.51 -24.29 26.68
C GLU D 131 -11.08 -22.92 26.36
N THR D 132 -11.59 -22.80 25.14
CA THR D 132 -12.29 -21.57 24.74
C THR D 132 -13.34 -21.89 23.69
N THR D 133 -14.43 -21.12 23.71
CA THR D 133 -15.51 -21.23 22.73
C THR D 133 -15.08 -20.64 21.39
N HIS D 134 -15.05 -21.46 20.35
CA HIS D 134 -14.77 -20.99 19.00
C HIS D 134 -15.94 -20.20 18.44
N VAL D 135 -15.60 -19.21 17.60
CA VAL D 135 -16.58 -18.32 17.00
C VAL D 135 -16.28 -18.26 15.49
N GLU D 136 -17.12 -17.55 14.73
CA GLU D 136 -16.91 -17.45 13.30
C GLU D 136 -15.59 -16.71 13.02
N ARG D 137 -14.67 -17.35 12.33
CA ARG D 137 -13.42 -16.69 12.00
C ARG D 137 -13.72 -15.73 10.84
N LEU D 138 -13.50 -14.44 11.03
CA LEU D 138 -13.99 -13.42 10.09
C LEU D 138 -12.96 -13.06 8.99
N HIS D 139 -11.92 -13.89 8.85
CA HIS D 139 -10.75 -13.52 8.04
C HIS D 139 -11.01 -13.26 6.55
N MET D 140 -12.11 -13.80 6.02
CA MET D 140 -12.51 -13.51 4.62
C MET D 140 -13.77 -12.68 4.50
N ARG D 141 -14.16 -12.04 5.60
CA ARG D 141 -15.39 -11.25 5.61
C ARG D 141 -15.08 -9.83 5.14
N TYR D 142 -14.72 -9.72 3.86
CA TYR D 142 -14.32 -8.44 3.31
C TYR D 142 -15.50 -7.47 3.14
N ASP D 143 -16.72 -7.98 3.28
CA ASP D 143 -17.90 -7.16 3.43
C ASP D 143 -17.93 -6.33 4.74
N LEU D 144 -17.16 -6.80 5.74
CA LEU D 144 -17.00 -6.12 7.02
C LEU D 144 -15.69 -5.34 7.13
N TYR D 145 -14.71 -5.65 6.27
CA TYR D 145 -13.34 -5.15 6.45
C TYR D 145 -13.28 -3.63 6.41
N SER D 146 -12.72 -3.02 7.44
N SER D 146 -12.67 -3.06 7.44
CA SER D 146 -12.54 -1.58 7.47
CA SER D 146 -12.44 -1.63 7.59
C SER D 146 -11.16 -1.20 6.96
C SER D 146 -11.12 -1.21 6.96
N ALA D 147 -11.06 0.03 6.50
CA ALA D 147 -9.80 0.58 6.00
C ALA D 147 -8.71 0.60 7.07
N GLY D 148 -9.11 0.51 8.34
CA GLY D 148 -8.13 0.36 9.45
C GLY D 148 -8.15 -0.96 10.18
N GLU D 149 -8.53 -2.05 9.49
CA GLU D 149 -8.89 -3.30 10.18
C GLU D 149 -7.77 -3.86 11.07
N LEU D 150 -8.11 -4.14 12.32
CA LEU D 150 -7.24 -4.86 13.24
C LEU D 150 -7.43 -6.36 13.07
N VAL D 151 -6.37 -7.04 12.69
CA VAL D 151 -6.49 -8.44 12.23
C VAL D 151 -6.10 -9.52 13.25
N ARG D 152 -5.19 -9.18 14.17
N ARG D 152 -5.14 -9.23 14.13
CA ARG D 152 -4.72 -10.08 15.22
CA ARG D 152 -4.71 -10.16 15.19
C ARG D 152 -4.46 -9.30 16.50
C ARG D 152 -4.35 -9.37 16.46
N LEU D 153 -4.50 -10.01 17.63
CA LEU D 153 -3.74 -9.60 18.82
C LEU D 153 -2.29 -10.05 18.68
N ASP D 154 -1.37 -9.13 18.86
CA ASP D 154 0.03 -9.46 18.71
C ASP D 154 0.77 -9.63 20.04
N HIS D 155 0.62 -8.70 20.99
CA HIS D 155 1.47 -8.76 22.19
C HIS D 155 1.02 -7.83 23.29
N PHE D 156 1.62 -8.05 24.45
CA PHE D 156 1.52 -7.15 25.59
C PHE D 156 2.89 -6.53 25.85
N ASN D 157 2.90 -5.41 26.58
CA ASN D 157 4.15 -4.82 27.07
C ASN D 157 3.94 -4.32 28.49
N GLN D 158 4.82 -4.78 29.37
CA GLN D 158 4.72 -4.59 30.83
C GLN D 158 5.81 -3.65 31.33
N VAL D 159 5.46 -2.76 32.25
CA VAL D 159 6.44 -1.90 32.92
C VAL D 159 6.84 -2.55 34.23
N THR D 160 8.14 -2.76 34.42
CA THR D 160 8.65 -3.41 35.62
C THR D 160 9.98 -2.78 35.97
N PRO D 161 10.34 -2.69 37.28
CA PRO D 161 11.50 -1.85 37.63
C PRO D 161 12.84 -2.49 37.33
N ASP D 162 12.90 -3.82 37.35
CA ASP D 162 14.16 -4.57 37.20
C ASP D 162 14.00 -5.54 36.01
N VAL D 163 14.52 -5.13 34.87
CA VAL D 163 14.28 -5.88 33.66
C VAL D 163 15.00 -7.23 33.68
N PRO D 164 16.29 -7.29 34.08
CA PRO D 164 16.91 -8.65 34.12
C PRO D 164 16.19 -9.67 35.02
N ARG D 165 15.65 -9.22 36.13
CA ARG D 165 14.94 -10.12 37.05
C ARG D 165 13.70 -10.69 36.35
N GLY D 166 12.96 -9.82 35.69
CA GLY D 166 11.82 -10.24 34.92
C GLY D 166 12.16 -11.13 33.73
N ARG D 167 13.25 -10.82 33.05
N ARG D 167 13.26 -10.80 33.04
CA ARG D 167 13.65 -11.54 31.86
CA ARG D 167 13.69 -11.53 31.86
C ARG D 167 14.00 -12.99 32.20
C ARG D 167 13.98 -12.98 32.20
N LYS D 168 14.75 -13.19 33.27
CA LYS D 168 15.15 -14.53 33.69
C LYS D 168 13.90 -15.39 34.01
N TYR D 169 12.95 -14.78 34.71
CA TYR D 169 11.69 -15.44 35.05
C TYR D 169 10.91 -15.84 33.81
N LEU D 170 10.79 -14.93 32.84
CA LEU D 170 10.10 -15.27 31.62
C LEU D 170 10.86 -16.31 30.80
N GLU D 171 12.19 -16.29 30.85
CA GLU D 171 12.96 -17.29 30.12
C GLU D 171 12.68 -18.69 30.70
N ASP D 172 12.59 -18.79 32.02
CA ASP D 172 12.26 -20.09 32.65
C ASP D 172 10.87 -20.58 32.26
N LEU D 173 9.97 -19.63 32.04
N LEU D 173 9.94 -19.63 32.07
CA LEU D 173 8.63 -19.89 31.54
CA LEU D 173 8.61 -19.91 31.52
C LEU D 173 8.57 -20.17 30.02
C LEU D 173 8.61 -20.40 30.07
N GLY D 174 9.72 -20.22 29.36
CA GLY D 174 9.84 -20.65 27.96
C GLY D 174 9.87 -19.54 26.91
N PHE D 175 9.74 -18.27 27.35
CA PHE D 175 9.83 -17.15 26.42
C PHE D 175 11.31 -17.00 26.01
N ARG D 176 11.56 -16.63 24.76
CA ARG D 176 12.93 -16.38 24.31
C ARG D 176 13.08 -14.90 23.95
N VAL D 177 14.16 -14.29 24.44
CA VAL D 177 14.45 -12.91 24.12
C VAL D 177 14.89 -12.79 22.67
N THR D 178 14.31 -11.80 22.01
CA THR D 178 14.61 -11.48 20.63
C THR D 178 15.46 -10.22 20.53
N GLU D 179 15.00 -9.14 21.14
CA GLU D 179 15.73 -7.90 21.14
C GLU D 179 15.75 -7.27 22.52
N ASP D 180 16.75 -6.43 22.76
CA ASP D 180 16.80 -5.63 23.99
C ASP D 180 17.53 -4.32 23.79
N ILE D 181 17.42 -3.45 24.80
CA ILE D 181 18.08 -2.15 24.82
C ILE D 181 18.92 -2.08 26.09
N GLN D 182 20.21 -1.82 25.94
CA GLN D 182 21.17 -1.73 27.07
C GLN D 182 22.05 -0.50 26.90
N ASP D 183 22.79 -0.13 27.93
CA ASP D 183 23.90 0.80 27.72
C ASP D 183 25.26 0.13 27.91
N ASP D 184 26.32 0.91 27.78
CA ASP D 184 27.66 0.36 27.84
C ASP D 184 28.10 0.01 29.26
N GLU D 185 27.36 0.50 30.26
CA GLU D 185 27.72 0.27 31.64
C GLU D 185 26.78 -0.75 32.29
N GLY D 186 26.13 -1.59 31.48
CA GLY D 186 25.48 -2.78 31.96
C GLY D 186 24.05 -2.67 32.44
N THR D 187 23.39 -1.54 32.17
CA THR D 187 21.98 -1.34 32.49
C THR D 187 21.12 -1.79 31.32
N THR D 188 20.03 -2.48 31.64
CA THR D 188 19.07 -2.95 30.68
C THR D 188 17.83 -2.09 30.85
N TYR D 189 17.33 -1.55 29.74
CA TYR D 189 16.17 -0.65 29.72
C TYR D 189 14.88 -1.31 29.23
N ALA D 190 15.00 -2.38 28.45
CA ALA D 190 13.84 -3.03 27.83
C ALA D 190 14.28 -4.34 27.20
N ALA D 191 13.35 -5.28 27.13
CA ALA D 191 13.55 -6.57 26.47
C ALA D 191 12.24 -7.06 25.89
N TRP D 192 12.35 -7.77 24.77
CA TRP D 192 11.20 -8.34 24.06
C TRP D 192 11.40 -9.83 24.02
N MET D 193 10.33 -10.58 24.22
CA MET D 193 10.42 -12.05 24.27
C MET D 193 9.14 -12.74 23.76
N HIS D 194 9.29 -13.94 23.23
CA HIS D 194 8.23 -14.53 22.44
C HIS D 194 8.05 -16.01 22.73
N ARG D 195 6.84 -16.47 22.42
CA ARG D 195 6.54 -17.90 22.24
C ARG D 195 6.12 -18.27 20.81
N LYS D 196 5.30 -17.44 20.16
CA LYS D 196 4.67 -17.80 18.89
C LYS D 196 5.47 -17.56 17.61
N GLY D 197 6.66 -17.02 17.70
CA GLY D 197 7.53 -16.91 16.51
C GLY D 197 7.46 -15.54 15.84
N THR D 198 6.97 -14.56 16.57
CA THR D 198 7.07 -13.16 16.21
C THR D 198 8.04 -12.50 17.19
N VAL D 199 8.26 -11.19 17.04
CA VAL D 199 9.26 -10.55 17.91
C VAL D 199 8.88 -10.58 19.39
N CYS D 200 7.60 -10.49 19.71
CA CYS D 200 7.21 -10.77 21.08
C CYS D 200 5.81 -11.23 21.28
N ASP D 201 5.60 -11.81 22.46
CA ASP D 201 4.28 -12.05 23.01
C ASP D 201 4.07 -11.21 24.26
N THR D 202 5.13 -11.06 25.06
CA THR D 202 5.17 -9.99 26.02
C THR D 202 6.56 -9.35 26.03
N ALA D 203 6.64 -8.20 26.64
CA ALA D 203 7.85 -7.41 26.60
C ALA D 203 7.92 -6.67 27.90
N LEU D 204 9.14 -6.31 28.29
CA LEU D 204 9.39 -5.62 29.54
C LEU D 204 10.00 -4.28 29.20
N THR D 205 9.40 -3.23 29.77
CA THR D 205 9.89 -1.88 29.72
C THR D 205 10.33 -1.48 31.13
N GLY D 206 11.59 -1.04 31.29
CA GLY D 206 12.05 -0.57 32.60
C GLY D 206 11.30 0.64 33.11
N GLY D 207 10.80 0.57 34.33
CA GLY D 207 10.07 1.72 34.91
C GLY D 207 9.39 1.30 36.19
N ASN D 208 8.73 2.24 36.83
CA ASN D 208 7.97 1.91 38.04
C ASN D 208 6.85 0.93 37.70
N GLY D 209 6.69 -0.13 38.49
CA GLY D 209 5.71 -1.15 38.17
C GLY D 209 5.33 -2.01 39.35
N PRO D 210 4.36 -2.92 39.17
CA PRO D 210 3.79 -3.34 37.88
C PRO D 210 2.79 -2.35 37.29
N ARG D 211 2.99 -2.03 36.01
CA ARG D 211 2.00 -1.32 35.22
C ARG D 211 1.97 -1.95 33.83
N LEU D 212 0.84 -1.83 33.16
CA LEU D 212 0.70 -2.32 31.79
C LEU D 212 1.00 -1.17 30.84
N HIS D 213 2.03 -1.36 30.01
CA HIS D 213 2.40 -0.32 29.07
C HIS D 213 1.40 -0.24 27.91
N HIS D 214 1.15 -1.36 27.24
CA HIS D 214 0.21 -1.39 26.13
C HIS D 214 -0.20 -2.81 25.79
N VAL D 215 -1.29 -2.89 25.03
CA VAL D 215 -1.71 -4.07 24.28
C VAL D 215 -1.59 -3.72 22.79
N ALA D 216 -1.04 -4.64 21.99
CA ALA D 216 -0.79 -4.40 20.57
C ALA D 216 -1.63 -5.33 19.69
N PHE D 217 -2.27 -4.70 18.69
CA PHE D 217 -2.98 -5.38 17.62
C PHE D 217 -2.28 -5.13 16.29
N SER D 218 -2.34 -6.13 15.40
N SER D 218 -2.37 -6.09 15.37
CA SER D 218 -1.75 -6.07 14.07
CA SER D 218 -1.70 -5.92 14.09
C SER D 218 -2.74 -5.55 13.04
C SER D 218 -2.69 -5.68 12.98
N THR D 219 -2.22 -5.00 11.94
CA THR D 219 -2.97 -4.81 10.70
C THR D 219 -2.25 -5.62 9.62
N HIS D 220 -2.88 -5.73 8.46
CA HIS D 220 -2.25 -6.36 7.31
C HIS D 220 -1.12 -5.50 6.74
N GLU D 221 -1.40 -4.23 6.54
CA GLU D 221 -0.49 -3.37 5.78
C GLU D 221 -0.30 -2.03 6.48
N LYS D 222 0.72 -1.32 6.05
CA LYS D 222 1.06 -0.04 6.68
C LYS D 222 -0.03 1.00 6.45
N HIS D 223 -0.66 0.97 5.28
CA HIS D 223 -1.72 1.94 4.98
C HIS D 223 -2.92 1.81 5.94
N ASN D 224 -3.11 0.63 6.53
CA ASN D 224 -4.17 0.46 7.50
C ASN D 224 -3.91 1.25 8.77
N ILE D 225 -2.65 1.32 9.18
CA ILE D 225 -2.25 2.16 10.31
C ILE D 225 -2.41 3.66 10.01
N ILE D 226 -2.00 4.06 8.81
N ILE D 226 -2.00 4.06 8.81
CA ILE D 226 -2.17 5.44 8.37
CA ILE D 226 -2.16 5.44 8.37
C ILE D 226 -3.64 5.84 8.44
C ILE D 226 -3.64 5.84 8.44
N GLN D 227 -4.51 4.95 7.99
CA GLN D 227 -5.96 5.21 8.04
C GLN D 227 -6.47 5.45 9.46
N ILE D 228 -5.97 4.69 10.44
CA ILE D 228 -6.41 4.93 11.82
C ILE D 228 -6.10 6.36 12.23
N CYS D 229 -4.89 6.83 11.93
CA CYS D 229 -4.52 8.23 12.18
C CYS D 229 -5.45 9.20 11.47
N ASP D 230 -5.69 8.93 10.19
CA ASP D 230 -6.53 9.80 9.36
C ASP D 230 -7.95 9.88 9.92
N LYS D 231 -8.46 8.74 10.35
CA LYS D 231 -9.81 8.67 10.93
C LYS D 231 -9.88 9.44 12.25
N MET D 232 -8.85 9.31 13.08
CA MET D 232 -8.81 10.06 14.34
C MET D 232 -8.74 11.56 14.10
N GLY D 233 -8.05 11.98 13.04
CA GLY D 233 -8.10 13.38 12.64
C GLY D 233 -9.49 13.83 12.24
N ALA D 234 -10.16 13.01 11.44
CA ALA D 234 -11.51 13.35 10.99
C ALA D 234 -12.51 13.41 12.15
N LEU D 235 -12.32 12.55 13.14
CA LEU D 235 -13.14 12.54 14.34
C LEU D 235 -12.71 13.61 15.34
N ARG D 236 -11.70 14.41 14.98
CA ARG D 236 -11.17 15.47 15.82
C ARG D 236 -10.78 14.96 17.20
N ILE D 237 -10.13 13.79 17.21
CA ILE D 237 -9.55 13.19 18.42
C ILE D 237 -8.05 12.90 18.19
N SER D 238 -7.39 13.73 17.41
CA SER D 238 -5.94 13.59 17.17
C SER D 238 -5.12 13.74 18.45
N ASP D 239 -5.69 14.36 19.48
CA ASP D 239 -5.03 14.42 20.78
C ASP D 239 -4.90 13.06 21.48
N ARG D 240 -5.62 12.06 20.98
CA ARG D 240 -5.52 10.69 21.47
C ARG D 240 -4.55 9.85 20.66
N ILE D 241 -3.93 10.45 19.63
CA ILE D 241 -2.77 9.83 19.02
C ILE D 241 -1.57 10.24 19.85
N GLU D 242 -0.97 9.28 20.54
CA GLU D 242 0.12 9.60 21.47
C GLU D 242 1.45 9.75 20.75
N ARG D 243 1.75 8.78 19.90
CA ARG D 243 3.10 8.62 19.35
C ARG D 243 3.03 7.88 18.03
N GLY D 244 3.71 8.39 17.02
CA GLY D 244 3.73 7.75 15.72
C GLY D 244 2.89 8.48 14.70
N PRO D 245 2.62 7.83 13.55
CA PRO D 245 3.11 6.51 13.17
C PRO D 245 4.60 6.53 12.85
N GLY D 246 5.21 5.35 12.93
CA GLY D 246 6.64 5.26 12.69
C GLY D 246 7.03 3.86 12.25
N ARG D 247 8.31 3.72 11.94
CA ARG D 247 8.98 2.44 11.82
C ARG D 247 9.76 2.22 13.08
N HIS D 248 9.58 1.05 13.70
CA HIS D 248 10.38 0.72 14.87
C HIS D 248 11.79 0.33 14.45
N GLY D 249 12.77 0.63 15.31
CA GLY D 249 14.08 -0.01 15.23
C GLY D 249 13.97 -1.45 15.72
N VAL D 250 13.90 -1.57 17.04
CA VAL D 250 13.57 -2.88 17.66
C VAL D 250 12.28 -3.41 16.98
N SER D 251 12.33 -4.63 16.47
CA SER D 251 11.21 -5.33 15.82
C SER D 251 11.05 -5.04 14.34
N ASN D 252 11.50 -3.88 13.87
CA ASN D 252 11.30 -3.48 12.49
C ASN D 252 9.86 -3.32 12.05
N ALA D 253 8.92 -3.30 13.00
CA ALA D 253 7.50 -3.17 12.65
C ALA D 253 7.11 -1.71 12.44
N PHE D 254 6.11 -1.50 11.59
CA PHE D 254 5.44 -0.21 11.47
C PHE D 254 4.44 -0.09 12.63
N TYR D 255 4.33 1.10 13.22
CA TYR D 255 3.61 1.23 14.50
C TYR D 255 2.89 2.54 14.69
N LEU D 256 1.99 2.51 15.68
CA LEU D 256 1.26 3.67 16.15
C LEU D 256 0.84 3.40 17.60
N TYR D 257 0.87 4.42 18.45
CA TYR D 257 0.29 4.32 19.80
C TYR D 257 -0.81 5.34 19.99
N ILE D 258 -1.95 4.85 20.47
CA ILE D 258 -3.12 5.68 20.71
C ILE D 258 -3.64 5.39 22.12
N LEU D 259 -4.52 6.26 22.62
CA LEU D 259 -4.97 6.18 23.99
C LEU D 259 -6.47 6.03 24.03
N ASP D 260 -6.94 5.03 24.77
CA ASP D 260 -8.39 4.80 24.93
C ASP D 260 -8.97 5.78 25.96
N PRO D 261 -10.30 5.75 26.18
CA PRO D 261 -10.91 6.76 27.05
C PRO D 261 -10.41 6.79 28.51
N ASP D 262 -9.87 5.67 29.00
CA ASP D 262 -9.27 5.60 30.33
C ASP D 262 -7.73 5.69 30.30
N ASN D 263 -7.20 6.15 29.18
N ASN D 263 -7.20 6.15 29.18
CA ASN D 263 -5.77 6.28 28.93
CA ASN D 263 -5.77 6.27 28.91
C ASN D 263 -5.01 4.96 28.82
C ASN D 263 -5.02 4.95 28.90
N HIS D 264 -5.73 3.84 28.65
CA HIS D 264 -5.04 2.60 28.31
C HIS D 264 -4.43 2.78 26.92
N ARG D 265 -3.16 2.40 26.79
CA ARG D 265 -2.42 2.56 25.55
C ARG D 265 -2.56 1.33 24.66
N ILE D 266 -2.93 1.57 23.41
CA ILE D 266 -3.07 0.52 22.41
C ILE D 266 -2.04 0.80 21.31
N GLU D 267 -1.26 -0.21 20.97
CA GLU D 267 -0.34 -0.12 19.83
C GLU D 267 -1.00 -0.81 18.66
N ILE D 268 -0.86 -0.20 17.48
CA ILE D 268 -1.17 -0.86 16.24
C ILE D 268 0.15 -1.11 15.50
N TYR D 269 0.30 -2.29 14.93
CA TYR D 269 1.61 -2.85 14.62
C TYR D 269 1.52 -3.68 13.33
N THR D 270 2.56 -3.67 12.51
CA THR D 270 2.58 -4.61 11.39
C THR D 270 4.00 -4.89 10.91
N GLN D 271 4.20 -6.12 10.42
CA GLN D 271 5.38 -6.49 9.63
C GLN D 271 6.69 -6.52 10.40
N ASP D 272 6.65 -7.09 11.60
CA ASP D 272 7.87 -7.69 12.18
C ASP D 272 8.28 -9.00 11.49
N TYR D 273 9.29 -9.69 12.04
CA TYR D 273 9.96 -10.76 11.32
C TYR D 273 9.83 -12.09 12.12
N TYR D 274 10.21 -13.18 11.47
CA TYR D 274 10.09 -14.54 12.04
C TYR D 274 11.22 -14.84 13.04
N THR D 275 10.83 -15.29 14.24
CA THR D 275 11.75 -15.55 15.32
C THR D 275 11.73 -17.01 15.81
N GLY D 276 11.01 -17.88 15.09
CA GLY D 276 10.71 -19.23 15.61
C GLY D 276 11.89 -20.20 15.65
N ASP D 277 13.00 -19.90 14.97
CA ASP D 277 14.15 -20.81 15.07
C ASP D 277 14.78 -20.65 16.46
N PRO D 278 15.27 -21.75 17.04
CA PRO D 278 15.74 -21.64 18.43
C PRO D 278 17.05 -20.86 18.62
N ASP D 279 17.84 -20.75 17.55
CA ASP D 279 19.03 -19.91 17.53
C ASP D 279 18.83 -18.60 16.79
N ASN D 280 17.58 -18.14 16.75
CA ASN D 280 17.25 -16.83 16.23
C ASN D 280 18.22 -15.81 16.78
N PRO D 281 18.88 -15.04 15.91
CA PRO D 281 19.88 -14.08 16.40
C PRO D 281 19.24 -12.95 17.23
N THR D 282 19.78 -12.72 18.42
CA THR D 282 19.29 -11.66 19.27
C THR D 282 19.92 -10.35 18.78
N ILE D 283 19.23 -9.27 19.05
CA ILE D 283 19.70 -7.95 18.67
C ILE D 283 19.66 -7.06 19.92
N THR D 284 20.80 -6.46 20.25
CA THR D 284 20.89 -5.55 21.35
C THR D 284 21.24 -4.16 20.82
N TRP D 285 20.42 -3.19 21.18
CA TRP D 285 20.63 -1.82 20.81
C TRP D 285 21.18 -1.01 21.97
N ASN D 286 21.99 -0.02 21.64
CA ASN D 286 22.44 0.95 22.62
C ASN D 286 21.34 1.96 22.91
N VAL D 287 21.15 2.28 24.19
CA VAL D 287 20.07 3.18 24.61
C VAL D 287 20.20 4.59 24.00
N HIS D 288 21.42 4.99 23.63
CA HIS D 288 21.65 6.30 23.06
C HIS D 288 21.50 6.35 21.54
N ASP D 289 21.23 5.19 20.94
CA ASP D 289 20.99 5.11 19.49
C ASP D 289 19.60 5.68 19.18
N ASN D 290 19.58 6.83 18.53
CA ASN D 290 18.31 7.52 18.23
C ASN D 290 17.46 6.82 17.15
N GLN D 291 17.96 5.71 16.57
CA GLN D 291 17.12 4.90 15.66
C GLN D 291 16.58 3.62 16.30
N ARG D 292 16.80 3.43 17.60
CA ARG D 292 16.45 2.16 18.23
C ARG D 292 14.94 2.00 18.45
N ARG D 293 14.25 3.10 18.68
CA ARG D 293 12.81 3.04 18.97
C ARG D 293 12.06 3.46 17.69
N ASP D 294 12.21 4.70 17.30
CA ASP D 294 11.79 5.14 15.97
C ASP D 294 13.01 5.16 15.06
N TRP D 295 12.98 4.29 14.06
CA TRP D 295 14.06 4.10 13.11
C TRP D 295 14.39 5.37 12.32
N TRP D 296 13.40 6.23 12.16
CA TRP D 296 13.55 7.49 11.42
C TRP D 296 14.06 8.62 12.32
N GLY D 297 14.28 8.31 13.59
CA GLY D 297 14.86 9.27 14.51
C GLY D 297 13.85 10.23 15.10
N ASN D 298 12.55 10.03 14.84
CA ASN D 298 11.57 10.89 15.48
C ASN D 298 11.58 10.75 17.00
N PRO D 299 11.33 11.86 17.70
CA PRO D 299 11.47 11.86 19.14
C PRO D 299 10.40 11.02 19.81
N VAL D 300 10.79 10.38 20.90
CA VAL D 300 9.84 9.60 21.70
C VAL D 300 9.18 10.51 22.70
N VAL D 301 7.87 10.61 22.61
CA VAL D 301 7.11 11.54 23.43
C VAL D 301 7.25 11.12 24.91
N PRO D 302 7.41 12.09 25.81
CA PRO D 302 7.76 11.77 27.21
C PRO D 302 6.72 10.91 27.93
N SER D 303 5.45 11.14 27.64
CA SER D 303 4.39 10.30 28.19
C SER D 303 4.55 8.81 27.90
N TRP D 304 5.22 8.48 26.79
CA TRP D 304 5.48 7.09 26.46
C TRP D 304 6.35 6.43 27.54
N TYR D 305 7.27 7.21 28.08
CA TYR D 305 8.15 6.71 29.13
C TYR D 305 7.57 6.79 30.53
N THR D 306 6.60 7.69 30.75
CA THR D 306 6.14 7.95 32.11
C THR D 306 4.78 7.36 32.45
N GLU D 307 3.90 7.21 31.46
CA GLU D 307 2.52 6.83 31.71
C GLU D 307 2.27 5.37 31.34
N ALA D 308 1.50 4.68 32.17
CA ALA D 308 1.10 3.29 31.91
C ALA D 308 -0.06 2.97 32.85
N SER D 309 -0.75 1.87 32.58
CA SER D 309 -1.96 1.52 33.29
C SER D 309 -1.67 0.78 34.59
N LYS D 310 -2.49 1.05 35.60
CA LYS D 310 -2.52 0.24 36.81
C LYS D 310 -2.83 -1.22 36.48
N VAL D 311 -2.41 -2.14 37.35
CA VAL D 311 -2.83 -3.53 37.26
C VAL D 311 -3.45 -3.96 38.58
N LEU D 312 -4.34 -4.94 38.51
CA LEU D 312 -5.03 -5.43 39.70
C LEU D 312 -4.45 -6.72 40.22
N ASP D 313 -4.62 -6.93 41.53
CA ASP D 313 -4.45 -8.27 42.11
C ASP D 313 -5.74 -9.11 41.94
N LEU D 314 -5.75 -10.33 42.48
CA LEU D 314 -6.86 -11.26 42.23
C LEU D 314 -8.13 -10.86 42.98
N ASP D 315 -8.01 -9.95 43.97
CA ASP D 315 -9.19 -9.38 44.64
C ASP D 315 -9.74 -8.15 43.94
N GLY D 316 -9.08 -7.69 42.89
CA GLY D 316 -9.54 -6.54 42.15
C GLY D 316 -8.98 -5.23 42.68
N ASN D 317 -8.03 -5.32 43.62
CA ASN D 317 -7.41 -4.12 44.15
C ASN D 317 -6.14 -3.78 43.37
N VAL D 318 -5.87 -2.48 43.26
CA VAL D 318 -4.68 -2.01 42.52
C VAL D 318 -3.40 -2.49 43.21
N GLN D 319 -2.48 -3.00 42.40
CA GLN D 319 -1.15 -3.38 42.88
C GLN D 319 -0.31 -2.17 43.21
N GLU D 320 0.36 -2.23 44.35
CA GLU D 320 1.30 -1.19 44.76
C GLU D 320 2.44 -1.12 43.75
N ILE D 321 2.90 0.11 43.49
CA ILE D 321 3.99 0.39 42.56
C ILE D 321 5.34 0.33 43.31
N ILE D 322 6.32 -0.32 42.69
N ILE D 322 6.31 -0.36 42.73
CA ILE D 322 7.70 -0.29 43.17
CA ILE D 322 7.70 -0.30 43.16
C ILE D 322 8.58 0.51 42.21
C ILE D 322 8.50 0.58 42.20
N GLU D 323 9.36 1.43 42.77
CA GLU D 323 10.13 2.38 41.98
C GLU D 323 11.36 1.73 41.36
N ARG D 324 11.61 2.06 40.11
CA ARG D 324 12.84 1.70 39.45
C ARG D 324 14.01 2.48 40.03
N THR D 325 15.08 1.76 40.33
CA THR D 325 16.35 2.34 40.79
C THR D 325 17.45 2.37 39.74
N ASP D 326 17.40 1.49 38.73
CA ASP D 326 18.31 1.60 37.58
C ASP D 326 18.01 2.91 36.80
N ASP D 327 18.92 3.29 35.91
CA ASP D 327 18.79 4.51 35.13
C ASP D 327 17.52 4.53 34.30
N SER D 328 17.06 5.76 34.08
CA SER D 328 15.81 6.00 33.34
C SER D 328 16.10 6.27 31.86
N GLU D 329 15.48 5.51 30.96
CA GLU D 329 15.65 5.75 29.52
C GLU D 329 15.29 7.19 29.06
N LEU D 330 14.19 7.73 29.56
CA LEU D 330 13.86 9.12 29.31
C LEU D 330 15.03 10.04 29.68
N GLU D 331 15.52 9.91 30.90
CA GLU D 331 16.51 10.87 31.39
C GLU D 331 17.82 10.77 30.59
N VAL D 332 18.25 9.54 30.28
CA VAL D 332 19.56 9.37 29.64
C VAL D 332 19.52 9.69 28.14
N THR D 333 18.33 9.84 27.56
CA THR D 333 18.24 10.13 26.12
C THR D 333 17.70 11.51 25.76
N ILE D 334 16.65 11.96 26.44
CA ILE D 334 15.96 13.20 26.04
C ILE D 334 15.80 14.25 27.15
N GLY D 335 16.21 13.89 28.37
CA GLY D 335 16.24 14.84 29.49
C GLY D 335 17.33 15.88 29.36
N ALA D 336 17.40 16.80 30.31
CA ALA D 336 18.37 17.90 30.24
C ALA D 336 19.83 17.40 30.22
N ASP D 337 20.09 16.23 30.82
CA ASP D 337 21.42 15.59 30.77
C ASP D 337 21.51 14.40 29.82
N GLY D 338 20.50 14.25 28.98
CA GLY D 338 20.38 13.09 28.11
C GLY D 338 21.17 13.33 26.84
N PHE D 339 21.44 12.26 26.10
CA PHE D 339 21.89 12.42 24.73
C PHE D 339 21.51 11.23 23.88
N SER D 340 21.46 11.47 22.58
CA SER D 340 21.33 10.40 21.61
C SER D 340 22.13 10.74 20.35
N PHE D 341 22.39 9.72 19.56
CA PHE D 341 23.16 9.87 18.32
C PHE D 341 22.42 9.26 17.14
N THR D 342 22.77 9.72 15.95
CA THR D 342 22.33 9.09 14.70
C THR D 342 23.36 8.06 14.26
N ARG D 343 24.63 8.45 14.29
CA ARG D 343 25.76 7.57 13.97
C ARG D 343 26.63 7.53 15.20
N ALA D 344 26.92 6.31 15.68
CA ALA D 344 27.72 6.16 16.89
C ALA D 344 29.07 6.88 16.71
N GLY D 345 29.43 7.70 17.70
CA GLY D 345 30.68 8.44 17.65
C GLY D 345 30.67 9.77 16.90
N ASP D 346 29.56 10.09 16.22
CA ASP D 346 29.46 11.32 15.42
C ASP D 346 28.67 12.41 16.17
N GLU D 347 29.27 13.58 16.36
CA GLU D 347 28.53 14.71 16.95
C GLU D 347 27.49 15.26 16.00
N ASP D 348 27.75 15.19 14.70
CA ASP D 348 26.74 15.60 13.72
C ASP D 348 25.57 14.62 13.81
N GLY D 349 24.36 15.16 13.96
CA GLY D 349 23.16 14.36 14.12
C GLY D 349 23.04 13.76 15.51
N SER D 350 23.76 14.33 16.46
N SER D 350 23.79 14.31 16.46
CA SER D 350 23.57 14.01 17.86
CA SER D 350 23.58 14.01 17.86
C SER D 350 22.83 15.12 18.60
C SER D 350 22.75 15.09 18.54
N TYR D 351 22.17 14.71 19.68
CA TYR D 351 21.24 15.56 20.44
C TYR D 351 21.67 15.52 21.88
N HIS D 352 21.85 16.69 22.47
CA HIS D 352 22.27 16.78 23.86
C HIS D 352 21.31 17.65 24.66
N GLY D 353 20.77 17.08 25.72
CA GLY D 353 19.85 17.80 26.60
C GLY D 353 18.49 18.11 26.01
N GLN D 354 18.18 17.43 24.91
CA GLN D 354 16.89 17.58 24.27
C GLN D 354 16.66 16.40 23.36
N ALA D 355 15.47 16.34 22.81
CA ALA D 355 15.12 15.30 21.88
C ALA D 355 15.59 15.64 20.48
N SER D 356 15.42 14.68 19.58
CA SER D 356 15.70 14.90 18.18
C SER D 356 14.74 15.93 17.57
N LYS D 357 15.13 16.44 16.40
CA LYS D 357 14.25 17.21 15.51
C LYS D 357 13.88 18.58 16.09
N GLY D 358 14.56 19.03 17.14
CA GLY D 358 14.50 20.42 17.59
C GLY D 358 13.60 20.68 18.79
N PHE D 359 13.15 19.62 19.43
CA PHE D 359 12.26 19.72 20.59
C PHE D 359 13.00 19.43 21.89
N LYS D 360 12.57 20.08 22.97
CA LYS D 360 12.89 19.64 24.31
C LYS D 360 11.61 19.21 25.05
N LEU D 361 11.78 18.68 26.26
CA LEU D 361 10.66 18.16 27.02
C LEU D 361 9.74 19.33 27.33
N GLY D 362 8.43 19.11 27.18
CA GLY D 362 7.43 20.11 27.57
C GLY D 362 7.13 20.08 29.06
FE FE2 E . -11.26 3.21 -19.24
O1 P6G F . -37.84 12.09 -17.96
C2 P6G F . -38.25 11.13 -16.99
C3 P6G F . -37.14 10.11 -16.79
O4 P6G F . -37.43 9.01 -17.65
C5 P6G F . -36.78 7.79 -17.33
C6 P6G F . -35.53 7.58 -18.17
O7 P6G F . -35.41 8.52 -19.23
C8 P6G F . -35.94 8.04 -20.47
C9 P6G F . -37.03 8.98 -20.98
O10 P6G F . -36.47 10.26 -21.21
C11 P6G F . -37.46 11.19 -21.59
C12 P6G F . -36.77 12.47 -22.01
O13 P6G F . -36.36 13.13 -20.82
C14 P6G F . -35.74 14.40 -21.07
C15 P6G F . -35.55 15.10 -19.74
O16 P6G F . -34.60 14.34 -19.00
C17 P6G F . -34.45 14.78 -17.65
C18 P6G F . -33.30 13.99 -17.03
O19 P6G F . -33.68 12.63 -16.72
CL CL G . -7.83 -2.14 -21.89
FE FE2 H . 4.73 21.75 -0.02
CA CA I . -6.61 35.90 17.41
O1 P6G J . 27.91 31.19 -14.96
C2 P6G J . 27.26 30.03 -14.41
C3 P6G J . 27.74 29.86 -12.99
O4 P6G J . 26.89 29.06 -12.18
C5 P6G J . 27.39 28.94 -10.84
C6 P6G J . 26.25 29.12 -9.85
O7 P6G J . 25.56 30.31 -10.17
C8 P6G J . 25.92 31.45 -9.38
C9 P6G J . 26.59 32.47 -10.28
O10 P6G J . 25.66 32.91 -11.24
C11 P6G J . 26.24 33.77 -12.22
C12 P6G J . 25.15 34.26 -13.18
O13 P6G J . 24.80 33.18 -14.06
C14 P6G J . 23.78 33.50 -15.01
C15 P6G J . 23.64 32.40 -16.06
O16 P6G J . 23.23 31.20 -15.40
C17 P6G J . 23.24 30.06 -16.25
C18 P6G J . 22.52 28.93 -15.52
O19 P6G J . 23.29 28.55 -14.36
O1 P6G K . -11.50 33.38 7.05
C2 P6G K . -10.42 33.67 7.96
C3 P6G K . -10.86 34.54 9.14
O4 P6G K . -11.74 33.80 9.99
C5 P6G K . -12.21 34.47 11.13
C6 P6G K . -13.19 33.58 11.90
O7 P6G K . -12.54 32.39 12.40
C8 P6G K . -13.46 31.34 12.72
C9 P6G K . -12.72 30.09 13.20
O10 P6G K . -12.34 30.22 14.57
C11 P6G K . -11.71 29.04 15.12
C12 P6G K . -11.69 29.11 16.65
O13 P6G K . -13.00 28.91 17.18
C14 P6G K . -13.06 28.88 18.60
C15 P6G K . -14.51 28.90 19.06
O16 P6G K . -15.11 27.64 18.80
C17 P6G K . -16.49 27.62 19.10
C18 P6G K . -17.07 26.28 18.69
O19 P6G K . -17.26 26.25 17.28
CL CL L . 2.50 21.91 6.49
FE FE2 M . 1.32 -22.22 -2.73
O1 P6G N . 27.66 -34.21 -7.81
C2 P6G N . 26.89 -33.00 -7.69
C3 P6G N . 25.96 -33.00 -8.89
O4 P6G N . 25.28 -31.78 -9.13
C5 P6G N . 24.72 -31.73 -10.44
C6 P6G N . 23.20 -31.62 -10.39
O7 P6G N . 22.62 -32.73 -9.70
C8 P6G N . 22.23 -33.81 -10.52
C9 P6G N . 23.20 -34.95 -10.30
O10 P6G N . 23.13 -35.36 -8.94
C11 P6G N . 24.12 -36.34 -8.68
C12 P6G N . 24.16 -36.78 -7.23
O13 P6G N . 24.58 -35.71 -6.39
C14 P6G N . 24.43 -36.03 -5.00
C15 P6G N . 25.14 -34.99 -4.17
O16 P6G N . 24.49 -33.74 -4.42
C17 P6G N . 25.12 -32.67 -3.71
C18 P6G N . 24.23 -31.45 -3.83
O19 P6G N . 24.00 -31.08 -5.20
C1 DHY O . -3.87 -22.20 -3.29
C2 DHY O . -2.68 -22.57 -3.95
C3 DHY O . -1.45 -22.35 -3.31
C4 DHY O . -1.40 -21.73 -2.03
C5 DHY O . -2.58 -21.48 -1.32
C6 DHY O . -3.82 -21.63 -1.97
C7 DHY O . -5.20 -22.42 -4.01
C8 DHY O . -5.11 -21.89 -5.46
O1 DHY O . -5.37 -20.69 -5.70
O2 DHY O . -4.77 -22.67 -6.32
O3 DHY O . -0.29 -22.57 -3.95
O4 DHY O . -0.16 -21.59 -1.47
FE FE2 P . 4.78 -3.01 21.45
O1 P6G Q . -16.60 -9.05 40.81
C2 P6G Q . -16.39 -9.25 39.41
C3 P6G Q . -16.79 -7.99 38.64
O4 P6G Q . -15.85 -6.96 38.90
C5 P6G Q . -15.51 -6.20 37.76
C6 P6G Q . -14.52 -5.08 38.09
O7 P6G Q . -13.19 -5.59 38.29
C8 P6G Q . -12.57 -5.07 39.47
C9 P6G Q . -13.07 -5.84 40.69
O10 P6G Q . -12.52 -7.16 40.72
C11 P6G Q . -13.08 -7.97 41.76
C12 P6G Q . -12.51 -9.38 41.69
O13 P6G Q . -13.07 -10.05 40.57
C14 P6G Q . -12.55 -11.37 40.41
C15 P6G Q . -13.36 -12.11 39.36
O16 P6G Q . -13.03 -11.53 38.11
C17 P6G Q . -13.93 -11.95 37.09
C18 P6G Q . -13.47 -11.35 35.77
O19 P6G Q . -13.76 -9.96 35.76
C1 DHY R . 9.41 -0.77 20.33
C2 DHY R . 8.26 -0.63 21.16
C3 DHY R . 7.22 -1.55 21.03
C4 DHY R . 7.34 -2.67 20.18
C5 DHY R . 8.48 -2.81 19.36
C6 DHY R . 9.51 -1.84 19.43
C7 DHY R . 10.51 0.27 20.38
C8 DHY R . 9.85 1.66 20.29
O1 DHY R . 9.66 2.20 19.18
O2 DHY R . 9.58 2.18 21.31
O3 DHY R . 6.04 -1.41 21.68
O4 DHY R . 6.22 -3.50 20.06
#